data_4NMB
#
_entry.id   4NMB
#
_cell.length_a   95.648
_cell.length_b   152.063
_cell.length_c   175.133
_cell.angle_alpha   90.000
_cell.angle_beta   90.000
_cell.angle_gamma   90.000
#
_symmetry.space_group_name_H-M   'P 21 21 21'
#
loop_
_entity.id
_entity.type
_entity.pdbx_description
1 polymer 'Proline dehydrogenase and Delta-1-pyrroline-5-carboxylate dehydrogenase'
2 non-polymer 'FLAVIN-ADENINE DINUCLEOTIDE'
3 non-polymer '(2S)-2-HYDROXYPROPANOIC ACID'
4 non-polymer '2-(N-MORPHOLINO)-ETHANESULFONIC ACID'
5 water water
#
_entity_poly.entity_id   1
_entity_poly.type   'polypeptide(L)'
_entity_poly.pdbx_seq_one_letter_code
;SMLNSELNTKIVNRGKEFFGSISGEKPSLFNKGAWMGKAMDWSMQNEQFKIQMFRFVDVFPSLTTSKLLTEHIREYFGNE
QDMPAFMSTGAKVAGMLGSFGGAVLNKVLTSNIEEMARQFIVGETTKEAVKNLEKLRKDGFAAVVDVLGEATLSEEEAEV
YTNTYLELLEALKKEQGSWKGLPGKGGDPGLDWGHAPKVNIAVKPTALFCLANPQDFEGSVVAILDRMRRIFKKVMELNG
FLCIDMESYRHKEIILEVFRRLKLEYRDYPHLGIVLQAYLKDNDKDLDDLLAWAKEHKVQISVRLVKGAYWDYETVKAKQ
NDWEVPVWTIKAESDAAYERQARKILENHQICHFACASHNIRTISAVMEMARELNVPEDRYEFQVLYGMAEPVRKGILKV
AGRIRLYAPYGNMVPGMGYLVRRLLENTANESFLRQSFAEDAQIERLLEDPAVTVERERAARAAKPKKERKGLGGLPPFN
NEAMVDFTRADHRAAFPKHIAQVRTQLGKTYPLFINGKEVRTNDLIPTVNPNKPSEVLGQICQAGTTEVGDAIAAAKAAF
PAWRDTDPRTRAEYLLKAAQAARKRLFELSAWQVLEIGKQWDQAYADVTEAIDFLEYYAREMIRLGQPQRVGHAPGELNH
YFYEPKGVAAVIAPWNFPLAISMGMASAAIVTGNCVVFKPSGITSIIGWHLVELFREAGLPEGVFNFTPGRGSVMGDYLV
DHPDISLIAFTGSMETGLRIIERAAKVHPGQANVKKIISEMGGKNAIIIDDDADLDEAVPHVLYSAFGFQGQKCSACSRV
IVLDAVYDKFIERLVSMAKATKVGPSEDPANYMGAVADDKAMKSIKEYAEIGKREGHVLYESPVPAGEGYFVPMTIIGGI
KPEHRIAQEEIFGPVLAVMRAKDFDQAIEWANSTQFALTGGIFSRSPEHLAKARREFRVGNLYINRNNTGALVERQPFGG
ARMSGVGTKAGGPDYLLHFMDPRVVTENTMRRGFAPIEEDDDWVD
;
_entity_poly.pdbx_strand_id   A,B
#
# COMPACT_ATOMS: atom_id res chain seq x y z
N ASN A 4 55.00 -3.37 -20.51
CA ASN A 4 56.22 -3.25 -19.72
C ASN A 4 56.42 -1.86 -19.10
N SER A 5 57.10 -1.83 -17.96
CA SER A 5 57.37 -0.59 -17.25
C SER A 5 58.38 0.28 -18.00
N GLU A 6 59.08 -0.31 -18.96
CA GLU A 6 60.05 0.43 -19.78
C GLU A 6 59.34 1.25 -20.85
N LEU A 7 58.37 0.63 -21.53
CA LEU A 7 57.56 1.33 -22.53
C LEU A 7 56.75 2.42 -21.85
N ASN A 8 56.19 2.08 -20.69
CA ASN A 8 55.38 3.01 -19.91
C ASN A 8 56.13 4.29 -19.57
N THR A 9 57.36 4.13 -19.09
CA THR A 9 58.20 5.27 -18.75
C THR A 9 58.38 6.17 -19.97
N LYS A 10 58.66 5.57 -21.12
CA LYS A 10 58.85 6.34 -22.34
C LYS A 10 57.56 7.06 -22.74
N ILE A 11 56.42 6.44 -22.46
CA ILE A 11 55.11 7.04 -22.75
C ILE A 11 54.79 8.23 -21.84
N VAL A 12 54.97 8.03 -20.53
CA VAL A 12 54.74 9.09 -19.54
C VAL A 12 55.64 10.29 -19.83
N ASN A 13 56.92 10.01 -20.10
CA ASN A 13 57.89 11.08 -20.38
C ASN A 13 57.55 11.86 -21.65
N ARG A 14 56.97 11.17 -22.62
CA ARG A 14 56.51 11.80 -23.86
C ARG A 14 55.24 12.62 -23.63
N GLY A 15 54.33 12.09 -22.82
CA GLY A 15 53.16 12.84 -22.40
C GLY A 15 53.56 14.10 -21.66
N LYS A 16 54.56 13.98 -20.79
CA LYS A 16 55.06 15.10 -20.00
C LYS A 16 55.68 16.19 -20.88
N GLU A 17 56.37 15.78 -21.93
CA GLU A 17 56.90 16.75 -22.89
C GLU A 17 55.78 17.38 -23.70
N PHE A 18 54.73 16.59 -23.96
CA PHE A 18 53.58 17.06 -24.72
C PHE A 18 52.85 18.15 -23.94
N PHE A 19 52.77 17.96 -22.63
CA PHE A 19 52.13 18.91 -21.73
C PHE A 19 52.95 20.19 -21.55
N GLY A 20 54.27 20.03 -21.42
CA GLY A 20 55.15 21.16 -21.24
C GLY A 20 55.21 22.06 -22.46
N SER A 21 55.05 21.45 -23.63
CA SER A 21 55.10 22.18 -24.90
C SER A 21 53.75 22.84 -25.17
N ILE A 22 52.81 22.62 -24.27
CA ILE A 22 51.45 23.08 -24.43
C ILE A 22 51.13 24.09 -23.33
N SER A 23 52.02 24.14 -22.33
CA SER A 23 51.91 24.98 -21.13
C SER A 23 51.07 26.24 -21.25
N GLY A 24 49.91 26.25 -20.58
CA GLY A 24 49.06 27.42 -20.55
C GLY A 24 47.97 27.46 -21.61
N GLU A 25 48.30 27.02 -22.82
CA GLU A 25 47.34 27.03 -23.93
C GLU A 25 46.14 26.12 -23.64
N LYS A 26 44.95 26.73 -23.55
CA LYS A 26 43.72 25.98 -23.28
C LYS A 26 42.85 25.91 -24.54
N PRO A 27 42.06 24.83 -24.66
CA PRO A 27 41.06 24.73 -25.72
C PRO A 27 39.99 25.80 -25.56
N SER A 28 39.37 26.21 -26.67
CA SER A 28 38.41 27.31 -26.69
C SER A 28 37.28 27.09 -25.71
N LEU A 29 36.80 25.85 -25.69
CA LEU A 29 35.69 25.44 -24.84
C LEU A 29 35.95 25.66 -23.34
N PHE A 30 37.22 25.78 -22.96
CA PHE A 30 37.59 25.99 -21.56
C PHE A 30 38.12 27.39 -21.29
N ASN A 31 37.91 28.29 -22.24
CA ASN A 31 38.29 29.69 -22.08
C ASN A 31 37.17 30.48 -21.44
N LYS A 32 37.32 30.79 -20.15
CA LYS A 32 36.26 31.44 -19.39
C LYS A 32 36.20 32.95 -19.64
N GLY A 33 36.89 33.40 -20.67
CA GLY A 33 36.88 34.79 -21.07
C GLY A 33 35.97 35.00 -22.27
N ALA A 34 35.45 33.89 -22.80
CA ALA A 34 34.44 33.95 -23.84
C ALA A 34 33.14 33.41 -23.26
N TRP A 35 32.02 33.67 -23.95
CA TRP A 35 30.71 33.25 -23.45
C TRP A 35 30.63 31.73 -23.28
N MET A 36 31.12 31.00 -24.30
CA MET A 36 31.02 29.55 -24.34
C MET A 36 31.71 28.90 -23.14
N GLY A 37 32.94 29.33 -22.85
CA GLY A 37 33.69 28.81 -21.73
C GLY A 37 33.00 29.07 -20.40
N LYS A 38 32.36 30.23 -20.29
CA LYS A 38 31.60 30.57 -19.09
C LYS A 38 30.38 29.65 -18.96
N ALA A 39 29.70 29.41 -20.06
CA ALA A 39 28.52 28.56 -20.06
C ALA A 39 28.88 27.11 -19.73
N MET A 40 29.94 26.61 -20.37
CA MET A 40 30.38 25.25 -20.10
C MET A 40 30.87 25.11 -18.66
N ASP A 41 31.60 26.11 -18.19
CA ASP A 41 32.11 26.11 -16.82
C ASP A 41 30.98 25.97 -15.79
N TRP A 42 29.95 26.79 -15.93
CA TRP A 42 28.85 26.74 -14.98
C TRP A 42 28.10 25.41 -15.08
N SER A 43 28.11 24.81 -16.28
CA SER A 43 27.46 23.53 -16.49
C SER A 43 28.24 22.42 -15.81
N MET A 44 29.55 22.60 -15.73
CA MET A 44 30.40 21.60 -15.08
C MET A 44 30.32 21.75 -13.57
N GLN A 45 29.95 22.94 -13.10
CA GLN A 45 29.85 23.22 -11.66
C GLN A 45 28.44 22.99 -11.12
N ASN A 46 27.44 23.11 -11.97
CA ASN A 46 26.05 22.96 -11.55
C ASN A 46 25.32 21.98 -12.47
N GLU A 47 25.05 20.78 -11.97
CA GLU A 47 24.45 19.73 -12.80
C GLU A 47 23.04 20.10 -13.25
N GLN A 48 22.26 20.69 -12.35
CA GLN A 48 20.92 21.16 -12.72
C GLN A 48 21.01 22.14 -13.90
N PHE A 49 22.01 23.03 -13.88
CA PHE A 49 22.18 23.97 -14.99
C PHE A 49 22.66 23.31 -16.28
N LYS A 50 23.56 22.34 -16.18
CA LYS A 50 23.98 21.59 -17.36
C LYS A 50 22.78 20.98 -18.09
N ILE A 51 21.84 20.43 -17.32
CA ILE A 51 20.69 19.76 -17.89
C ILE A 51 19.80 20.74 -18.66
N GLN A 52 19.56 21.91 -18.09
CA GLN A 52 18.81 22.97 -18.77
C GLN A 52 19.52 23.50 -20.01
N MET A 53 20.80 23.84 -19.88
CA MET A 53 21.53 24.39 -21.01
C MET A 53 21.56 23.41 -22.17
N PHE A 54 21.90 22.16 -21.89
CA PHE A 54 22.04 21.17 -22.95
C PHE A 54 20.71 20.88 -23.63
N ARG A 55 19.66 20.78 -22.83
CA ARG A 55 18.33 20.61 -23.39
C ARG A 55 17.90 21.84 -24.21
N PHE A 56 18.27 23.04 -23.76
CA PHE A 56 17.93 24.28 -24.49
C PHE A 56 18.60 24.30 -25.86
N VAL A 57 19.88 23.93 -25.89
CA VAL A 57 20.62 23.82 -27.14
C VAL A 57 19.91 22.87 -28.11
N ASP A 58 19.59 21.67 -27.64
CA ASP A 58 18.85 20.72 -28.47
C ASP A 58 17.57 21.30 -29.09
N VAL A 59 16.73 21.94 -28.29
CA VAL A 59 15.45 22.48 -28.80
C VAL A 59 15.63 23.78 -29.61
N PHE A 60 16.76 24.46 -29.38
CA PHE A 60 16.95 25.81 -29.90
C PHE A 60 16.57 26.01 -31.38
N PRO A 61 17.06 25.15 -32.30
CA PRO A 61 16.77 25.44 -33.71
C PRO A 61 15.29 25.31 -34.08
N SER A 62 14.48 24.68 -33.23
CA SER A 62 13.05 24.61 -33.51
C SER A 62 12.30 25.83 -32.96
N LEU A 63 13.01 26.72 -32.28
CA LEU A 63 12.39 27.91 -31.71
C LEU A 63 12.33 29.05 -32.74
N THR A 64 11.45 28.88 -33.73
CA THR A 64 11.49 29.69 -34.96
C THR A 64 10.69 31.00 -34.91
N THR A 65 9.77 31.14 -33.96
CA THR A 65 9.02 32.40 -33.77
C THR A 65 9.52 33.10 -32.51
N SER A 66 9.18 34.38 -32.39
CA SER A 66 9.62 35.15 -31.23
C SER A 66 8.92 34.67 -29.97
N LYS A 67 7.70 34.15 -30.12
CA LYS A 67 6.99 33.59 -28.98
C LYS A 67 7.71 32.33 -28.46
N LEU A 68 7.96 31.37 -29.35
CA LEU A 68 8.61 30.12 -28.96
C LEU A 68 9.93 30.37 -28.23
N LEU A 69 10.73 31.31 -28.76
CA LEU A 69 12.04 31.57 -28.18
C LEU A 69 11.91 32.17 -26.77
N THR A 70 11.22 33.30 -26.69
CA THR A 70 11.00 33.99 -25.40
C THR A 70 10.45 33.08 -24.29
N GLU A 71 9.44 32.28 -24.61
CA GLU A 71 8.85 31.41 -23.60
C GLU A 71 9.79 30.28 -23.19
N HIS A 72 10.53 29.73 -24.15
CA HIS A 72 11.41 28.61 -23.84
C HIS A 72 12.59 29.08 -23.00
N ILE A 73 13.11 30.26 -23.32
CA ILE A 73 14.18 30.85 -22.54
C ILE A 73 13.77 30.93 -21.06
N ARG A 74 12.64 31.57 -20.79
CA ARG A 74 12.13 31.65 -19.42
C ARG A 74 11.88 30.27 -18.79
N GLU A 75 11.31 29.33 -19.54
CA GLU A 75 11.05 27.98 -19.01
C GLU A 75 12.32 27.18 -18.72
N TYR A 76 13.42 27.50 -19.41
CA TYR A 76 14.67 26.78 -19.17
C TYR A 76 15.62 27.53 -18.20
N PHE A 77 15.60 28.86 -18.25
CA PHE A 77 16.55 29.63 -17.45
C PHE A 77 15.92 30.53 -16.40
N GLY A 78 14.58 30.55 -16.33
CA GLY A 78 13.89 31.39 -15.38
C GLY A 78 13.83 32.85 -15.83
N ASN A 79 13.54 33.75 -14.88
CA ASN A 79 13.47 35.17 -15.20
C ASN A 79 14.85 35.80 -15.38
N GLU A 80 14.91 36.87 -16.17
CA GLU A 80 16.17 37.51 -16.54
C GLU A 80 16.94 38.07 -15.33
N GLN A 81 16.22 38.33 -14.24
CA GLN A 81 16.85 38.81 -13.02
C GLN A 81 17.38 37.65 -12.18
N ASP A 82 17.19 36.44 -12.69
CA ASP A 82 17.47 35.22 -11.91
C ASP A 82 18.52 34.32 -12.57
N MET A 83 18.78 34.57 -13.85
CA MET A 83 19.75 33.76 -14.60
C MET A 83 21.16 34.11 -14.12
N PRO A 84 22.14 33.23 -14.40
CA PRO A 84 23.55 33.57 -14.19
C PRO A 84 23.95 34.82 -14.97
N ALA A 85 24.95 35.55 -14.48
CA ALA A 85 25.30 36.85 -15.04
C ALA A 85 25.74 36.83 -16.52
N PHE A 86 26.43 35.77 -16.93
CA PHE A 86 26.89 35.66 -18.31
C PHE A 86 25.75 35.41 -19.31
N MET A 87 24.59 34.98 -18.80
CA MET A 87 23.42 34.75 -19.65
C MET A 87 22.68 36.05 -19.92
N ALA A 103 13.25 41.69 -29.36
CA ALA A 103 13.67 41.50 -27.97
C ALA A 103 15.16 41.17 -27.85
N VAL A 104 15.82 41.85 -26.91
CA VAL A 104 17.28 41.78 -26.73
C VAL A 104 17.77 40.43 -26.22
N LEU A 105 17.10 39.89 -25.22
CA LEU A 105 17.46 38.59 -24.65
C LEU A 105 17.51 37.52 -25.74
N ASN A 106 16.56 37.58 -26.67
CA ASN A 106 16.50 36.65 -27.79
C ASN A 106 17.72 36.75 -28.69
N LYS A 107 18.12 37.98 -29.03
CA LYS A 107 19.27 38.21 -29.90
C LYS A 107 20.61 37.80 -29.25
N VAL A 108 20.75 38.09 -27.96
CA VAL A 108 21.97 37.76 -27.23
C VAL A 108 22.20 36.25 -27.19
N LEU A 109 21.17 35.52 -26.78
CA LEU A 109 21.28 34.08 -26.67
C LEU A 109 21.41 33.39 -28.02
N THR A 110 20.58 33.81 -28.97
CA THR A 110 20.61 33.24 -30.32
C THR A 110 22.01 33.28 -30.91
N SER A 111 22.61 34.46 -30.90
CA SER A 111 23.92 34.64 -31.50
C SER A 111 24.99 33.80 -30.79
N ASN A 112 24.92 33.71 -29.47
CA ASN A 112 25.90 32.93 -28.72
C ASN A 112 25.77 31.46 -29.00
N ILE A 113 24.53 30.99 -29.04
CA ILE A 113 24.29 29.58 -29.30
C ILE A 113 24.66 29.23 -30.73
N GLU A 114 24.30 30.11 -31.67
CA GLU A 114 24.73 29.92 -33.06
C GLU A 114 26.25 29.85 -33.21
N GLU A 115 26.97 30.73 -32.53
CA GLU A 115 28.43 30.69 -32.57
C GLU A 115 28.96 29.34 -32.05
N MET A 116 28.35 28.85 -30.98
CA MET A 116 28.75 27.59 -30.37
C MET A 116 28.57 26.40 -31.33
N ALA A 117 27.48 26.42 -32.09
CA ALA A 117 27.23 25.42 -33.11
C ALA A 117 28.31 25.40 -34.20
N ARG A 118 28.68 26.57 -34.70
CA ARG A 118 29.66 26.64 -35.79
C ARG A 118 31.11 26.41 -35.35
N GLN A 119 31.33 26.38 -34.04
CA GLN A 119 32.61 25.94 -33.48
C GLN A 119 33.03 24.60 -34.09
N PHE A 120 32.06 23.71 -34.26
CA PHE A 120 32.32 22.32 -34.62
C PHE A 120 32.05 21.96 -36.07
N ILE A 121 31.66 22.94 -36.88
CA ILE A 121 31.38 22.69 -38.30
C ILE A 121 32.24 23.56 -39.21
N VAL A 122 32.60 23.04 -40.37
CA VAL A 122 33.39 23.82 -41.34
C VAL A 122 32.48 24.55 -42.34
N GLY A 123 31.19 24.59 -42.05
CA GLY A 123 30.25 25.28 -42.92
C GLY A 123 28.86 24.69 -42.92
N GLU A 124 27.90 25.46 -43.44
CA GLU A 124 26.52 25.00 -43.53
C GLU A 124 26.27 24.30 -44.86
N THR A 125 27.06 24.67 -45.87
CA THR A 125 26.86 24.20 -47.23
C THR A 125 28.13 23.58 -47.81
N THR A 126 27.95 22.78 -48.87
CA THR A 126 29.08 22.16 -49.57
C THR A 126 30.12 23.17 -50.03
N LYS A 127 29.65 24.21 -50.71
CA LYS A 127 30.53 25.25 -51.26
C LYS A 127 31.29 25.96 -50.15
N GLU A 128 30.61 26.18 -49.02
CA GLU A 128 31.28 26.77 -47.87
C GLU A 128 32.32 25.81 -47.32
N ALA A 129 31.93 24.55 -47.11
CA ALA A 129 32.84 23.50 -46.64
C ALA A 129 34.15 23.42 -47.46
N VAL A 130 34.02 23.24 -48.77
CA VAL A 130 35.20 23.21 -49.66
C VAL A 130 36.16 24.38 -49.44
N LYS A 131 35.63 25.60 -49.41
CA LYS A 131 36.44 26.78 -49.14
C LYS A 131 37.20 26.64 -47.83
N ASN A 132 36.49 26.39 -46.74
CA ASN A 132 37.14 26.22 -45.45
C ASN A 132 38.10 25.02 -45.37
N LEU A 133 37.77 23.95 -46.07
CA LEU A 133 38.68 22.79 -46.17
C LEU A 133 39.99 23.18 -46.85
N GLU A 134 39.89 23.98 -47.90
CA GLU A 134 41.05 24.44 -48.67
C GLU A 134 41.89 25.41 -47.85
N LYS A 135 41.28 26.04 -46.86
CA LYS A 135 42.02 26.90 -45.94
C LYS A 135 42.79 26.08 -44.91
N LEU A 136 42.16 25.02 -44.40
CA LEU A 136 42.83 24.14 -43.42
C LEU A 136 44.12 23.51 -43.98
N ARG A 137 44.10 23.12 -45.25
CA ARG A 137 45.31 22.61 -45.91
C ARG A 137 46.44 23.64 -45.87
N LYS A 138 46.07 24.90 -46.03
CA LYS A 138 47.07 25.97 -46.03
C LYS A 138 47.66 26.13 -44.63
N ASP A 139 46.88 25.74 -43.62
CA ASP A 139 47.37 25.72 -42.25
C ASP A 139 48.05 24.39 -41.93
N GLY A 140 48.12 23.52 -42.94
CA GLY A 140 48.80 22.23 -42.83
C GLY A 140 47.95 21.04 -42.44
N PHE A 141 46.64 21.20 -42.45
CA PHE A 141 45.74 20.15 -41.96
C PHE A 141 45.06 19.34 -43.05
N ALA A 142 45.11 18.02 -42.92
CA ALA A 142 44.29 17.16 -43.73
C ALA A 142 42.89 17.15 -43.14
N ALA A 143 41.92 16.60 -43.87
CA ALA A 143 40.56 16.48 -43.36
C ALA A 143 39.92 15.16 -43.76
N VAL A 144 38.96 14.70 -42.97
CA VAL A 144 38.01 13.70 -43.43
C VAL A 144 36.66 14.40 -43.36
N VAL A 145 35.97 14.52 -44.49
CA VAL A 145 34.73 15.28 -44.56
C VAL A 145 33.49 14.43 -44.28
N ASP A 146 32.62 14.94 -43.41
CA ASP A 146 31.37 14.29 -43.08
C ASP A 146 30.19 15.21 -43.43
N VAL A 147 29.14 14.65 -44.01
CA VAL A 147 27.93 15.40 -44.26
C VAL A 147 27.03 15.20 -43.05
N LEU A 148 26.73 16.27 -42.32
CA LEU A 148 25.94 16.12 -41.08
C LEU A 148 24.58 15.44 -41.31
N GLY A 149 24.37 14.32 -40.61
CA GLY A 149 23.11 13.60 -40.66
C GLY A 149 23.20 12.17 -40.15
N GLU A 150 22.09 11.67 -39.62
CA GLU A 150 22.03 10.31 -39.09
C GLU A 150 20.58 9.91 -38.83
N ALA A 151 20.32 8.60 -38.80
CA ALA A 151 18.99 8.05 -38.58
C ALA A 151 17.95 8.69 -39.50
N THR A 152 18.21 8.59 -40.80
CA THR A 152 17.36 9.17 -41.85
C THR A 152 15.92 8.62 -41.75
N LEU A 153 14.95 9.37 -42.27
CA LEU A 153 13.55 8.99 -42.07
C LEU A 153 12.87 8.48 -43.33
N SER A 154 13.52 8.62 -44.48
CA SER A 154 12.87 8.21 -45.71
C SER A 154 13.89 7.88 -46.80
N GLU A 155 13.42 7.21 -47.85
CA GLU A 155 14.21 6.96 -49.04
C GLU A 155 14.63 8.27 -49.70
N GLU A 156 13.73 9.24 -49.74
CA GLU A 156 14.04 10.53 -50.38
C GLU A 156 15.12 11.25 -49.59
N GLU A 157 15.06 11.17 -48.26
CA GLU A 157 16.10 11.77 -47.41
C GLU A 157 17.45 11.09 -47.59
N ALA A 158 17.45 9.76 -47.69
CA ALA A 158 18.70 9.03 -47.91
C ALA A 158 19.31 9.42 -49.25
N GLU A 159 18.45 9.69 -50.24
CA GLU A 159 18.93 10.12 -51.56
C GLU A 159 19.58 11.51 -51.52
N VAL A 160 18.97 12.43 -50.79
CA VAL A 160 19.53 13.75 -50.59
C VAL A 160 20.91 13.66 -49.92
N TYR A 161 21.00 12.83 -48.88
CA TYR A 161 22.26 12.58 -48.19
C TYR A 161 23.26 12.04 -49.19
N THR A 162 22.86 11.02 -49.96
CA THR A 162 23.79 10.38 -50.91
C THR A 162 24.29 11.35 -51.98
N ASN A 163 23.38 12.13 -52.54
CA ASN A 163 23.73 13.08 -53.60
C ASN A 163 24.58 14.24 -53.08
N THR A 164 24.45 14.55 -51.79
CA THR A 164 25.30 15.55 -51.17
C THR A 164 26.75 15.08 -51.20
N TYR A 165 27.01 13.83 -50.81
CA TYR A 165 28.38 13.30 -50.96
C TYR A 165 28.80 13.30 -52.42
N LEU A 166 27.90 12.88 -53.30
CA LEU A 166 28.21 12.90 -54.73
C LEU A 166 28.57 14.32 -55.18
N GLU A 167 27.79 15.28 -54.73
CA GLU A 167 28.06 16.70 -55.03
C GLU A 167 29.38 17.15 -54.42
N LEU A 168 29.65 16.72 -53.19
CA LEU A 168 30.88 17.10 -52.52
C LEU A 168 32.09 16.56 -53.28
N LEU A 169 32.02 15.29 -53.66
CA LEU A 169 33.11 14.63 -54.38
C LEU A 169 33.38 15.28 -55.74
N GLU A 170 32.33 15.70 -56.44
CA GLU A 170 32.51 16.44 -57.69
C GLU A 170 33.27 17.75 -57.48
N ALA A 171 32.88 18.50 -56.46
CA ALA A 171 33.58 19.73 -56.11
C ALA A 171 35.06 19.46 -55.81
N LEU A 172 35.33 18.44 -54.97
CA LEU A 172 36.71 18.14 -54.58
C LEU A 172 37.55 17.60 -55.74
N LYS A 173 36.92 16.85 -56.63
CA LYS A 173 37.61 16.30 -57.80
C LYS A 173 38.21 17.43 -58.63
N LYS A 174 37.44 18.48 -58.83
CA LYS A 174 37.86 19.61 -59.66
C LYS A 174 38.91 20.49 -59.01
N GLU A 175 39.20 20.25 -57.73
CA GLU A 175 40.10 21.12 -56.99
C GLU A 175 41.35 20.40 -56.48
N GLN A 176 41.29 19.09 -56.33
CA GLN A 176 42.40 18.37 -55.73
C GLN A 176 43.65 18.40 -56.60
N GLY A 177 43.46 18.55 -57.91
CA GLY A 177 44.57 18.63 -58.84
C GLY A 177 45.40 19.88 -58.61
N SER A 178 44.79 20.92 -58.05
CA SER A 178 45.50 22.17 -57.81
C SER A 178 46.17 22.21 -56.43
N TRP A 179 45.95 21.17 -55.63
CA TRP A 179 46.49 21.12 -54.26
C TRP A 179 47.90 20.54 -54.18
N LYS A 180 48.82 21.29 -53.58
CA LYS A 180 50.12 20.73 -53.22
C LYS A 180 49.90 19.70 -52.12
N GLY A 181 50.56 18.55 -52.25
CA GLY A 181 50.51 17.54 -51.21
C GLY A 181 51.12 18.11 -49.94
N LEU A 182 50.50 17.83 -48.81
CA LEU A 182 51.03 18.25 -47.52
C LEU A 182 52.44 17.68 -47.33
N PRO A 183 53.32 18.46 -46.66
CA PRO A 183 54.73 18.10 -46.49
C PRO A 183 54.93 16.77 -45.74
N GLY A 184 55.95 16.01 -46.15
CA GLY A 184 56.22 14.73 -45.53
C GLY A 184 57.71 14.42 -45.44
N LYS A 185 58.01 13.14 -45.29
CA LYS A 185 59.39 12.68 -45.20
C LYS A 185 59.86 12.17 -46.57
N GLY A 186 58.99 12.25 -47.57
CA GLY A 186 59.31 11.82 -48.92
C GLY A 186 58.19 11.09 -49.64
N GLY A 187 58.48 10.66 -50.87
CA GLY A 187 57.50 9.95 -51.68
C GLY A 187 56.83 10.86 -52.69
N ASP A 188 55.54 10.63 -52.92
CA ASP A 188 54.78 11.33 -53.93
C ASP A 188 54.36 12.75 -53.48
N PRO A 189 54.95 13.79 -54.09
CA PRO A 189 54.64 15.16 -53.64
C PRO A 189 53.22 15.56 -53.99
N GLY A 190 52.54 14.75 -54.80
CA GLY A 190 51.16 15.01 -55.15
C GLY A 190 50.18 14.45 -54.15
N LEU A 191 50.70 13.65 -53.21
CA LEU A 191 49.89 13.02 -52.15
C LEU A 191 50.21 13.66 -50.81
N ASP A 192 49.25 13.58 -49.89
CA ASP A 192 49.44 14.15 -48.56
C ASP A 192 50.48 13.37 -47.75
N TRP A 193 51.50 14.09 -47.28
CA TRP A 193 52.64 13.50 -46.57
C TRP A 193 53.43 12.54 -47.45
N GLY A 194 53.14 12.55 -48.75
CA GLY A 194 53.83 11.70 -49.70
C GLY A 194 53.14 10.37 -49.97
N HIS A 195 52.02 10.12 -49.30
CA HIS A 195 51.39 8.80 -49.42
C HIS A 195 49.85 8.76 -49.30
N ALA A 196 49.26 9.71 -48.59
CA ALA A 196 47.81 9.73 -48.34
C ALA A 196 46.96 10.39 -49.43
N PRO A 197 45.86 9.72 -49.85
CA PRO A 197 44.96 10.36 -50.81
C PRO A 197 44.45 11.68 -50.23
N LYS A 198 44.34 12.70 -51.07
CA LYS A 198 44.02 14.03 -50.59
C LYS A 198 42.53 14.19 -50.29
N VAL A 199 41.71 13.36 -50.93
CA VAL A 199 40.28 13.39 -50.69
C VAL A 199 39.88 12.20 -49.82
N ASN A 200 39.30 12.52 -48.66
CA ASN A 200 38.98 11.53 -47.63
C ASN A 200 37.63 11.94 -47.05
N ILE A 201 36.66 11.03 -47.05
CA ILE A 201 35.33 11.32 -46.53
C ILE A 201 34.83 10.23 -45.56
N ALA A 202 33.95 10.61 -44.64
CA ALA A 202 33.29 9.66 -43.73
C ALA A 202 31.78 9.66 -43.98
N VAL A 203 31.18 8.48 -43.90
CA VAL A 203 29.75 8.33 -44.13
C VAL A 203 29.08 7.57 -42.98
N LYS A 204 27.91 8.04 -42.55
CA LYS A 204 27.14 7.34 -41.51
C LYS A 204 26.10 6.41 -42.11
N PRO A 205 26.32 5.10 -42.00
CA PRO A 205 25.45 4.07 -42.57
C PRO A 205 23.97 4.26 -42.28
N THR A 206 23.56 4.59 -41.04
CA THR A 206 22.13 4.71 -40.74
C THR A 206 21.49 5.87 -41.49
N ALA A 207 22.31 6.74 -42.06
CA ALA A 207 21.76 7.85 -42.83
C ALA A 207 21.45 7.39 -44.25
N LEU A 208 21.67 6.11 -44.52
CA LEU A 208 21.50 5.58 -45.86
C LEU A 208 20.24 4.71 -46.00
N PHE A 209 19.64 4.36 -44.87
CA PHE A 209 18.43 3.53 -44.88
C PHE A 209 17.62 3.71 -43.58
N CYS A 210 16.42 4.27 -43.74
CA CYS A 210 15.57 4.68 -42.62
C CYS A 210 14.99 3.52 -41.81
N LEU A 211 15.11 2.30 -42.33
CA LEU A 211 14.58 1.15 -41.59
C LEU A 211 15.71 0.21 -41.16
N ALA A 212 16.93 0.74 -41.11
CA ALA A 212 18.07 -0.03 -40.64
C ALA A 212 17.72 -0.67 -39.29
N ASN A 213 17.74 -2.00 -39.26
CA ASN A 213 17.24 -2.76 -38.12
C ASN A 213 17.74 -4.20 -38.22
N PRO A 214 18.52 -4.65 -37.22
CA PRO A 214 19.08 -6.00 -37.30
C PRO A 214 17.98 -7.07 -37.29
N GLN A 215 16.76 -6.71 -36.88
CA GLN A 215 15.60 -7.58 -37.08
C GLN A 215 15.43 -7.97 -38.57
N ASP A 216 15.65 -7.02 -39.48
CA ASP A 216 15.77 -7.34 -40.90
C ASP A 216 17.24 -7.11 -41.30
N PHE A 217 18.10 -8.04 -40.87
CA PHE A 217 19.54 -7.90 -41.04
C PHE A 217 19.96 -7.79 -42.51
N GLU A 218 19.64 -8.82 -43.30
CA GLU A 218 20.07 -8.86 -44.69
C GLU A 218 19.54 -7.66 -45.49
N GLY A 219 18.27 -7.32 -45.29
CA GLY A 219 17.65 -6.19 -45.97
C GLY A 219 18.30 -4.87 -45.60
N SER A 220 18.68 -4.73 -44.34
CA SER A 220 19.37 -3.51 -43.91
C SER A 220 20.77 -3.41 -44.56
N VAL A 221 21.53 -4.51 -44.54
CA VAL A 221 22.85 -4.55 -45.15
C VAL A 221 22.79 -4.13 -46.63
N VAL A 222 21.92 -4.79 -47.39
CA VAL A 222 21.79 -4.52 -48.83
C VAL A 222 21.44 -3.08 -49.16
N ALA A 223 20.41 -2.55 -48.49
CA ALA A 223 19.96 -1.19 -48.77
C ALA A 223 21.08 -0.19 -48.51
N ILE A 224 21.77 -0.38 -47.39
CA ILE A 224 22.88 0.48 -47.02
C ILE A 224 24.05 0.28 -48.00
N LEU A 225 24.38 -0.99 -48.26
CA LEU A 225 25.44 -1.33 -49.19
C LEU A 225 25.25 -0.68 -50.57
N ASP A 226 24.03 -0.68 -51.08
CA ASP A 226 23.78 -0.15 -52.42
C ASP A 226 24.08 1.34 -52.54
N ARG A 227 23.80 2.09 -51.48
CA ARG A 227 24.10 3.51 -51.48
C ARG A 227 25.59 3.75 -51.21
N MET A 228 26.15 2.97 -50.30
CA MET A 228 27.57 3.09 -49.98
C MET A 228 28.42 2.75 -51.22
N ARG A 229 27.98 1.76 -51.99
CA ARG A 229 28.67 1.41 -53.22
C ARG A 229 28.63 2.59 -54.20
N ARG A 230 27.47 3.21 -54.35
CA ARG A 230 27.35 4.36 -55.23
C ARG A 230 28.31 5.49 -54.83
N ILE A 231 28.43 5.72 -53.52
CA ILE A 231 29.37 6.73 -53.04
C ILE A 231 30.81 6.25 -53.28
N PHE A 232 31.07 4.98 -52.98
CA PHE A 232 32.41 4.43 -53.08
C PHE A 232 32.93 4.50 -54.51
N LYS A 233 32.07 4.20 -55.49
CA LYS A 233 32.48 4.29 -56.90
C LYS A 233 32.98 5.68 -57.28
N LYS A 234 32.26 6.72 -56.84
CA LYS A 234 32.70 8.09 -57.07
C LYS A 234 34.00 8.38 -56.33
N VAL A 235 34.11 7.90 -55.09
CA VAL A 235 35.34 8.05 -54.30
C VAL A 235 36.54 7.51 -55.05
N MET A 236 36.38 6.31 -55.62
CA MET A 236 37.50 5.64 -56.29
C MET A 236 37.92 6.31 -57.60
N GLU A 237 36.99 7.04 -58.22
CA GLU A 237 37.28 7.76 -59.45
C GLU A 237 38.33 8.86 -59.27
N LEU A 238 38.34 9.47 -58.09
CA LEU A 238 39.34 10.50 -57.80
C LEU A 238 40.42 9.99 -56.84
N ASN A 239 40.60 8.66 -56.85
CA ASN A 239 41.49 7.95 -55.92
C ASN A 239 41.42 8.46 -54.47
N GLY A 240 40.20 8.56 -53.94
CA GLY A 240 39.98 9.10 -52.61
C GLY A 240 39.93 8.03 -51.54
N PHE A 241 39.66 8.42 -50.30
CA PHE A 241 39.52 7.47 -49.20
C PHE A 241 38.10 7.56 -48.66
N LEU A 242 37.44 6.41 -48.52
CA LEU A 242 36.13 6.35 -47.87
C LEU A 242 36.25 5.67 -46.51
N CYS A 243 35.81 6.37 -45.47
CA CYS A 243 35.77 5.74 -44.15
C CYS A 243 34.31 5.57 -43.74
N ILE A 244 34.01 4.39 -43.20
CA ILE A 244 32.65 4.11 -42.78
C ILE A 244 32.54 4.26 -41.27
N ASP A 245 31.82 5.28 -40.85
CA ASP A 245 31.64 5.55 -39.42
C ASP A 245 30.91 4.39 -38.71
N MET A 246 31.16 4.25 -37.42
CA MET A 246 30.42 3.28 -36.61
C MET A 246 29.44 4.04 -35.75
N GLU A 247 28.23 3.50 -35.58
CA GLU A 247 27.22 4.18 -34.78
C GLU A 247 26.80 3.38 -33.55
N SER A 248 25.52 3.42 -33.19
CA SER A 248 25.05 2.75 -31.98
C SER A 248 25.14 1.21 -32.10
N TYR A 249 25.33 0.53 -30.97
CA TYR A 249 25.57 -0.91 -30.94
C TYR A 249 24.54 -1.74 -31.73
N ARG A 250 23.30 -1.25 -31.73
CA ARG A 250 22.20 -1.82 -32.51
C ARG A 250 22.56 -2.06 -34.00
N HIS A 251 23.50 -1.27 -34.53
CA HIS A 251 23.86 -1.38 -35.95
C HIS A 251 25.29 -1.85 -36.23
N LYS A 252 26.02 -2.22 -35.18
CA LYS A 252 27.46 -2.53 -35.34
C LYS A 252 27.69 -3.74 -36.28
N GLU A 253 26.93 -4.81 -36.09
CA GLU A 253 27.10 -5.98 -36.93
C GLU A 253 26.63 -5.74 -38.38
N ILE A 254 25.55 -4.99 -38.53
CA ILE A 254 25.13 -4.57 -39.86
C ILE A 254 26.29 -3.83 -40.55
N ILE A 255 26.82 -2.82 -39.88
CA ILE A 255 27.87 -2.00 -40.45
C ILE A 255 29.14 -2.79 -40.77
N LEU A 256 29.52 -3.74 -39.91
CA LEU A 256 30.69 -4.58 -40.19
C LEU A 256 30.52 -5.39 -41.47
N GLU A 257 29.31 -5.92 -41.66
CA GLU A 257 29.02 -6.72 -42.84
C GLU A 257 28.95 -5.87 -44.10
N VAL A 258 28.44 -4.65 -43.99
CA VAL A 258 28.48 -3.72 -45.13
C VAL A 258 29.94 -3.51 -45.56
N PHE A 259 30.81 -3.24 -44.58
CA PHE A 259 32.23 -3.03 -44.85
C PHE A 259 32.90 -4.22 -45.54
N ARG A 260 32.58 -5.45 -45.09
CA ARG A 260 33.22 -6.64 -45.65
C ARG A 260 32.81 -6.89 -47.09
N ARG A 261 31.52 -6.78 -47.37
CA ARG A 261 31.02 -6.98 -48.72
C ARG A 261 31.60 -5.97 -49.69
N LEU A 262 31.56 -4.70 -49.31
CA LEU A 262 32.10 -3.67 -50.16
C LEU A 262 33.58 -3.88 -50.42
N LYS A 263 34.31 -4.29 -49.38
CA LYS A 263 35.75 -4.49 -49.50
C LYS A 263 36.06 -5.59 -50.51
N LEU A 264 35.32 -6.69 -50.43
CA LEU A 264 35.52 -7.83 -51.31
C LEU A 264 35.09 -7.53 -52.74
N GLU A 265 34.14 -6.61 -52.91
CA GLU A 265 33.77 -6.17 -54.26
C GLU A 265 34.90 -5.40 -54.92
N TYR A 266 35.74 -4.77 -54.11
CA TYR A 266 36.88 -4.01 -54.60
C TYR A 266 38.11 -4.39 -53.79
N ARG A 267 38.53 -5.64 -53.98
CA ARG A 267 39.50 -6.29 -53.10
C ARG A 267 40.89 -5.67 -53.22
N ASP A 268 41.16 -5.01 -54.35
CA ASP A 268 42.47 -4.42 -54.63
C ASP A 268 42.55 -2.95 -54.28
N TYR A 269 41.41 -2.32 -53.99
CA TYR A 269 41.40 -0.90 -53.64
C TYR A 269 41.58 -0.71 -52.13
N PRO A 270 42.71 -0.07 -51.75
CA PRO A 270 43.16 -0.04 -50.35
C PRO A 270 42.59 1.11 -49.51
N HIS A 271 41.95 2.10 -50.12
CA HIS A 271 41.51 3.29 -49.38
C HIS A 271 40.07 3.22 -48.86
N LEU A 272 39.81 2.17 -48.08
CA LEU A 272 38.51 1.96 -47.47
C LEU A 272 38.73 1.63 -45.99
N GLY A 273 38.10 2.41 -45.12
CA GLY A 273 38.27 2.22 -43.69
C GLY A 273 36.97 1.97 -42.93
N ILE A 274 37.12 1.42 -41.73
CA ILE A 274 35.98 1.21 -40.84
C ILE A 274 36.36 1.67 -39.45
N VAL A 275 35.43 2.30 -38.76
CA VAL A 275 35.61 2.64 -37.36
C VAL A 275 35.40 1.42 -36.46
N LEU A 276 36.28 1.24 -35.48
CA LEU A 276 36.05 0.26 -34.41
C LEU A 276 36.09 0.98 -33.06
N GLN A 277 35.12 0.69 -32.20
CA GLN A 277 34.92 1.41 -30.96
C GLN A 277 35.52 0.64 -29.79
N ALA A 278 36.61 1.15 -29.23
CA ALA A 278 37.28 0.45 -28.14
C ALA A 278 36.43 0.40 -26.87
N TYR A 279 35.41 1.25 -26.77
CA TYR A 279 34.57 1.18 -25.58
C TYR A 279 33.63 -0.04 -25.52
N LEU A 280 33.57 -0.82 -26.60
CA LEU A 280 32.75 -2.03 -26.61
C LEU A 280 33.52 -3.25 -26.12
N LYS A 281 32.89 -4.01 -25.23
CA LYS A 281 33.45 -5.29 -24.79
C LYS A 281 33.70 -6.24 -25.96
N ASP A 282 32.90 -6.08 -27.03
CA ASP A 282 32.98 -6.90 -28.23
C ASP A 282 34.24 -6.60 -29.03
N ASN A 283 34.86 -5.46 -28.80
CA ASN A 283 35.89 -4.99 -29.73
C ASN A 283 37.19 -5.79 -29.77
N ASP A 284 37.58 -6.38 -28.64
CA ASP A 284 38.81 -7.19 -28.62
C ASP A 284 38.63 -8.32 -29.61
N LYS A 285 37.45 -8.94 -29.62
CA LYS A 285 37.13 -10.01 -30.56
C LYS A 285 36.90 -9.49 -31.99
N ASP A 286 36.13 -8.41 -32.11
CA ASP A 286 35.77 -7.86 -33.42
C ASP A 286 37.02 -7.49 -34.20
N LEU A 287 37.97 -6.85 -33.52
CA LEU A 287 39.28 -6.51 -34.11
C LEU A 287 40.11 -7.76 -34.48
N ASP A 288 40.14 -8.77 -33.60
CA ASP A 288 40.83 -10.02 -33.95
C ASP A 288 40.20 -10.66 -35.19
N ASP A 289 38.86 -10.75 -35.17
CA ASP A 289 38.10 -11.35 -36.26
C ASP A 289 38.33 -10.64 -37.60
N LEU A 290 38.28 -9.31 -37.58
CA LEU A 290 38.43 -8.53 -38.81
C LEU A 290 39.83 -8.76 -39.38
N LEU A 291 40.83 -8.72 -38.50
CA LEU A 291 42.21 -8.94 -38.91
C LEU A 291 42.40 -10.33 -39.53
N ALA A 292 41.86 -11.35 -38.85
CA ALA A 292 41.92 -12.72 -39.38
C ALA A 292 41.17 -12.81 -40.72
N TRP A 293 40.01 -12.18 -40.79
CA TRP A 293 39.23 -12.08 -42.04
C TRP A 293 40.04 -11.46 -43.19
N ALA A 294 40.71 -10.35 -42.92
CA ALA A 294 41.53 -9.70 -43.94
C ALA A 294 42.67 -10.60 -44.43
N LYS A 295 43.25 -11.38 -43.53
CA LYS A 295 44.33 -12.29 -43.92
C LYS A 295 43.79 -13.44 -44.76
N GLU A 296 42.76 -14.08 -44.25
CA GLU A 296 42.05 -15.15 -44.98
C GLU A 296 41.73 -14.74 -46.41
N HIS A 297 41.29 -13.49 -46.60
CA HIS A 297 40.92 -13.03 -47.93
C HIS A 297 42.01 -12.32 -48.72
N LYS A 298 43.21 -12.20 -48.15
CA LYS A 298 44.34 -11.56 -48.83
C LYS A 298 44.08 -10.11 -49.24
N VAL A 299 43.27 -9.41 -48.46
CA VAL A 299 43.02 -7.99 -48.73
C VAL A 299 43.65 -7.14 -47.63
N GLN A 300 43.80 -5.85 -47.91
CA GLN A 300 44.26 -4.90 -46.90
C GLN A 300 43.05 -4.14 -46.36
N ILE A 301 43.17 -3.59 -45.16
CA ILE A 301 42.10 -2.79 -44.57
C ILE A 301 42.65 -1.54 -43.90
N SER A 302 41.75 -0.70 -43.42
CA SER A 302 42.11 0.46 -42.64
C SER A 302 41.12 0.60 -41.49
N VAL A 303 41.64 0.87 -40.30
CA VAL A 303 40.79 1.03 -39.14
C VAL A 303 41.01 2.41 -38.52
N ARG A 304 39.92 3.13 -38.28
CA ARG A 304 40.00 4.27 -37.38
C ARG A 304 39.57 3.73 -36.02
N LEU A 305 40.49 3.63 -35.08
CA LEU A 305 40.13 3.20 -33.75
C LEU A 305 39.72 4.41 -32.91
N VAL A 306 38.52 4.32 -32.36
CA VAL A 306 38.01 5.36 -31.49
C VAL A 306 37.63 4.68 -30.19
N LYS A 307 37.40 5.49 -29.16
CA LYS A 307 36.79 4.97 -27.94
C LYS A 307 35.30 4.72 -28.16
N GLY A 308 34.54 5.79 -28.42
CA GLY A 308 33.12 5.64 -28.71
C GLY A 308 32.29 6.84 -28.33
N ALA A 309 31.25 7.13 -29.12
CA ALA A 309 30.52 8.40 -28.97
C ALA A 309 29.15 8.29 -28.29
N TYR A 310 28.70 7.07 -28.00
CA TYR A 310 27.31 6.89 -27.53
C TYR A 310 27.23 6.20 -26.17
N TRP A 311 28.15 6.51 -25.27
CA TRP A 311 28.28 5.72 -24.05
C TRP A 311 27.02 5.79 -23.16
N ASP A 312 26.55 6.99 -22.88
CA ASP A 312 25.36 7.15 -22.06
C ASP A 312 24.14 6.44 -22.64
N TYR A 313 23.91 6.64 -23.94
CA TYR A 313 22.86 5.95 -24.68
C TYR A 313 22.91 4.43 -24.60
N GLU A 314 24.09 3.86 -24.83
CA GLU A 314 24.20 2.39 -24.82
C GLU A 314 23.88 1.81 -23.45
N THR A 315 24.40 2.46 -22.41
CA THR A 315 24.15 2.03 -21.05
C THR A 315 22.65 2.08 -20.75
N VAL A 316 22.05 3.25 -20.95
CA VAL A 316 20.63 3.45 -20.74
C VAL A 316 19.76 2.46 -21.53
N LYS A 317 20.06 2.29 -22.82
CA LYS A 317 19.23 1.42 -23.65
C LYS A 317 19.36 -0.04 -23.22
N ALA A 318 20.57 -0.45 -22.84
CA ALA A 318 20.79 -1.82 -22.38
C ALA A 318 19.96 -2.13 -21.13
N LYS A 319 19.95 -1.20 -20.18
CA LYS A 319 19.26 -1.44 -18.92
C LYS A 319 17.75 -1.36 -19.02
N GLN A 320 17.27 -0.65 -20.03
CA GLN A 320 15.83 -0.57 -20.28
C GLN A 320 15.26 -1.86 -20.88
N ASN A 321 16.14 -2.78 -21.28
CA ASN A 321 15.75 -3.99 -22.01
C ASN A 321 16.35 -5.22 -21.38
N ASP A 322 16.99 -5.02 -20.23
CA ASP A 322 17.58 -6.11 -19.46
C ASP A 322 18.58 -6.91 -20.32
N TRP A 323 19.30 -6.17 -21.16
CA TRP A 323 20.39 -6.68 -21.98
C TRP A 323 21.74 -6.49 -21.29
N GLU A 324 22.75 -7.24 -21.75
CA GLU A 324 24.12 -6.97 -21.34
C GLU A 324 24.50 -5.57 -21.81
N VAL A 325 25.04 -4.76 -20.90
CA VAL A 325 25.55 -3.46 -21.29
C VAL A 325 26.76 -3.69 -22.19
N PRO A 326 26.72 -3.20 -23.44
CA PRO A 326 27.78 -3.54 -24.42
C PRO A 326 29.07 -2.77 -24.19
N VAL A 327 29.01 -1.66 -23.45
CA VAL A 327 30.19 -0.83 -23.19
C VAL A 327 30.84 -1.18 -21.85
N TRP A 328 32.14 -0.97 -21.72
CA TRP A 328 32.76 -0.94 -20.38
C TRP A 328 32.11 0.17 -19.54
N THR A 329 32.08 -0.02 -18.23
CA THR A 329 31.39 0.93 -17.36
C THR A 329 32.36 1.76 -16.54
N ILE A 330 33.65 1.45 -16.67
CA ILE A 330 34.69 2.24 -16.03
C ILE A 330 35.53 2.92 -17.11
N LYS A 331 35.66 4.25 -17.04
CA LYS A 331 36.24 5.02 -18.13
C LYS A 331 37.66 4.54 -18.52
N ALA A 332 38.49 4.23 -17.52
CA ALA A 332 39.85 3.78 -17.77
C ALA A 332 39.93 2.45 -18.53
N GLU A 333 38.85 1.67 -18.49
CA GLU A 333 38.79 0.41 -19.24
C GLU A 333 38.70 0.65 -20.73
N SER A 334 38.04 1.73 -21.14
CA SER A 334 38.07 2.12 -22.55
C SER A 334 39.45 2.63 -22.94
N ASP A 335 40.12 3.33 -22.02
CA ASP A 335 41.48 3.79 -22.27
C ASP A 335 42.43 2.59 -22.40
N ALA A 336 42.29 1.62 -21.51
CA ALA A 336 43.17 0.44 -21.52
C ALA A 336 42.90 -0.39 -22.77
N ALA A 337 41.62 -0.57 -23.09
CA ALA A 337 41.22 -1.28 -24.29
C ALA A 337 41.85 -0.62 -25.51
N TYR A 338 41.75 0.71 -25.59
CA TYR A 338 42.28 1.46 -26.73
C TYR A 338 43.78 1.21 -26.91
N GLU A 339 44.53 1.22 -25.81
CA GLU A 339 45.97 1.01 -25.92
C GLU A 339 46.28 -0.41 -26.38
N ARG A 340 45.52 -1.37 -25.85
CA ARG A 340 45.61 -2.79 -26.22
C ARG A 340 45.41 -2.95 -27.70
N GLN A 341 44.28 -2.41 -28.17
CA GLN A 341 43.81 -2.63 -29.53
C GLN A 341 44.66 -1.87 -30.55
N ALA A 342 45.09 -0.66 -30.17
CA ALA A 342 45.99 0.10 -31.02
C ALA A 342 47.29 -0.70 -31.22
N ARG A 343 47.79 -1.27 -30.13
CA ARG A 343 49.00 -2.06 -30.19
C ARG A 343 48.81 -3.19 -31.20
N LYS A 344 47.68 -3.88 -31.07
CA LYS A 344 47.36 -5.03 -31.92
C LYS A 344 47.32 -4.63 -33.40
N ILE A 345 46.63 -3.52 -33.67
CA ILE A 345 46.57 -2.98 -35.03
C ILE A 345 47.95 -2.66 -35.59
N LEU A 346 48.78 -1.98 -34.80
CA LEU A 346 50.13 -1.60 -35.23
C LEU A 346 51.03 -2.81 -35.45
N GLU A 347 50.84 -3.85 -34.64
CA GLU A 347 51.53 -5.12 -34.84
C GLU A 347 51.20 -5.61 -36.24
N ASN A 348 49.96 -5.38 -36.65
CA ASN A 348 49.47 -5.85 -37.94
C ASN A 348 49.52 -4.78 -39.03
N HIS A 349 50.53 -3.93 -38.98
CA HIS A 349 50.59 -2.77 -39.85
C HIS A 349 50.72 -3.15 -41.32
N GLN A 350 51.34 -4.31 -41.57
CA GLN A 350 51.47 -4.82 -42.93
C GLN A 350 50.14 -4.91 -43.68
N ILE A 351 49.07 -5.35 -43.00
CA ILE A 351 47.77 -5.45 -43.67
C ILE A 351 46.75 -4.42 -43.21
N CYS A 352 47.02 -3.77 -42.08
CA CYS A 352 46.03 -2.85 -41.53
C CYS A 352 46.56 -1.42 -41.34
N HIS A 353 46.07 -0.50 -42.16
CA HIS A 353 46.39 0.93 -41.97
C HIS A 353 45.63 1.44 -40.75
N PHE A 354 46.20 2.44 -40.07
CA PHE A 354 45.73 2.87 -38.75
C PHE A 354 45.51 4.37 -38.66
N ALA A 355 44.32 4.77 -38.24
CA ALA A 355 44.08 6.18 -37.86
C ALA A 355 43.85 6.23 -36.37
N CYS A 356 44.69 6.96 -35.65
CA CYS A 356 44.48 7.15 -34.23
C CYS A 356 43.53 8.31 -34.05
N ALA A 357 42.39 8.07 -33.42
CA ALA A 357 41.41 9.12 -33.27
C ALA A 357 41.08 9.37 -31.80
N SER A 358 41.88 10.23 -31.18
CA SER A 358 41.74 10.53 -29.76
C SER A 358 42.22 11.97 -29.50
N HIS A 359 41.69 12.59 -28.45
CA HIS A 359 42.17 13.90 -28.02
C HIS A 359 42.94 13.75 -26.73
N ASN A 360 43.08 12.51 -26.29
CA ASN A 360 43.74 12.18 -25.03
C ASN A 360 45.25 12.05 -25.23
N ILE A 361 46.00 12.93 -24.54
CA ILE A 361 47.46 12.99 -24.66
C ILE A 361 48.16 11.72 -24.15
N ARG A 362 47.61 11.07 -23.13
CA ARG A 362 48.13 9.77 -22.69
C ARG A 362 47.99 8.76 -23.83
N THR A 363 46.76 8.63 -24.32
CA THR A 363 46.42 7.74 -25.43
C THR A 363 47.31 7.97 -26.67
N ILE A 364 47.38 9.23 -27.11
CA ILE A 364 48.23 9.59 -28.25
C ILE A 364 49.70 9.28 -28.02
N SER A 365 50.22 9.66 -26.86
CA SER A 365 51.63 9.41 -26.55
C SER A 365 51.90 7.90 -26.56
N ALA A 366 50.90 7.13 -26.16
CA ALA A 366 51.02 5.68 -26.14
C ALA A 366 51.15 5.10 -27.56
N VAL A 367 50.24 5.48 -28.45
CA VAL A 367 50.33 5.10 -29.86
C VAL A 367 51.68 5.44 -30.48
N MET A 368 52.16 6.66 -30.21
CA MET A 368 53.42 7.14 -30.77
C MET A 368 54.59 6.27 -30.35
N GLU A 369 54.64 5.92 -29.07
CA GLU A 369 55.74 5.11 -28.55
C GLU A 369 55.66 3.67 -29.06
N MET A 370 54.43 3.16 -29.19
CA MET A 370 54.23 1.80 -29.69
C MET A 370 54.62 1.69 -31.16
N ALA A 371 54.30 2.73 -31.94
CA ALA A 371 54.69 2.75 -33.34
C ALA A 371 56.21 2.75 -33.47
N ARG A 372 56.87 3.49 -32.58
CA ARG A 372 58.33 3.53 -32.56
C ARG A 372 58.91 2.18 -32.13
N GLU A 373 58.34 1.60 -31.08
CA GLU A 373 58.82 0.33 -30.55
C GLU A 373 58.63 -0.81 -31.58
N LEU A 374 57.53 -0.77 -32.31
CA LEU A 374 57.27 -1.79 -33.33
C LEU A 374 57.82 -1.37 -34.68
N ASN A 375 58.60 -0.28 -34.68
CA ASN A 375 59.15 0.33 -35.89
C ASN A 375 58.20 0.38 -37.09
N VAL A 376 57.00 0.92 -36.84
CA VAL A 376 55.97 1.00 -37.87
C VAL A 376 56.28 2.14 -38.84
N PRO A 377 56.22 1.87 -40.16
CA PRO A 377 56.46 2.93 -41.15
C PRO A 377 55.36 3.99 -41.06
N GLU A 378 55.73 5.25 -41.31
CA GLU A 378 54.83 6.36 -41.02
C GLU A 378 53.60 6.41 -41.92
N ASP A 379 53.72 5.80 -43.10
CA ASP A 379 52.62 5.75 -44.05
C ASP A 379 51.58 4.70 -43.64
N ARG A 380 51.81 4.04 -42.51
CA ARG A 380 50.85 3.05 -42.01
C ARG A 380 49.99 3.55 -40.83
N TYR A 381 50.26 4.78 -40.36
CA TYR A 381 49.44 5.37 -39.28
C TYR A 381 49.43 6.89 -39.28
N GLU A 382 48.25 7.46 -39.00
CA GLU A 382 48.09 8.91 -38.94
C GLU A 382 47.26 9.25 -37.70
N PHE A 383 47.12 10.53 -37.42
CA PHE A 383 46.31 10.97 -36.28
C PHE A 383 45.15 11.85 -36.72
N GLN A 384 44.02 11.67 -36.03
CA GLN A 384 42.78 12.38 -36.36
C GLN A 384 42.15 12.97 -35.11
N VAL A 385 41.62 14.19 -35.21
CA VAL A 385 40.85 14.81 -34.12
C VAL A 385 39.62 15.50 -34.69
N LEU A 386 38.65 15.79 -33.82
CA LEU A 386 37.43 16.47 -34.26
C LEU A 386 37.69 17.99 -34.41
N TYR A 387 37.19 18.57 -35.49
CA TYR A 387 37.29 20.01 -35.73
C TYR A 387 36.70 20.80 -34.56
N GLY A 388 37.32 21.93 -34.21
CA GLY A 388 36.81 22.78 -33.15
C GLY A 388 37.19 22.37 -31.74
N MET A 389 37.94 21.27 -31.61
CA MET A 389 38.25 20.71 -30.29
C MET A 389 39.73 20.52 -30.05
N ALA A 390 40.11 20.50 -28.77
CA ALA A 390 41.46 20.16 -28.32
C ALA A 390 42.56 20.83 -29.14
N GLU A 391 42.43 22.13 -29.37
CA GLU A 391 43.38 22.86 -30.20
C GLU A 391 44.87 22.67 -29.87
N PRO A 392 45.26 22.78 -28.58
CA PRO A 392 46.69 22.64 -28.32
C PRO A 392 47.16 21.22 -28.59
N VAL A 393 46.33 20.24 -28.25
CA VAL A 393 46.63 18.84 -28.52
C VAL A 393 46.88 18.65 -30.00
N ARG A 394 45.97 19.19 -30.81
CA ARG A 394 46.11 19.15 -32.26
C ARG A 394 47.39 19.83 -32.74
N LYS A 395 47.71 20.98 -32.16
CA LYS A 395 48.95 21.67 -32.52
C LYS A 395 50.18 20.84 -32.15
N GLY A 396 50.10 20.16 -31.01
CA GLY A 396 51.18 19.30 -30.53
C GLY A 396 51.44 18.13 -31.46
N ILE A 397 50.36 17.52 -31.93
CA ILE A 397 50.44 16.43 -32.90
C ILE A 397 51.11 16.91 -34.17
N LEU A 398 50.62 18.04 -34.68
CA LEU A 398 51.16 18.62 -35.91
C LEU A 398 52.67 18.80 -35.80
N LYS A 399 53.12 19.43 -34.72
CA LYS A 399 54.53 19.70 -34.52
C LYS A 399 55.36 18.41 -34.44
N VAL A 400 54.93 17.48 -33.58
CA VAL A 400 55.75 16.31 -33.24
C VAL A 400 55.63 15.10 -34.20
N ALA A 401 54.46 14.92 -34.80
CA ALA A 401 54.20 13.82 -35.73
C ALA A 401 54.03 14.31 -37.18
N GLY A 402 53.24 15.35 -37.36
CA GLY A 402 53.10 16.01 -38.65
C GLY A 402 51.95 15.53 -39.52
N ARG A 403 51.36 14.40 -39.15
CA ARG A 403 50.27 13.84 -39.94
C ARG A 403 48.98 13.89 -39.12
N ILE A 404 48.30 15.03 -39.20
CA ILE A 404 47.07 15.26 -38.46
C ILE A 404 45.90 15.50 -39.43
N ARG A 405 44.81 14.77 -39.24
CA ARG A 405 43.62 14.95 -40.08
C ARG A 405 42.44 15.39 -39.21
N LEU A 406 41.74 16.45 -39.60
CA LEU A 406 40.59 16.92 -38.83
C LEU A 406 39.30 16.31 -39.34
N TYR A 407 38.49 15.75 -38.44
CA TYR A 407 37.14 15.34 -38.83
C TYR A 407 36.26 16.60 -38.97
N ALA A 408 35.82 16.87 -40.19
CA ALA A 408 35.23 18.16 -40.55
C ALA A 408 33.81 18.01 -41.06
N PRO A 409 32.83 18.10 -40.17
CA PRO A 409 31.43 17.89 -40.55
C PRO A 409 30.80 19.19 -41.07
N TYR A 410 29.85 19.09 -42.01
CA TYR A 410 29.13 20.29 -42.45
C TYR A 410 27.63 20.04 -42.64
N GLY A 411 26.83 21.10 -42.57
CA GLY A 411 25.38 20.97 -42.62
C GLY A 411 24.67 21.88 -41.62
N ASN A 412 23.35 21.78 -41.52
CA ASN A 412 22.61 22.66 -40.62
C ASN A 412 22.44 22.14 -39.20
N MET A 413 21.90 23.01 -38.34
CA MET A 413 21.87 22.73 -36.91
C MET A 413 20.95 21.57 -36.50
N VAL A 414 19.80 21.44 -37.15
CA VAL A 414 18.89 20.32 -36.85
C VAL A 414 19.48 18.96 -37.27
N PRO A 415 20.04 18.87 -38.49
CA PRO A 415 20.67 17.58 -38.78
C PRO A 415 21.92 17.36 -37.93
N GLY A 416 22.58 18.43 -37.49
CA GLY A 416 23.81 18.30 -36.72
C GLY A 416 23.67 18.19 -35.21
N MET A 417 22.44 18.24 -34.70
CA MET A 417 22.21 18.32 -33.25
C MET A 417 22.80 17.15 -32.44
N GLY A 418 22.56 15.91 -32.90
CA GLY A 418 23.14 14.74 -32.25
C GLY A 418 24.65 14.88 -32.13
N TYR A 419 25.29 15.32 -33.21
CA TYR A 419 26.74 15.53 -33.24
C TYR A 419 27.17 16.62 -32.25
N LEU A 420 26.52 17.76 -32.35
CA LEU A 420 26.82 18.90 -31.48
C LEU A 420 26.67 18.56 -29.99
N VAL A 421 25.58 17.88 -29.64
CA VAL A 421 25.33 17.57 -28.23
C VAL A 421 26.36 16.55 -27.76
N ARG A 422 26.68 15.58 -28.62
CA ARG A 422 27.74 14.63 -28.31
C ARG A 422 29.07 15.36 -28.04
N ARG A 423 29.29 16.51 -28.67
CA ARG A 423 30.54 17.23 -28.45
C ARG A 423 30.55 17.88 -27.06
N LEU A 424 29.44 18.48 -26.67
CA LEU A 424 29.34 19.14 -25.38
C LEU A 424 29.41 18.12 -24.25
N LEU A 425 28.79 16.96 -24.47
CA LEU A 425 28.90 15.86 -23.52
C LEU A 425 30.37 15.48 -23.39
N GLU A 426 30.98 15.18 -24.53
CA GLU A 426 32.38 14.79 -24.61
C GLU A 426 33.33 15.73 -23.87
N ASN A 427 33.09 17.04 -23.98
CA ASN A 427 34.02 18.03 -23.44
C ASN A 427 33.84 18.32 -21.96
N THR A 428 32.64 18.04 -21.46
CA THR A 428 32.27 18.41 -20.09
C THR A 428 32.00 17.24 -19.15
N ALA A 429 32.16 16.01 -19.64
CA ALA A 429 31.97 14.85 -18.76
C ALA A 429 33.00 14.88 -17.63
N ASN A 430 32.62 14.37 -16.46
CA ASN A 430 33.54 14.29 -15.33
C ASN A 430 34.78 13.50 -15.69
N GLU A 431 34.60 12.44 -16.46
CA GLU A 431 35.70 11.55 -16.85
C GLU A 431 36.42 12.01 -18.13
N SER A 432 36.03 13.16 -18.67
CA SER A 432 36.68 13.70 -19.87
C SER A 432 38.15 14.04 -19.63
N PHE A 433 39.03 13.45 -20.42
CA PHE A 433 40.45 13.78 -20.32
C PHE A 433 40.68 15.27 -20.58
N LEU A 434 39.92 15.84 -21.50
CA LEU A 434 40.09 17.26 -21.78
C LEU A 434 39.68 18.11 -20.58
N ARG A 435 38.50 17.83 -20.01
CA ARG A 435 38.05 18.59 -18.84
C ARG A 435 39.04 18.47 -17.67
N GLN A 436 39.49 17.26 -17.38
CA GLN A 436 40.44 17.04 -16.31
C GLN A 436 41.79 17.72 -16.56
N SER A 437 42.14 17.92 -17.82
CA SER A 437 43.41 18.57 -18.15
C SER A 437 43.31 20.09 -18.12
N PHE A 438 42.13 20.61 -18.43
CA PHE A 438 41.98 22.03 -18.76
C PHE A 438 40.86 22.77 -18.02
N ALA A 439 40.26 22.12 -17.04
CA ALA A 439 39.22 22.76 -16.22
C ALA A 439 39.53 22.59 -14.73
N GLU A 440 40.08 21.43 -14.39
CA GLU A 440 40.56 21.18 -13.05
C GLU A 440 42.07 21.40 -13.01
N ASP A 441 42.61 21.68 -11.82
CA ASP A 441 44.05 21.76 -11.64
C ASP A 441 44.65 20.42 -12.08
N ALA A 442 45.30 20.43 -13.24
CA ALA A 442 45.80 19.22 -13.87
C ALA A 442 46.76 18.41 -13.00
N GLN A 443 46.37 17.19 -12.64
CA GLN A 443 47.28 16.29 -11.95
C GLN A 443 48.01 15.45 -12.99
N ILE A 444 49.08 16.00 -13.55
CA ILE A 444 49.75 15.46 -14.73
C ILE A 444 50.14 13.99 -14.59
N GLU A 445 50.71 13.64 -13.44
CA GLU A 445 51.08 12.25 -13.17
C GLU A 445 49.89 11.31 -13.19
N ARG A 446 48.74 11.72 -12.63
CA ARG A 446 47.54 10.89 -12.66
C ARG A 446 46.97 10.80 -14.08
N LEU A 447 47.08 11.87 -14.85
CA LEU A 447 46.53 11.91 -16.20
C LEU A 447 47.34 11.02 -17.15
N LEU A 448 48.64 10.86 -16.87
CA LEU A 448 49.52 10.10 -17.74
C LEU A 448 49.80 8.68 -17.26
N GLU A 449 49.16 8.27 -16.16
CA GLU A 449 49.38 6.92 -15.65
C GLU A 449 48.79 5.87 -16.61
N ASP A 450 49.44 4.71 -16.66
CA ASP A 450 48.94 3.58 -17.42
C ASP A 450 47.51 3.31 -16.95
N PRO A 451 46.55 3.43 -17.87
CA PRO A 451 45.12 3.26 -17.53
C PRO A 451 44.81 1.88 -16.96
N ALA A 452 45.66 0.89 -17.23
CA ALA A 452 45.48 -0.46 -16.67
C ALA A 452 45.63 -0.44 -15.15
N VAL A 453 46.60 0.35 -14.68
CA VAL A 453 46.80 0.56 -13.26
C VAL A 453 45.58 1.30 -12.66
N THR A 454 45.13 2.33 -13.37
CA THR A 454 43.91 3.05 -13.01
C THR A 454 42.71 2.11 -12.90
N VAL A 455 42.61 1.21 -13.88
CA VAL A 455 41.57 0.20 -13.91
C VAL A 455 41.56 -0.65 -12.65
N GLU A 456 42.72 -1.23 -12.33
CA GLU A 456 42.84 -2.17 -11.21
C GLU A 456 42.48 -1.53 -9.86
N ARG A 457 42.77 -0.24 -9.72
CA ARG A 457 42.48 0.50 -8.50
C ARG A 457 40.99 0.79 -8.34
N GLU A 458 40.31 1.09 -9.45
CA GLU A 458 38.88 1.42 -9.38
C GLU A 458 37.97 0.19 -9.32
N ARG A 459 38.52 -0.96 -9.69
CA ARG A 459 37.83 -2.22 -9.51
C ARG A 459 37.96 -2.59 -8.04
N ALA A 460 39.07 -2.17 -7.45
CA ALA A 460 39.32 -2.42 -6.03
C ALA A 460 38.29 -1.70 -5.18
N ALA A 461 38.17 -0.39 -5.37
CA ALA A 461 37.12 0.38 -4.71
C ALA A 461 35.75 -0.31 -4.88
N ARG A 462 35.24 -0.32 -6.11
CA ARG A 462 34.01 -1.01 -6.45
C ARG A 462 34.10 -2.50 -6.13
N LEU A 473 13.18 -9.89 -1.33
CA LEU A 473 12.38 -10.27 -0.16
C LEU A 473 11.84 -11.70 -0.26
N GLY A 474 11.85 -12.41 0.86
CA GLY A 474 11.33 -13.76 0.92
C GLY A 474 12.26 -14.79 0.30
N GLY A 475 13.55 -14.46 0.26
CA GLY A 475 14.54 -15.33 -0.37
C GLY A 475 14.59 -15.16 -1.89
N LEU A 476 13.60 -14.48 -2.45
CA LEU A 476 13.52 -14.25 -3.89
C LEU A 476 14.29 -13.00 -4.27
N PRO A 477 15.08 -13.07 -5.35
CA PRO A 477 15.69 -11.85 -5.88
C PRO A 477 14.58 -10.87 -6.26
N PRO A 478 14.89 -9.56 -6.26
CA PRO A 478 13.80 -8.63 -6.58
C PRO A 478 13.38 -8.76 -8.04
N PHE A 479 12.19 -8.29 -8.36
CA PHE A 479 11.67 -8.37 -9.73
C PHE A 479 12.56 -7.64 -10.76
N ASN A 480 12.78 -8.28 -11.91
CA ASN A 480 13.34 -7.61 -13.08
C ASN A 480 12.55 -8.09 -14.29
N ASN A 481 12.25 -7.20 -15.23
CA ASN A 481 11.57 -7.62 -16.45
C ASN A 481 12.43 -8.61 -17.22
N GLU A 482 11.79 -9.55 -17.90
CA GLU A 482 12.54 -10.55 -18.65
C GLU A 482 13.26 -9.86 -19.81
N ALA A 483 14.50 -10.27 -20.07
CA ALA A 483 15.30 -9.73 -21.18
C ALA A 483 14.56 -9.78 -22.51
N MET A 484 14.60 -8.68 -23.25
CA MET A 484 13.94 -8.64 -24.55
C MET A 484 14.76 -9.37 -25.59
N VAL A 485 14.13 -9.80 -26.67
CA VAL A 485 14.88 -10.41 -27.76
C VAL A 485 15.90 -9.40 -28.29
N ASP A 486 17.07 -9.87 -28.68
CA ASP A 486 18.15 -8.97 -29.06
C ASP A 486 18.72 -9.39 -30.40
N PHE A 487 18.23 -8.77 -31.48
CA PHE A 487 18.63 -9.17 -32.83
C PHE A 487 20.02 -8.71 -33.27
N THR A 488 20.78 -8.11 -32.36
CA THR A 488 22.21 -7.89 -32.61
C THR A 488 22.94 -9.22 -32.53
N ARG A 489 22.29 -10.20 -31.88
CA ARG A 489 22.84 -11.55 -31.75
C ARG A 489 22.47 -12.47 -32.92
N ALA A 490 23.47 -13.13 -33.50
CA ALA A 490 23.26 -14.08 -34.59
C ALA A 490 22.28 -15.17 -34.19
N ASP A 491 22.46 -15.71 -32.99
CA ASP A 491 21.60 -16.80 -32.55
C ASP A 491 20.11 -16.39 -32.41
N HIS A 492 19.86 -15.16 -31.98
CA HIS A 492 18.48 -14.68 -31.92
C HIS A 492 17.87 -14.48 -33.30
N ARG A 493 18.68 -13.98 -34.23
CA ARG A 493 18.23 -13.87 -35.62
C ARG A 493 17.88 -15.24 -36.18
N ALA A 494 18.76 -16.22 -35.97
CA ALA A 494 18.55 -17.58 -36.51
C ALA A 494 17.41 -18.33 -35.82
N ALA A 495 17.11 -17.95 -34.58
CA ALA A 495 16.14 -18.70 -33.78
C ALA A 495 14.74 -18.70 -34.38
N PHE A 496 14.31 -17.57 -34.93
CA PHE A 496 12.93 -17.47 -35.38
C PHE A 496 12.54 -18.38 -36.54
N PRO A 497 13.26 -18.29 -37.70
CA PRO A 497 12.90 -19.17 -38.82
C PRO A 497 12.96 -20.64 -38.37
N LYS A 498 13.97 -20.97 -37.57
CA LYS A 498 14.09 -22.34 -37.05
C LYS A 498 12.84 -22.73 -36.26
N HIS A 499 12.45 -21.91 -35.29
CA HIS A 499 11.30 -22.26 -34.46
C HIS A 499 9.97 -22.16 -35.21
N ILE A 500 9.86 -21.24 -36.16
CA ILE A 500 8.68 -21.23 -37.02
C ILE A 500 8.57 -22.56 -37.77
N ALA A 501 9.67 -23.03 -38.33
CA ALA A 501 9.70 -24.34 -38.98
C ALA A 501 9.32 -25.49 -38.05
N GLN A 502 9.80 -25.43 -36.81
CA GLN A 502 9.52 -26.49 -35.84
C GLN A 502 8.04 -26.51 -35.49
N VAL A 503 7.45 -25.33 -35.34
CA VAL A 503 6.02 -25.25 -35.09
C VAL A 503 5.24 -25.87 -36.25
N ARG A 504 5.73 -25.66 -37.46
CA ARG A 504 5.07 -26.22 -38.63
C ARG A 504 5.08 -27.76 -38.75
N THR A 505 5.96 -28.43 -38.01
CA THR A 505 5.95 -29.90 -38.00
C THR A 505 4.86 -30.41 -37.06
N GLN A 506 4.24 -29.49 -36.32
CA GLN A 506 3.26 -29.93 -35.30
C GLN A 506 1.85 -29.35 -35.47
N LEU A 507 1.48 -29.02 -36.71
CA LEU A 507 0.15 -28.47 -36.99
C LEU A 507 -0.91 -29.57 -37.16
N GLY A 508 -2.18 -29.20 -37.06
CA GLY A 508 -3.26 -30.12 -37.37
C GLY A 508 -3.86 -30.85 -36.20
N LYS A 509 -3.44 -30.53 -34.98
CA LYS A 509 -3.95 -31.22 -33.80
C LYS A 509 -5.34 -30.75 -33.45
N THR A 510 -6.11 -31.62 -32.78
CA THR A 510 -7.38 -31.21 -32.17
C THR A 510 -7.15 -30.87 -30.69
N TYR A 511 -7.50 -29.65 -30.31
CA TYR A 511 -7.29 -29.19 -28.93
C TYR A 511 -8.57 -29.33 -28.11
N PRO A 512 -8.51 -30.08 -26.99
CA PRO A 512 -9.70 -30.37 -26.18
C PRO A 512 -9.96 -29.29 -25.14
N LEU A 513 -11.10 -29.36 -24.46
CA LEU A 513 -11.28 -28.57 -23.24
C LEU A 513 -10.34 -29.17 -22.17
N PHE A 514 -10.05 -28.41 -21.13
CA PHE A 514 -9.30 -28.93 -19.98
C PHE A 514 -10.09 -28.59 -18.73
N ILE A 515 -10.73 -29.60 -18.15
CA ILE A 515 -11.57 -29.41 -16.98
C ILE A 515 -11.19 -30.38 -15.87
N ASN A 516 -11.02 -29.86 -14.65
CA ASN A 516 -10.73 -30.70 -13.48
C ASN A 516 -9.54 -31.63 -13.71
N GLY A 517 -8.51 -31.11 -14.37
CA GLY A 517 -7.29 -31.87 -14.64
C GLY A 517 -7.35 -32.86 -15.80
N LYS A 518 -8.47 -32.90 -16.52
CA LYS A 518 -8.64 -33.85 -17.63
C LYS A 518 -8.97 -33.18 -18.97
N GLU A 519 -8.52 -33.82 -20.04
CA GLU A 519 -8.87 -33.40 -21.39
C GLU A 519 -10.28 -33.89 -21.72
N VAL A 520 -11.12 -32.96 -22.17
CA VAL A 520 -12.49 -33.28 -22.52
C VAL A 520 -12.73 -32.87 -23.98
N ARG A 521 -13.09 -33.84 -24.82
CA ARG A 521 -13.36 -33.55 -26.21
C ARG A 521 -14.84 -33.31 -26.48
N THR A 522 -15.14 -32.40 -27.39
CA THR A 522 -16.51 -32.25 -27.87
C THR A 522 -16.59 -32.48 -29.38
N ASN A 523 -17.82 -32.48 -29.90
CA ASN A 523 -18.04 -32.65 -31.32
C ASN A 523 -17.89 -31.35 -32.12
N ASP A 524 -18.18 -30.22 -31.47
CA ASP A 524 -18.13 -28.92 -32.15
C ASP A 524 -16.68 -28.41 -32.30
N LEU A 525 -16.16 -28.45 -33.53
CA LEU A 525 -14.79 -28.01 -33.82
C LEU A 525 -14.75 -26.70 -34.65
N ILE A 526 -13.90 -25.78 -34.24
CA ILE A 526 -13.61 -24.57 -35.01
C ILE A 526 -12.13 -24.53 -35.37
N PRO A 527 -11.81 -24.45 -36.67
CA PRO A 527 -10.41 -24.37 -37.08
C PRO A 527 -9.81 -23.00 -36.77
N THR A 528 -8.52 -22.99 -36.42
CA THR A 528 -7.76 -21.75 -36.25
C THR A 528 -6.73 -21.71 -37.38
N VAL A 529 -6.64 -20.59 -38.09
CA VAL A 529 -5.78 -20.50 -39.27
C VAL A 529 -4.79 -19.35 -39.14
N ASN A 530 -3.81 -19.33 -40.06
CA ASN A 530 -2.81 -18.27 -40.17
C ASN A 530 -3.40 -17.07 -40.93
N PRO A 531 -3.61 -15.93 -40.25
CA PRO A 531 -4.16 -14.70 -40.87
C PRO A 531 -3.38 -14.18 -42.07
N ASN A 532 -2.07 -14.40 -42.10
CA ASN A 532 -1.30 -14.00 -43.29
C ASN A 532 -1.39 -15.01 -44.41
N LYS A 533 -2.01 -16.16 -44.13
CA LYS A 533 -2.13 -17.24 -45.11
C LYS A 533 -3.22 -18.21 -44.68
N PRO A 534 -4.50 -17.82 -44.86
CA PRO A 534 -5.66 -18.52 -44.30
C PRO A 534 -5.77 -19.99 -44.69
N SER A 535 -5.22 -20.35 -45.84
CA SER A 535 -5.22 -21.75 -46.28
C SER A 535 -4.35 -22.65 -45.38
N GLU A 536 -3.45 -22.06 -44.62
CA GLU A 536 -2.69 -22.79 -43.61
C GLU A 536 -3.49 -22.95 -42.31
N VAL A 537 -4.02 -24.14 -42.09
CA VAL A 537 -4.79 -24.46 -40.88
C VAL A 537 -3.89 -24.98 -39.76
N LEU A 538 -3.89 -24.30 -38.61
CA LEU A 538 -2.96 -24.65 -37.54
C LEU A 538 -3.50 -25.76 -36.61
N GLY A 539 -4.81 -25.89 -36.55
CA GLY A 539 -5.44 -26.91 -35.73
C GLY A 539 -6.93 -26.69 -35.60
N GLN A 540 -7.57 -27.55 -34.81
CA GLN A 540 -9.01 -27.49 -34.59
C GLN A 540 -9.29 -27.40 -33.09
N ILE A 541 -10.24 -26.54 -32.71
CA ILE A 541 -10.54 -26.31 -31.30
C ILE A 541 -11.94 -26.79 -30.92
N CYS A 542 -12.00 -27.68 -29.93
CA CYS A 542 -13.28 -28.12 -29.36
C CYS A 542 -13.92 -26.95 -28.66
N GLN A 543 -15.22 -26.78 -28.87
CA GLN A 543 -15.96 -25.72 -28.20
C GLN A 543 -16.76 -26.33 -27.06
N ALA A 544 -16.73 -25.67 -25.90
CA ALA A 544 -17.55 -26.11 -24.77
C ALA A 544 -18.96 -25.57 -24.91
N GLY A 545 -19.97 -26.43 -24.72
CA GLY A 545 -21.34 -25.97 -24.55
C GLY A 545 -21.55 -25.50 -23.12
N THR A 546 -22.79 -25.19 -22.78
CA THR A 546 -23.10 -24.76 -21.42
C THR A 546 -22.97 -25.88 -20.41
N THR A 547 -23.17 -27.11 -20.87
CA THR A 547 -22.97 -28.25 -19.97
C THR A 547 -21.49 -28.35 -19.53
N GLU A 548 -20.57 -28.21 -20.48
CA GLU A 548 -19.16 -28.30 -20.15
C GLU A 548 -18.68 -27.06 -19.38
N VAL A 549 -19.26 -25.90 -19.71
CA VAL A 549 -18.94 -24.70 -18.93
C VAL A 549 -19.42 -24.86 -17.49
N GLY A 550 -20.62 -25.44 -17.33
CA GLY A 550 -21.16 -25.70 -16.02
C GLY A 550 -20.26 -26.65 -15.23
N ASP A 551 -19.76 -27.68 -15.92
CA ASP A 551 -18.86 -28.65 -15.29
C ASP A 551 -17.57 -27.98 -14.83
N ALA A 552 -17.07 -27.04 -15.62
CA ALA A 552 -15.80 -26.40 -15.30
C ALA A 552 -15.96 -25.50 -14.08
N ILE A 553 -17.03 -24.71 -14.06
CA ILE A 553 -17.35 -23.91 -12.90
C ILE A 553 -17.50 -24.81 -11.64
N ALA A 554 -18.20 -25.94 -11.77
CA ALA A 554 -18.37 -26.85 -10.64
C ALA A 554 -17.02 -27.39 -10.20
N ALA A 555 -16.18 -27.74 -11.17
CA ALA A 555 -14.84 -28.23 -10.85
C ALA A 555 -14.06 -27.16 -10.08
N ALA A 556 -14.17 -25.93 -10.56
CA ALA A 556 -13.51 -24.78 -9.94
C ALA A 556 -14.01 -24.57 -8.51
N LYS A 557 -15.32 -24.52 -8.35
CA LYS A 557 -15.93 -24.34 -7.03
C LYS A 557 -15.49 -25.44 -6.05
N ALA A 558 -15.35 -26.68 -6.54
CA ALA A 558 -14.96 -27.78 -5.65
C ALA A 558 -13.49 -27.68 -5.22
N ALA A 559 -12.63 -27.19 -6.12
CA ALA A 559 -11.21 -27.06 -5.81
C ALA A 559 -10.93 -25.88 -4.90
N PHE A 560 -11.87 -24.95 -4.88
CA PHE A 560 -11.69 -23.68 -4.19
C PHE A 560 -11.28 -23.78 -2.70
N PRO A 561 -12.09 -24.46 -1.84
CA PRO A 561 -11.76 -24.43 -0.41
C PRO A 561 -10.31 -24.81 -0.09
N ALA A 562 -9.82 -25.92 -0.64
CA ALA A 562 -8.42 -26.32 -0.44
C ALA A 562 -7.42 -25.32 -1.04
N TRP A 563 -7.73 -24.78 -2.23
CA TRP A 563 -6.85 -23.80 -2.84
C TRP A 563 -6.78 -22.54 -1.99
N ARG A 564 -7.94 -22.04 -1.57
CA ARG A 564 -8.00 -20.85 -0.71
C ARG A 564 -7.19 -21.05 0.58
N ASP A 565 -7.17 -22.28 1.08
CA ASP A 565 -6.45 -22.59 2.31
C ASP A 565 -4.97 -22.87 2.09
N THR A 566 -4.55 -22.87 0.82
CA THR A 566 -3.14 -23.10 0.50
C THR A 566 -2.33 -21.83 0.80
N ASP A 567 -1.14 -21.99 1.38
CA ASP A 567 -0.31 -20.85 1.78
C ASP A 567 0.06 -19.97 0.57
N PRO A 568 -0.14 -18.65 0.71
CA PRO A 568 0.17 -17.70 -0.37
C PRO A 568 1.58 -17.94 -0.95
N ARG A 569 2.53 -18.30 -0.09
CA ARG A 569 3.88 -18.59 -0.54
C ARG A 569 3.90 -19.80 -1.46
N THR A 570 3.12 -20.83 -1.11
CA THR A 570 3.07 -22.01 -1.95
C THR A 570 2.37 -21.67 -3.27
N ARG A 571 1.26 -20.94 -3.19
CA ARG A 571 0.56 -20.55 -4.40
C ARG A 571 1.46 -19.76 -5.35
N ALA A 572 2.23 -18.81 -4.81
CA ALA A 572 3.17 -18.04 -5.63
C ALA A 572 4.19 -18.93 -6.30
N GLU A 573 4.63 -19.98 -5.60
CA GLU A 573 5.61 -20.94 -6.16
C GLU A 573 5.17 -21.58 -7.49
N TYR A 574 3.87 -21.91 -7.59
CA TYR A 574 3.36 -22.44 -8.86
C TYR A 574 3.55 -21.44 -9.99
N LEU A 575 3.34 -20.16 -9.71
CA LEU A 575 3.51 -19.12 -10.72
C LEU A 575 4.97 -19.09 -11.14
N LEU A 576 5.86 -19.13 -10.14
CA LEU A 576 7.29 -19.14 -10.40
C LEU A 576 7.67 -20.34 -11.24
N LYS A 577 7.08 -21.50 -10.94
CA LYS A 577 7.37 -22.69 -11.75
C LYS A 577 6.89 -22.50 -13.19
N ALA A 578 5.69 -21.94 -13.35
CA ALA A 578 5.13 -21.71 -14.68
C ALA A 578 5.98 -20.74 -15.49
N ALA A 579 6.61 -19.80 -14.78
CA ALA A 579 7.48 -18.81 -15.42
C ALA A 579 8.76 -19.46 -15.95
N GLN A 580 9.35 -20.33 -15.15
CA GLN A 580 10.51 -21.06 -15.63
C GLN A 580 10.13 -21.93 -16.83
N ALA A 581 8.99 -22.60 -16.74
CA ALA A 581 8.50 -23.39 -17.87
C ALA A 581 8.37 -22.54 -19.14
N ALA A 582 7.79 -21.34 -19.00
CA ALA A 582 7.63 -20.46 -20.15
C ALA A 582 8.98 -19.94 -20.67
N ARG A 583 9.84 -19.54 -19.74
CA ARG A 583 11.16 -19.01 -20.09
C ARG A 583 11.92 -20.00 -20.97
N LYS A 584 11.81 -21.29 -20.63
CA LYS A 584 12.48 -22.35 -21.39
C LYS A 584 11.90 -22.55 -22.79
N ARG A 585 10.69 -22.05 -23.03
CA ARG A 585 10.03 -22.24 -24.33
C ARG A 585 9.86 -20.93 -25.07
N LEU A 586 10.61 -19.91 -24.66
CA LEU A 586 10.40 -18.54 -25.16
C LEU A 586 10.26 -18.40 -26.69
N PHE A 587 11.20 -18.94 -27.45
CA PHE A 587 11.17 -18.82 -28.91
C PHE A 587 10.08 -19.67 -29.53
N GLU A 588 9.88 -20.88 -28.99
CA GLU A 588 8.81 -21.77 -29.46
C GLU A 588 7.43 -21.11 -29.26
N LEU A 589 7.20 -20.59 -28.07
CA LEU A 589 5.95 -19.91 -27.75
C LEU A 589 5.74 -18.67 -28.63
N SER A 590 6.83 -17.96 -28.92
CA SER A 590 6.75 -16.81 -29.82
C SER A 590 6.38 -17.22 -31.25
N ALA A 591 6.98 -18.32 -31.72
CA ALA A 591 6.73 -18.75 -33.10
C ALA A 591 5.26 -19.08 -33.34
N TRP A 592 4.61 -19.69 -32.34
CA TRP A 592 3.19 -20.04 -32.44
C TRP A 592 2.39 -18.76 -32.69
N GLN A 593 2.75 -17.71 -31.97
CA GLN A 593 2.03 -16.44 -32.11
C GLN A 593 2.26 -15.81 -33.46
N VAL A 594 3.48 -15.94 -33.99
CA VAL A 594 3.78 -15.38 -35.31
C VAL A 594 2.83 -15.94 -36.35
N LEU A 595 2.56 -17.23 -36.27
CA LEU A 595 1.70 -17.93 -37.23
C LEU A 595 0.21 -17.82 -36.91
N GLU A 596 -0.17 -17.92 -35.64
CA GLU A 596 -1.58 -17.98 -35.29
C GLU A 596 -2.29 -16.61 -35.29
N ILE A 597 -1.59 -15.55 -34.92
CA ILE A 597 -2.26 -14.24 -34.85
C ILE A 597 -1.52 -13.15 -35.63
N GLY A 598 -0.41 -13.51 -36.26
CA GLY A 598 0.23 -12.57 -37.16
C GLY A 598 1.08 -11.55 -36.46
N LYS A 599 1.63 -11.93 -35.30
CA LYS A 599 2.62 -11.10 -34.61
C LYS A 599 3.95 -11.09 -35.35
N GLN A 600 4.56 -9.91 -35.45
CA GLN A 600 5.93 -9.76 -35.93
C GLN A 600 6.84 -10.43 -34.89
N TRP A 601 8.08 -10.76 -35.27
CA TRP A 601 9.00 -11.48 -34.38
C TRP A 601 9.15 -10.82 -33.02
N ASP A 602 9.47 -9.53 -33.01
CA ASP A 602 9.64 -8.78 -31.75
C ASP A 602 8.34 -8.73 -30.94
N GLN A 603 7.21 -8.58 -31.64
CA GLN A 603 5.91 -8.45 -30.99
C GLN A 603 5.57 -9.77 -30.31
N ALA A 604 5.89 -10.87 -30.99
CA ALA A 604 5.63 -12.19 -30.43
C ALA A 604 6.46 -12.42 -29.16
N TYR A 605 7.76 -12.18 -29.26
CA TYR A 605 8.68 -12.42 -28.14
C TYR A 605 8.30 -11.51 -26.95
N ALA A 606 7.90 -10.28 -27.24
CA ALA A 606 7.46 -9.35 -26.20
C ALA A 606 6.18 -9.80 -25.49
N ASP A 607 5.31 -10.49 -26.22
CA ASP A 607 4.08 -11.03 -25.65
C ASP A 607 4.38 -12.12 -24.63
N VAL A 608 5.39 -12.94 -24.92
CA VAL A 608 5.75 -14.02 -24.01
C VAL A 608 6.52 -13.49 -22.80
N THR A 609 7.44 -12.56 -23.01
CA THR A 609 8.20 -12.01 -21.88
C THR A 609 7.28 -11.31 -20.88
N GLU A 610 6.28 -10.59 -21.40
CA GLU A 610 5.28 -9.94 -20.55
C GLU A 610 4.49 -10.98 -19.71
N ALA A 611 4.03 -12.05 -20.36
CA ALA A 611 3.41 -13.18 -19.64
C ALA A 611 4.31 -13.67 -18.51
N ILE A 612 5.59 -13.84 -18.81
CA ILE A 612 6.57 -14.26 -17.81
C ILE A 612 6.65 -13.21 -16.72
N ASP A 613 6.70 -11.94 -17.13
CA ASP A 613 6.77 -10.83 -16.19
C ASP A 613 5.58 -10.84 -15.22
N PHE A 614 4.38 -11.10 -15.74
CA PHE A 614 3.19 -11.17 -14.88
C PHE A 614 3.36 -12.27 -13.83
N LEU A 615 3.82 -13.44 -14.28
CA LEU A 615 4.01 -14.56 -13.37
C LEU A 615 4.98 -14.19 -12.25
N GLU A 616 6.13 -13.63 -12.61
CA GLU A 616 7.15 -13.27 -11.63
C GLU A 616 6.70 -12.15 -10.70
N TYR A 617 5.98 -11.18 -11.26
CA TYR A 617 5.58 -10.00 -10.49
C TYR A 617 4.43 -10.33 -9.50
N TYR A 618 3.42 -11.04 -9.98
CA TYR A 618 2.29 -11.41 -9.11
C TYR A 618 2.71 -12.40 -8.01
N ALA A 619 3.66 -13.29 -8.31
CA ALA A 619 4.24 -14.17 -7.29
C ALA A 619 4.73 -13.32 -6.11
N ARG A 620 5.57 -12.34 -6.42
CA ARG A 620 6.13 -11.46 -5.40
C ARG A 620 5.04 -10.64 -4.71
N GLU A 621 4.11 -10.13 -5.49
CA GLU A 621 3.00 -9.35 -4.94
C GLU A 621 2.14 -10.17 -3.95
N MET A 622 1.85 -11.43 -4.26
CA MET A 622 1.11 -12.27 -3.30
C MET A 622 1.91 -12.57 -2.03
N ILE A 623 3.19 -12.84 -2.17
CA ILE A 623 4.09 -13.00 -1.03
C ILE A 623 4.09 -11.74 -0.14
N ARG A 624 4.10 -10.56 -0.75
CA ARG A 624 4.04 -9.30 -0.01
C ARG A 624 2.69 -9.15 0.72
N LEU A 625 1.62 -9.48 0.03
CA LEU A 625 0.29 -9.22 0.57
C LEU A 625 -0.19 -10.39 1.43
N GLY A 626 0.57 -11.49 1.37
CA GLY A 626 0.17 -12.73 2.02
C GLY A 626 0.24 -12.73 3.53
N GLN A 627 1.10 -11.88 4.10
CA GLN A 627 1.21 -11.82 5.56
C GLN A 627 0.26 -10.82 6.22
N PRO A 628 -0.58 -11.33 7.14
CA PRO A 628 -1.39 -10.48 8.03
C PRO A 628 -0.54 -9.37 8.65
N GLN A 629 -1.06 -8.14 8.65
CA GLN A 629 -0.38 -7.02 9.27
C GLN A 629 -1.12 -6.57 10.52
N ARG A 630 -0.41 -6.34 11.60
CA ARG A 630 -1.03 -5.78 12.79
C ARG A 630 -1.44 -4.36 12.44
N VAL A 631 -2.69 -3.98 12.73
CA VAL A 631 -3.08 -2.58 12.62
C VAL A 631 -3.51 -2.03 13.97
N GLY A 632 -3.31 -0.74 14.16
CA GLY A 632 -3.50 -0.14 15.46
C GLY A 632 -2.35 -0.53 16.38
N HIS A 633 -2.25 0.15 17.52
CA HIS A 633 -1.13 -0.09 18.41
C HIS A 633 -1.58 -0.07 19.86
N ALA A 634 -2.87 -0.25 20.08
CA ALA A 634 -3.37 -0.28 21.45
C ALA A 634 -2.95 -1.59 22.13
N PRO A 635 -2.58 -1.52 23.41
CA PRO A 635 -2.19 -2.72 24.15
C PRO A 635 -3.41 -3.56 24.55
N GLY A 636 -3.18 -4.81 24.94
CA GLY A 636 -4.27 -5.70 25.35
C GLY A 636 -5.16 -6.10 24.18
N GLU A 637 -4.74 -5.74 22.98
CA GLU A 637 -5.54 -5.94 21.79
C GLU A 637 -4.65 -6.26 20.60
N LEU A 638 -5.09 -7.18 19.74
CA LEU A 638 -4.39 -7.45 18.49
C LEU A 638 -5.38 -7.40 17.35
N ASN A 639 -5.17 -6.49 16.41
CA ASN A 639 -5.95 -6.44 15.18
C ASN A 639 -5.09 -6.87 14.01
N HIS A 640 -5.50 -7.92 13.31
CA HIS A 640 -4.82 -8.29 12.08
C HIS A 640 -5.72 -8.10 10.87
N TYR A 641 -5.12 -7.57 9.80
CA TYR A 641 -5.79 -7.21 8.57
C TYR A 641 -5.12 -8.06 7.51
N PHE A 642 -5.93 -8.72 6.69
CA PHE A 642 -5.38 -9.66 5.74
C PHE A 642 -6.40 -9.88 4.64
N TYR A 643 -6.00 -10.60 3.60
CA TYR A 643 -6.84 -10.74 2.41
C TYR A 643 -7.23 -12.18 2.10
N GLU A 644 -8.39 -12.34 1.47
CA GLU A 644 -8.89 -13.65 1.09
C GLU A 644 -9.49 -13.58 -0.31
N PRO A 645 -9.41 -14.70 -1.06
CA PRO A 645 -10.01 -14.76 -2.40
C PRO A 645 -11.56 -14.76 -2.36
N LYS A 646 -12.16 -14.71 -3.55
CA LYS A 646 -13.61 -14.60 -3.65
C LYS A 646 -14.24 -15.94 -4.00
N GLY A 647 -13.63 -16.67 -4.93
CA GLY A 647 -14.22 -17.91 -5.35
C GLY A 647 -13.87 -18.26 -6.78
N VAL A 648 -14.89 -18.40 -7.61
CA VAL A 648 -14.67 -18.78 -9.00
C VAL A 648 -14.58 -17.55 -9.88
N ALA A 649 -13.49 -17.44 -10.63
CA ALA A 649 -13.22 -16.33 -11.52
C ALA A 649 -13.37 -16.75 -12.97
N ALA A 650 -14.16 -15.99 -13.72
CA ALA A 650 -14.24 -16.19 -15.17
C ALA A 650 -13.20 -15.29 -15.83
N VAL A 651 -12.29 -15.88 -16.60
CA VAL A 651 -11.32 -15.09 -17.33
C VAL A 651 -11.66 -15.14 -18.83
N ILE A 652 -12.03 -13.98 -19.37
CA ILE A 652 -12.49 -13.91 -20.75
C ILE A 652 -11.45 -13.08 -21.52
N ALA A 653 -10.67 -13.74 -22.38
CA ALA A 653 -9.45 -13.13 -22.91
C ALA A 653 -9.48 -12.69 -24.38
N PRO A 654 -8.70 -11.65 -24.71
CA PRO A 654 -8.65 -11.14 -26.09
C PRO A 654 -7.62 -11.90 -26.94
N TRP A 655 -7.67 -11.72 -28.25
CA TRP A 655 -6.75 -12.39 -29.15
C TRP A 655 -5.45 -11.59 -29.37
N ASN A 656 -5.49 -10.29 -29.06
CA ASN A 656 -4.40 -9.39 -29.47
C ASN A 656 -3.13 -9.49 -28.61
N PHE A 657 -3.29 -9.83 -27.34
CA PHE A 657 -2.16 -10.23 -26.52
C PHE A 657 -2.47 -11.59 -25.90
N PRO A 658 -2.50 -12.63 -26.74
CA PRO A 658 -3.06 -13.95 -26.44
C PRO A 658 -2.36 -14.68 -25.29
N LEU A 659 -1.08 -14.41 -25.04
CA LEU A 659 -0.44 -15.03 -23.88
C LEU A 659 -0.34 -14.06 -22.70
N ALA A 660 0.14 -12.84 -22.96
CA ALA A 660 0.40 -11.87 -21.91
C ALA A 660 -0.86 -11.51 -21.11
N ILE A 661 -1.90 -11.05 -21.81
CA ILE A 661 -3.11 -10.63 -21.11
C ILE A 661 -3.82 -11.82 -20.44
N SER A 662 -3.96 -12.92 -21.17
CA SER A 662 -4.54 -14.14 -20.61
C SER A 662 -3.84 -14.56 -19.32
N MET A 663 -2.52 -14.68 -19.39
CA MET A 663 -1.71 -15.15 -18.26
C MET A 663 -1.75 -14.15 -17.10
N GLY A 664 -1.69 -12.86 -17.41
CA GLY A 664 -1.82 -11.82 -16.40
C GLY A 664 -3.09 -11.99 -15.57
N MET A 665 -4.24 -12.01 -16.24
CA MET A 665 -5.53 -12.11 -15.56
C MET A 665 -5.73 -13.45 -14.85
N ALA A 666 -5.35 -14.54 -15.51
CA ALA A 666 -5.49 -15.87 -14.89
C ALA A 666 -4.54 -16.08 -13.70
N SER A 667 -3.26 -15.79 -13.88
CA SER A 667 -2.32 -15.99 -12.77
C SER A 667 -2.65 -15.08 -11.59
N ALA A 668 -3.11 -13.87 -11.90
CA ALA A 668 -3.55 -12.94 -10.85
C ALA A 668 -4.65 -13.59 -10.02
N ALA A 669 -5.69 -14.08 -10.68
CA ALA A 669 -6.82 -14.68 -9.98
C ALA A 669 -6.37 -15.93 -9.20
N ILE A 670 -5.50 -16.71 -9.83
CA ILE A 670 -5.05 -17.97 -9.26
C ILE A 670 -4.17 -17.77 -8.04
N VAL A 671 -3.17 -16.88 -8.16
CA VAL A 671 -2.26 -16.66 -7.05
C VAL A 671 -2.97 -16.09 -5.82
N THR A 672 -4.06 -15.36 -6.06
CA THR A 672 -4.78 -14.73 -4.95
C THR A 672 -5.71 -15.73 -4.27
N GLY A 673 -5.82 -16.93 -4.83
CA GLY A 673 -6.52 -18.00 -4.15
C GLY A 673 -7.83 -18.38 -4.80
N ASN A 674 -8.16 -17.75 -5.92
CA ASN A 674 -9.37 -18.07 -6.66
C ASN A 674 -9.13 -19.24 -7.62
N CYS A 675 -10.20 -19.82 -8.12
CA CYS A 675 -10.08 -20.82 -9.18
C CYS A 675 -10.73 -20.26 -10.45
N VAL A 676 -10.16 -20.64 -11.61
CA VAL A 676 -10.45 -19.97 -12.88
C VAL A 676 -11.13 -20.86 -13.91
N VAL A 677 -12.16 -20.32 -14.55
CA VAL A 677 -12.69 -20.88 -15.79
C VAL A 677 -12.30 -19.86 -16.88
N PHE A 678 -11.54 -20.32 -17.86
CA PHE A 678 -10.86 -19.42 -18.79
C PHE A 678 -11.38 -19.61 -20.20
N LYS A 679 -11.94 -18.57 -20.80
CA LYS A 679 -12.37 -18.62 -22.18
C LYS A 679 -11.41 -17.82 -23.07
N PRO A 680 -10.56 -18.52 -23.83
CA PRO A 680 -9.66 -17.80 -24.75
C PRO A 680 -10.45 -17.31 -25.96
N SER A 681 -9.93 -16.30 -26.65
CA SER A 681 -10.51 -15.91 -27.92
C SER A 681 -10.37 -17.07 -28.90
N GLY A 682 -11.39 -17.26 -29.75
CA GLY A 682 -11.39 -18.33 -30.74
C GLY A 682 -10.13 -18.39 -31.61
N ILE A 683 -9.75 -17.25 -32.18
CA ILE A 683 -8.63 -17.24 -33.14
C ILE A 683 -7.24 -17.40 -32.49
N THR A 684 -7.18 -17.33 -31.17
CA THR A 684 -5.91 -17.56 -30.49
C THR A 684 -6.01 -18.68 -29.45
N SER A 685 -6.88 -19.66 -29.73
CA SER A 685 -7.13 -20.73 -28.78
C SER A 685 -5.90 -21.59 -28.52
N ILE A 686 -5.06 -21.79 -29.53
CA ILE A 686 -3.84 -22.55 -29.29
C ILE A 686 -2.95 -21.83 -28.27
N ILE A 687 -2.88 -20.51 -28.36
CA ILE A 687 -2.13 -19.74 -27.37
C ILE A 687 -2.76 -19.96 -26.00
N GLY A 688 -4.09 -20.04 -25.96
CA GLY A 688 -4.79 -20.29 -24.71
C GLY A 688 -4.37 -21.64 -24.19
N TRP A 689 -4.24 -22.58 -25.10
CA TRP A 689 -3.79 -23.91 -24.72
C TRP A 689 -2.38 -23.89 -24.07
N HIS A 690 -1.57 -22.90 -24.43
CA HIS A 690 -0.23 -22.76 -23.81
C HIS A 690 -0.31 -22.55 -22.29
N LEU A 691 -1.32 -21.81 -21.84
CA LEU A 691 -1.60 -21.71 -20.40
C LEU A 691 -1.85 -23.09 -19.80
N VAL A 692 -2.61 -23.93 -20.50
CA VAL A 692 -2.86 -25.28 -19.98
C VAL A 692 -1.53 -25.99 -19.82
N GLU A 693 -0.69 -25.89 -20.86
CA GLU A 693 0.61 -26.55 -20.85
C GLU A 693 1.48 -26.05 -19.70
N LEU A 694 1.48 -24.74 -19.49
CA LEU A 694 2.37 -24.17 -18.48
C LEU A 694 1.92 -24.49 -17.04
N PHE A 695 0.62 -24.40 -16.77
CA PHE A 695 0.13 -24.71 -15.45
C PHE A 695 0.20 -26.21 -15.17
N ARG A 696 0.14 -27.00 -16.23
CA ARG A 696 0.30 -28.44 -16.09
C ARG A 696 1.72 -28.70 -15.64
N GLU A 697 2.68 -28.13 -16.36
CA GLU A 697 4.09 -28.33 -16.07
C GLU A 697 4.40 -27.83 -14.65
N ALA A 698 3.68 -26.80 -14.20
CA ALA A 698 3.88 -26.30 -12.84
C ALA A 698 3.24 -27.20 -11.77
N GLY A 699 2.51 -28.23 -12.19
CA GLY A 699 1.83 -29.11 -11.26
C GLY A 699 0.61 -28.54 -10.54
N LEU A 700 -0.07 -27.56 -11.15
CA LEU A 700 -1.22 -26.93 -10.50
C LEU A 700 -2.33 -27.93 -10.15
N PRO A 701 -2.91 -27.83 -8.94
CA PRO A 701 -3.96 -28.76 -8.50
C PRO A 701 -5.17 -28.73 -9.42
N GLU A 702 -5.75 -29.90 -9.66
CA GLU A 702 -6.90 -30.06 -10.54
C GLU A 702 -8.05 -29.13 -10.22
N GLY A 703 -8.65 -28.56 -11.25
CA GLY A 703 -9.81 -27.72 -11.05
C GLY A 703 -9.45 -26.27 -10.80
N VAL A 704 -8.21 -25.99 -10.41
CA VAL A 704 -7.77 -24.60 -10.18
C VAL A 704 -7.70 -23.76 -11.49
N PHE A 705 -7.39 -24.41 -12.61
CA PHE A 705 -7.41 -23.73 -13.90
C PHE A 705 -8.17 -24.58 -14.91
N ASN A 706 -9.20 -24.01 -15.50
CA ASN A 706 -9.98 -24.73 -16.51
C ASN A 706 -10.07 -23.93 -17.81
N PHE A 707 -9.91 -24.65 -18.93
CA PHE A 707 -9.80 -24.09 -20.27
C PHE A 707 -11.06 -24.48 -21.04
N THR A 708 -11.95 -23.52 -21.28
CA THR A 708 -13.20 -23.80 -21.96
C THR A 708 -13.43 -22.82 -23.10
N PRO A 709 -12.71 -23.00 -24.21
CA PRO A 709 -13.08 -22.22 -25.40
C PRO A 709 -14.53 -22.56 -25.76
N GLY A 710 -15.26 -21.59 -26.30
CA GLY A 710 -16.63 -21.82 -26.68
C GLY A 710 -17.16 -20.68 -27.53
N ARG A 711 -18.30 -20.87 -28.18
CA ARG A 711 -18.94 -19.80 -28.94
C ARG A 711 -19.68 -18.86 -27.99
N GLY A 712 -19.32 -17.59 -28.00
CA GLY A 712 -19.90 -16.62 -27.10
C GLY A 712 -21.41 -16.51 -27.19
N SER A 713 -21.95 -16.80 -28.37
CA SER A 713 -23.40 -16.79 -28.58
C SER A 713 -24.05 -17.99 -27.90
N VAL A 714 -23.30 -19.06 -27.71
CA VAL A 714 -23.79 -20.24 -26.99
C VAL A 714 -23.60 -20.15 -25.46
N MET A 715 -22.40 -19.81 -25.00
CA MET A 715 -22.08 -19.91 -23.57
C MET A 715 -21.54 -18.64 -22.93
N GLY A 716 -21.57 -17.53 -23.66
CA GLY A 716 -21.08 -16.26 -23.15
C GLY A 716 -21.82 -15.74 -21.93
N ASP A 717 -23.12 -15.46 -22.09
CA ASP A 717 -23.93 -14.95 -20.98
C ASP A 717 -23.99 -15.95 -19.85
N TYR A 718 -24.13 -17.23 -20.21
CA TYR A 718 -24.15 -18.33 -19.25
C TYR A 718 -22.99 -18.22 -18.26
N LEU A 719 -21.77 -18.11 -18.78
CA LEU A 719 -20.59 -17.96 -17.92
C LEU A 719 -20.72 -16.73 -17.01
N VAL A 720 -21.14 -15.61 -17.60
CA VAL A 720 -21.21 -14.36 -16.85
C VAL A 720 -22.36 -14.32 -15.85
N ASP A 721 -23.49 -14.93 -16.22
CA ASP A 721 -24.69 -14.92 -15.37
C ASP A 721 -24.66 -15.94 -14.23
N HIS A 722 -23.76 -16.92 -14.33
CA HIS A 722 -23.77 -18.06 -13.41
C HIS A 722 -23.62 -17.61 -11.96
N PRO A 723 -24.44 -18.17 -11.06
CA PRO A 723 -24.46 -17.74 -9.67
C PRO A 723 -23.23 -18.17 -8.88
N ASP A 724 -22.48 -19.15 -9.39
CA ASP A 724 -21.26 -19.56 -8.69
C ASP A 724 -20.03 -18.72 -9.08
N ILE A 725 -20.20 -17.81 -10.04
CA ILE A 725 -19.12 -16.87 -10.42
C ILE A 725 -19.05 -15.69 -9.44
N SER A 726 -17.86 -15.39 -8.93
CA SER A 726 -17.70 -14.28 -7.99
C SER A 726 -16.91 -13.13 -8.60
N LEU A 727 -16.21 -13.41 -9.69
CA LEU A 727 -15.33 -12.42 -10.29
C LEU A 727 -15.23 -12.64 -11.79
N ILE A 728 -15.23 -11.54 -12.55
CA ILE A 728 -15.07 -11.60 -13.99
C ILE A 728 -13.92 -10.70 -14.43
N ALA A 729 -12.87 -11.30 -14.98
CA ALA A 729 -11.78 -10.52 -15.58
C ALA A 729 -11.94 -10.54 -17.08
N PHE A 730 -12.06 -9.35 -17.68
CA PHE A 730 -12.34 -9.22 -19.11
C PHE A 730 -11.47 -8.15 -19.77
N THR A 731 -11.02 -8.47 -20.98
CA THR A 731 -10.33 -7.50 -21.81
C THR A 731 -10.92 -7.68 -23.20
N GLY A 732 -11.23 -6.58 -23.86
CA GLY A 732 -11.87 -6.65 -25.16
C GLY A 732 -12.68 -5.39 -25.47
N SER A 733 -13.64 -5.52 -26.37
CA SER A 733 -14.42 -4.37 -26.82
C SER A 733 -15.29 -3.74 -25.73
N MET A 734 -15.49 -2.42 -25.82
CA MET A 734 -16.35 -1.70 -24.87
C MET A 734 -17.78 -2.24 -24.86
N GLU A 735 -18.32 -2.50 -26.05
CA GLU A 735 -19.68 -3.03 -26.19
C GLU A 735 -19.85 -4.27 -25.33
N THR A 736 -18.98 -5.24 -25.53
CA THR A 736 -19.04 -6.50 -24.78
C THR A 736 -18.79 -6.27 -23.30
N GLY A 737 -17.77 -5.48 -22.99
CA GLY A 737 -17.40 -5.22 -21.60
C GLY A 737 -18.53 -4.56 -20.82
N LEU A 738 -19.20 -3.60 -21.44
CA LEU A 738 -20.31 -2.89 -20.79
C LEU A 738 -21.52 -3.79 -20.58
N ARG A 739 -21.75 -4.69 -21.53
CA ARG A 739 -22.81 -5.68 -21.40
C ARG A 739 -22.50 -6.59 -20.21
N ILE A 740 -21.28 -7.10 -20.16
CA ILE A 740 -20.86 -7.94 -19.04
C ILE A 740 -21.08 -7.26 -17.70
N ILE A 741 -20.67 -5.99 -17.61
CA ILE A 741 -20.82 -5.22 -16.37
C ILE A 741 -22.28 -5.15 -15.98
N GLU A 742 -23.14 -4.90 -16.95
CA GLU A 742 -24.57 -4.76 -16.68
C GLU A 742 -25.19 -6.09 -16.20
N ARG A 743 -24.83 -7.19 -16.86
CA ARG A 743 -25.39 -8.50 -16.50
C ARG A 743 -24.84 -9.03 -15.17
N ALA A 744 -23.57 -8.71 -14.90
CA ALA A 744 -22.92 -9.21 -13.70
C ALA A 744 -23.43 -8.52 -12.44
N ALA A 745 -24.03 -7.35 -12.63
CA ALA A 745 -24.56 -6.57 -11.51
C ALA A 745 -25.77 -7.24 -10.83
N LYS A 746 -26.46 -8.12 -11.54
CA LYS A 746 -27.60 -8.83 -10.95
C LYS A 746 -27.13 -9.94 -9.99
N VAL A 747 -27.71 -9.98 -8.79
CA VAL A 747 -27.47 -11.08 -7.86
C VAL A 747 -28.57 -12.14 -8.05
N HIS A 748 -28.20 -13.31 -8.55
CA HIS A 748 -29.14 -14.39 -8.78
C HIS A 748 -29.34 -15.21 -7.50
N PRO A 749 -30.38 -16.06 -7.46
CA PRO A 749 -30.55 -16.94 -6.30
C PRO A 749 -29.32 -17.84 -6.17
N GLY A 750 -28.80 -17.98 -4.95
CA GLY A 750 -27.64 -18.83 -4.71
C GLY A 750 -26.31 -18.11 -4.87
N GLN A 751 -26.35 -16.89 -5.39
CA GLN A 751 -25.10 -16.17 -5.65
C GLN A 751 -24.53 -15.59 -4.35
N ALA A 752 -23.40 -16.14 -3.93
CA ALA A 752 -22.82 -15.79 -2.65
C ALA A 752 -22.33 -14.34 -2.57
N ASN A 753 -21.83 -13.80 -3.67
CA ASN A 753 -21.19 -12.48 -3.65
C ASN A 753 -21.70 -11.53 -4.72
N VAL A 754 -21.59 -10.22 -4.47
CA VAL A 754 -21.67 -9.26 -5.56
C VAL A 754 -20.44 -9.48 -6.46
N LYS A 755 -20.70 -9.66 -7.76
CA LYS A 755 -19.64 -9.98 -8.70
C LYS A 755 -18.63 -8.84 -8.85
N LYS A 756 -17.35 -9.13 -8.60
CA LYS A 756 -16.28 -8.17 -8.86
C LYS A 756 -15.95 -8.15 -10.36
N ILE A 757 -15.79 -6.94 -10.90
CA ILE A 757 -15.48 -6.72 -12.31
C ILE A 757 -14.10 -6.11 -12.51
N ILE A 758 -13.23 -6.83 -13.23
CA ILE A 758 -12.00 -6.26 -13.77
C ILE A 758 -12.21 -6.16 -15.28
N SER A 759 -12.31 -4.94 -15.79
CA SER A 759 -12.56 -4.74 -17.20
C SER A 759 -11.53 -3.78 -17.80
N GLU A 760 -11.14 -4.06 -19.04
CA GLU A 760 -10.27 -3.20 -19.80
C GLU A 760 -10.89 -3.20 -21.18
N MET A 761 -11.35 -2.04 -21.61
CA MET A 761 -12.17 -1.94 -22.82
C MET A 761 -11.57 -1.07 -23.94
N GLY A 762 -10.26 -0.88 -23.94
CA GLY A 762 -9.60 -0.26 -25.09
C GLY A 762 -9.57 1.27 -25.09
N GLY A 763 -9.21 1.85 -26.23
CA GLY A 763 -9.11 3.31 -26.31
C GLY A 763 -9.11 3.92 -27.69
N LYS A 764 -9.11 5.26 -27.71
CA LYS A 764 -8.91 6.02 -28.94
C LYS A 764 -7.75 6.97 -28.65
N ASN A 765 -6.55 6.41 -28.67
CA ASN A 765 -5.37 7.05 -28.10
C ASN A 765 -4.70 8.04 -29.02
N ALA A 766 -4.37 9.21 -28.46
CA ALA A 766 -3.72 10.26 -29.24
C ALA A 766 -2.28 10.54 -28.81
N ILE A 767 -1.47 10.92 -29.80
CA ILE A 767 -0.16 11.51 -29.53
C ILE A 767 -0.16 12.96 -30.03
N ILE A 768 0.22 13.90 -29.17
CA ILE A 768 0.30 15.31 -29.56
C ILE A 768 1.73 15.64 -29.98
N ILE A 769 1.85 16.29 -31.14
CA ILE A 769 3.14 16.78 -31.60
C ILE A 769 3.17 18.30 -31.48
N ASP A 770 3.87 18.78 -30.45
CA ASP A 770 3.97 20.21 -30.17
C ASP A 770 4.85 20.89 -31.20
N ASP A 771 4.72 22.20 -31.38
CA ASP A 771 5.55 22.83 -32.42
C ASP A 771 7.04 22.82 -32.15
N ASP A 772 7.44 22.43 -30.94
CA ASP A 772 8.87 22.38 -30.64
C ASP A 772 9.39 20.94 -30.56
N ALA A 773 8.54 20.00 -30.98
CA ALA A 773 8.87 18.59 -30.93
C ALA A 773 10.10 18.25 -31.78
N ASP A 774 10.87 17.28 -31.31
CA ASP A 774 11.96 16.71 -32.10
C ASP A 774 11.35 15.73 -33.10
N LEU A 775 11.24 16.16 -34.36
CA LEU A 775 10.56 15.39 -35.40
C LEU A 775 11.30 14.10 -35.76
N ASP A 776 12.61 14.06 -35.53
CA ASP A 776 13.40 12.86 -35.84
C ASP A 776 13.05 11.72 -34.89
N GLU A 777 12.60 12.06 -33.69
CA GLU A 777 12.13 11.08 -32.72
C GLU A 777 10.64 10.86 -32.93
N ALA A 778 9.94 11.96 -33.12
CA ALA A 778 8.49 11.94 -33.18
C ALA A 778 7.98 11.03 -34.28
N VAL A 779 8.54 11.16 -35.48
CA VAL A 779 8.03 10.42 -36.63
C VAL A 779 8.09 8.88 -36.46
N PRO A 780 9.28 8.31 -36.22
CA PRO A 780 9.23 6.85 -36.14
C PRO A 780 8.45 6.35 -34.93
N HIS A 781 8.44 7.10 -33.83
CA HIS A 781 7.64 6.69 -32.67
C HIS A 781 6.14 6.71 -32.96
N VAL A 782 5.69 7.75 -33.67
CA VAL A 782 4.28 7.83 -34.06
C VAL A 782 3.91 6.70 -35.03
N LEU A 783 4.80 6.43 -35.98
CA LEU A 783 4.53 5.38 -36.97
C LEU A 783 4.39 4.02 -36.31
N TYR A 784 5.25 3.74 -35.34
CA TYR A 784 5.23 2.49 -34.60
C TYR A 784 3.99 2.38 -33.70
N SER A 785 3.63 3.46 -33.02
CA SER A 785 2.47 3.47 -32.14
C SER A 785 1.22 3.16 -32.91
N ALA A 786 1.16 3.66 -34.14
CA ALA A 786 -0.01 3.47 -34.98
C ALA A 786 -0.06 2.13 -35.69
N PHE A 787 1.10 1.66 -36.16
CA PHE A 787 1.09 0.52 -37.08
C PHE A 787 1.85 -0.71 -36.60
N GLY A 788 2.48 -0.61 -35.44
CA GLY A 788 3.02 -1.79 -34.76
C GLY A 788 1.89 -2.79 -34.59
N PHE A 789 2.14 -4.05 -34.96
CA PHE A 789 1.11 -5.09 -34.94
C PHE A 789 -0.19 -4.63 -35.61
N GLN A 790 -0.06 -3.93 -36.74
CA GLN A 790 -1.23 -3.53 -37.53
C GLN A 790 -2.18 -2.62 -36.75
N GLY A 791 -1.67 -1.94 -35.72
CA GLY A 791 -2.53 -1.14 -34.87
C GLY A 791 -3.52 -1.92 -33.99
N GLN A 792 -3.30 -3.23 -33.84
CA GLN A 792 -4.22 -4.07 -33.05
C GLN A 792 -3.88 -4.06 -31.54
N LYS A 793 -3.73 -2.87 -30.99
CA LYS A 793 -3.41 -2.73 -29.58
C LYS A 793 -4.36 -1.73 -28.94
N CYS A 794 -4.86 -2.07 -27.75
CA CYS A 794 -5.70 -1.17 -26.99
C CYS A 794 -5.00 0.18 -26.83
N SER A 795 -3.66 0.12 -26.79
CA SER A 795 -2.80 1.26 -26.52
C SER A 795 -2.41 2.04 -27.78
N ALA A 796 -2.80 1.51 -28.94
CA ALA A 796 -2.29 2.00 -30.21
C ALA A 796 -2.68 3.44 -30.46
N CYS A 797 -1.80 4.19 -31.12
CA CYS A 797 -2.14 5.57 -31.49
C CYS A 797 -3.00 5.58 -32.74
N SER A 798 -4.21 6.09 -32.62
CA SER A 798 -5.12 6.15 -33.75
C SER A 798 -5.43 7.60 -34.07
N ARG A 799 -4.89 8.50 -33.25
CA ARG A 799 -5.02 9.93 -33.50
C ARG A 799 -3.67 10.63 -33.26
N VAL A 800 -3.16 11.31 -34.28
CA VAL A 800 -2.00 12.17 -34.05
C VAL A 800 -2.46 13.62 -34.19
N ILE A 801 -2.30 14.39 -33.12
CA ILE A 801 -2.82 15.75 -33.06
C ILE A 801 -1.64 16.68 -33.16
N VAL A 802 -1.52 17.33 -34.32
CA VAL A 802 -0.30 18.06 -34.66
C VAL A 802 -0.53 19.56 -34.62
N LEU A 803 0.34 20.27 -33.91
CA LEU A 803 0.29 21.73 -33.83
C LEU A 803 0.45 22.36 -35.23
N ASP A 804 -0.42 23.33 -35.48
CA ASP A 804 -0.50 24.09 -36.73
C ASP A 804 0.87 24.43 -37.37
N ALA A 805 1.82 24.86 -36.56
CA ALA A 805 3.08 25.37 -37.12
C ALA A 805 4.06 24.30 -37.60
N VAL A 806 3.97 23.07 -37.09
CA VAL A 806 4.81 22.00 -37.63
C VAL A 806 4.03 21.00 -38.48
N TYR A 807 2.76 21.28 -38.75
CA TYR A 807 1.90 20.27 -39.38
C TYR A 807 2.44 19.77 -40.71
N ASP A 808 2.65 20.71 -41.62
CA ASP A 808 3.09 20.37 -42.98
C ASP A 808 4.43 19.67 -42.96
N LYS A 809 5.34 20.14 -42.12
CA LYS A 809 6.64 19.50 -42.02
C LYS A 809 6.56 18.07 -41.42
N PHE A 810 5.84 17.91 -40.30
CA PHE A 810 5.67 16.59 -39.67
C PHE A 810 5.00 15.59 -40.59
N ILE A 811 3.91 16.02 -41.22
CA ILE A 811 3.14 15.15 -42.10
C ILE A 811 3.95 14.65 -43.29
N GLU A 812 4.70 15.55 -43.92
CA GLU A 812 5.54 15.15 -45.06
C GLU A 812 6.53 14.05 -44.64
N ARG A 813 7.17 14.23 -43.49
CA ARG A 813 8.14 13.23 -43.02
C ARG A 813 7.47 11.92 -42.61
N LEU A 814 6.28 12.01 -41.99
CA LEU A 814 5.59 10.79 -41.57
C LEU A 814 5.19 9.92 -42.77
N VAL A 815 4.56 10.56 -43.76
CA VAL A 815 4.15 9.87 -44.97
C VAL A 815 5.35 9.31 -45.72
N SER A 816 6.44 10.07 -45.74
CA SER A 816 7.67 9.64 -46.40
C SER A 816 8.25 8.37 -45.79
N MET A 817 8.26 8.28 -44.47
CA MET A 817 8.76 7.08 -43.82
C MET A 817 7.78 5.93 -44.05
N ALA A 818 6.49 6.22 -43.94
CA ALA A 818 5.44 5.22 -44.17
C ALA A 818 5.60 4.53 -45.53
N LYS A 819 5.88 5.32 -46.55
CA LYS A 819 6.04 4.81 -47.91
C LYS A 819 7.22 3.86 -48.00
N ALA A 820 8.17 3.99 -47.08
CA ALA A 820 9.33 3.09 -47.07
C ALA A 820 8.96 1.72 -46.49
N THR A 821 7.92 1.67 -45.65
CA THR A 821 7.58 0.40 -44.99
C THR A 821 6.82 -0.54 -45.91
N LYS A 822 6.75 -1.80 -45.52
CA LYS A 822 6.21 -2.85 -46.35
C LYS A 822 5.20 -3.65 -45.56
N VAL A 823 4.07 -3.93 -46.19
CA VAL A 823 3.01 -4.71 -45.57
C VAL A 823 3.08 -6.13 -46.12
N GLY A 824 3.16 -7.11 -45.22
CA GLY A 824 3.20 -8.51 -45.63
C GLY A 824 3.31 -9.44 -44.44
N PRO A 825 3.31 -10.77 -44.72
CA PRO A 825 3.35 -11.82 -43.70
C PRO A 825 4.32 -11.53 -42.55
N SER A 826 3.81 -11.64 -41.33
CA SER A 826 4.58 -11.38 -40.12
C SER A 826 5.80 -12.30 -39.93
N GLU A 827 5.80 -13.46 -40.60
CA GLU A 827 6.93 -14.39 -40.48
C GLU A 827 8.15 -13.89 -41.26
N ASP A 828 7.94 -12.94 -42.17
CA ASP A 828 9.01 -12.29 -42.89
C ASP A 828 9.35 -10.99 -42.16
N PRO A 829 10.54 -10.93 -41.54
CA PRO A 829 10.96 -9.79 -40.71
C PRO A 829 11.20 -8.50 -41.50
N ALA A 830 11.21 -8.57 -42.83
CA ALA A 830 11.37 -7.38 -43.66
C ALA A 830 10.08 -6.57 -43.68
N ASN A 831 8.99 -7.21 -43.32
CA ASN A 831 7.71 -6.53 -43.34
C ASN A 831 7.48 -5.75 -42.04
N TYR A 832 6.99 -4.53 -42.18
CA TYR A 832 6.73 -3.68 -41.03
C TYR A 832 5.48 -4.17 -40.28
N MET A 833 4.40 -4.45 -41.03
CA MET A 833 3.16 -4.97 -40.45
C MET A 833 2.52 -5.91 -41.44
N GLY A 834 1.53 -6.70 -40.98
CA GLY A 834 0.92 -7.74 -41.79
C GLY A 834 -0.61 -7.79 -41.75
N ALA A 835 -1.17 -8.95 -42.07
CA ALA A 835 -2.62 -9.12 -42.07
C ALA A 835 -3.20 -8.88 -40.68
N VAL A 836 -4.46 -8.40 -40.62
CA VAL A 836 -5.14 -8.23 -39.33
C VAL A 836 -5.70 -9.58 -38.88
N ALA A 837 -6.35 -9.61 -37.71
CA ALA A 837 -6.64 -10.87 -37.02
C ALA A 837 -7.45 -11.93 -37.81
N ASP A 838 -8.58 -11.53 -38.38
CA ASP A 838 -9.41 -12.46 -39.16
C ASP A 838 -10.21 -11.68 -40.20
N ASP A 839 -11.05 -12.37 -40.97
CA ASP A 839 -11.77 -11.71 -42.06
C ASP A 839 -12.81 -10.70 -41.55
N LYS A 840 -13.41 -10.98 -40.39
CA LYS A 840 -14.35 -10.06 -39.75
C LYS A 840 -13.66 -8.73 -39.42
N ALA A 841 -12.46 -8.82 -38.85
CA ALA A 841 -11.67 -7.64 -38.54
C ALA A 841 -11.39 -6.85 -39.84
N MET A 842 -10.99 -7.57 -40.88
CA MET A 842 -10.71 -6.97 -42.17
C MET A 842 -11.93 -6.23 -42.73
N LYS A 843 -13.08 -6.89 -42.70
CA LYS A 843 -14.31 -6.26 -43.23
C LYS A 843 -14.68 -5.00 -42.43
N SER A 844 -14.64 -5.11 -41.10
CA SER A 844 -14.96 -3.96 -40.24
C SER A 844 -13.94 -2.81 -40.32
N ILE A 845 -12.65 -3.13 -40.37
CA ILE A 845 -11.62 -2.10 -40.51
C ILE A 845 -11.72 -1.39 -41.88
N LYS A 846 -12.00 -2.15 -42.93
CA LYS A 846 -12.11 -1.55 -44.24
C LYS A 846 -13.28 -0.57 -44.33
N GLU A 847 -14.40 -0.96 -43.74
CA GLU A 847 -15.57 -0.08 -43.64
C GLU A 847 -15.18 1.24 -42.93
N TYR A 848 -14.46 1.13 -41.81
CA TYR A 848 -13.98 2.33 -41.12
C TYR A 848 -13.09 3.19 -42.01
N ALA A 849 -12.18 2.54 -42.74
CA ALA A 849 -11.31 3.27 -43.67
C ALA A 849 -12.12 4.03 -44.73
N GLU A 850 -13.19 3.43 -45.24
CA GLU A 850 -14.05 4.14 -46.21
C GLU A 850 -14.77 5.33 -45.58
N ILE A 851 -15.29 5.13 -44.38
CA ILE A 851 -15.89 6.24 -43.62
C ILE A 851 -14.86 7.38 -43.41
N GLY A 852 -13.66 7.01 -42.99
CA GLY A 852 -12.59 7.99 -42.78
C GLY A 852 -12.25 8.76 -44.05
N LYS A 853 -12.26 8.09 -45.19
CA LYS A 853 -11.92 8.75 -46.45
C LYS A 853 -12.96 9.78 -46.86
N ARG A 854 -14.19 9.58 -46.40
CA ARG A 854 -15.25 10.53 -46.71
C ARG A 854 -15.23 11.70 -45.73
N GLU A 855 -14.68 11.46 -44.55
CA GLU A 855 -14.72 12.46 -43.48
C GLU A 855 -13.54 13.40 -43.65
N GLY A 856 -12.41 12.79 -44.00
CA GLY A 856 -11.16 13.51 -44.21
C GLY A 856 -10.60 13.31 -45.60
N HIS A 857 -9.28 13.30 -45.69
CA HIS A 857 -8.59 13.16 -46.96
C HIS A 857 -7.45 12.18 -46.78
N VAL A 858 -7.37 11.19 -47.65
CA VAL A 858 -6.30 10.20 -47.52
C VAL A 858 -4.92 10.84 -47.77
N LEU A 859 -3.99 10.57 -46.86
CA LEU A 859 -2.63 11.07 -47.00
C LEU A 859 -1.73 9.94 -47.49
N TYR A 860 -1.96 8.73 -46.99
CA TYR A 860 -1.24 7.57 -47.47
C TYR A 860 -2.09 6.30 -47.36
N GLU A 861 -1.99 5.47 -48.39
CA GLU A 861 -2.64 4.16 -48.39
C GLU A 861 -1.67 3.17 -49.02
N SER A 862 -1.11 2.28 -48.20
CA SER A 862 -0.07 1.36 -48.66
C SER A 862 -0.59 0.32 -49.66
N PRO A 863 0.32 -0.19 -50.50
CA PRO A 863 -0.01 -1.41 -51.24
C PRO A 863 -0.14 -2.59 -50.26
N VAL A 864 -0.88 -3.61 -50.65
CA VAL A 864 -0.94 -4.88 -49.92
C VAL A 864 -0.55 -5.99 -50.88
N PRO A 865 -0.09 -7.15 -50.35
CA PRO A 865 0.27 -8.26 -51.24
C PRO A 865 -0.95 -8.78 -51.99
N ALA A 866 -0.77 -9.29 -53.21
CA ALA A 866 -1.87 -9.89 -53.96
C ALA A 866 -2.16 -11.29 -53.41
N GLY A 867 -3.37 -11.80 -53.64
CA GLY A 867 -3.72 -13.13 -53.17
C GLY A 867 -4.37 -13.19 -51.80
N GLU A 868 -4.20 -14.32 -51.11
CA GLU A 868 -4.86 -14.58 -49.82
C GLU A 868 -4.14 -13.90 -48.66
N GLY A 869 -4.88 -13.68 -47.59
CA GLY A 869 -4.36 -12.98 -46.43
C GLY A 869 -5.33 -11.88 -46.07
N TYR A 870 -5.48 -11.62 -44.77
CA TYR A 870 -6.42 -10.60 -44.31
C TYR A 870 -5.77 -9.20 -44.30
N PHE A 871 -5.38 -8.72 -45.48
CA PHE A 871 -4.59 -7.49 -45.57
C PHE A 871 -5.44 -6.21 -45.64
N VAL A 872 -5.09 -5.25 -44.79
CA VAL A 872 -5.65 -3.90 -44.81
C VAL A 872 -4.48 -2.96 -45.01
N PRO A 873 -4.57 -2.03 -45.98
CA PRO A 873 -3.43 -1.13 -46.24
C PRO A 873 -3.06 -0.35 -44.99
N MET A 874 -1.76 -0.08 -44.81
CA MET A 874 -1.35 0.92 -43.83
C MET A 874 -1.97 2.24 -44.31
N THR A 875 -2.81 2.83 -43.48
CA THR A 875 -3.64 3.95 -43.93
C THR A 875 -3.53 5.17 -43.03
N ILE A 876 -3.16 6.30 -43.63
CA ILE A 876 -3.11 7.59 -42.94
C ILE A 876 -4.10 8.60 -43.59
N ILE A 877 -4.93 9.22 -42.76
CA ILE A 877 -5.99 10.10 -43.24
C ILE A 877 -5.95 11.45 -42.54
N GLY A 878 -5.89 12.54 -43.30
CA GLY A 878 -5.81 13.89 -42.73
C GLY A 878 -7.12 14.63 -42.79
N GLY A 879 -7.18 15.81 -42.18
CA GLY A 879 -8.40 16.63 -42.17
C GLY A 879 -9.40 16.21 -41.10
N ILE A 880 -8.96 15.39 -40.15
CA ILE A 880 -9.87 14.85 -39.13
C ILE A 880 -10.09 15.81 -37.94
N LYS A 881 -11.33 15.89 -37.47
CA LYS A 881 -11.70 16.75 -36.34
C LYS A 881 -12.47 15.95 -35.30
N PRO A 882 -12.57 16.45 -34.05
CA PRO A 882 -13.19 15.64 -32.99
C PRO A 882 -14.60 15.10 -33.33
N GLU A 883 -15.35 15.83 -34.14
CA GLU A 883 -16.69 15.42 -34.54
C GLU A 883 -16.72 14.13 -35.40
N HIS A 884 -15.61 13.78 -36.03
CA HIS A 884 -15.62 12.64 -36.95
C HIS A 884 -15.67 11.27 -36.26
N ARG A 885 -16.26 10.29 -36.94
CA ARG A 885 -16.37 8.96 -36.37
C ARG A 885 -15.00 8.36 -36.13
N ILE A 886 -14.09 8.52 -37.08
CA ILE A 886 -12.76 7.93 -36.91
C ILE A 886 -11.90 8.72 -35.92
N ALA A 887 -12.43 9.82 -35.41
CA ALA A 887 -11.81 10.51 -34.29
C ALA A 887 -12.37 10.02 -32.96
N GLN A 888 -13.37 9.13 -33.01
CA GLN A 888 -14.09 8.72 -31.79
C GLN A 888 -14.15 7.23 -31.57
N GLU A 889 -14.40 6.49 -32.64
CA GLU A 889 -14.65 5.06 -32.53
C GLU A 889 -13.36 4.27 -32.71
N GLU A 890 -13.16 3.27 -31.84
CA GLU A 890 -11.97 2.42 -31.90
C GLU A 890 -12.04 1.52 -33.13
N ILE A 891 -11.05 1.66 -34.00
CA ILE A 891 -11.03 0.93 -35.25
C ILE A 891 -10.23 -0.36 -35.09
N PHE A 892 -9.23 -0.33 -34.21
CA PHE A 892 -8.41 -1.50 -33.92
C PHE A 892 -7.74 -2.04 -35.17
N GLY A 893 -7.27 -1.13 -36.02
CA GLY A 893 -6.56 -1.50 -37.22
C GLY A 893 -5.58 -0.42 -37.64
N PRO A 894 -4.92 -0.61 -38.79
CA PRO A 894 -3.86 0.30 -39.27
C PRO A 894 -4.42 1.52 -39.99
N VAL A 895 -5.25 2.28 -39.28
CA VAL A 895 -5.85 3.50 -39.78
C VAL A 895 -5.54 4.65 -38.81
N LEU A 896 -4.69 5.57 -39.23
CA LEU A 896 -4.29 6.67 -38.36
C LEU A 896 -4.96 7.95 -38.80
N ALA A 897 -5.63 8.63 -37.86
CA ALA A 897 -6.24 9.93 -38.10
C ALA A 897 -5.27 11.06 -37.74
N VAL A 898 -5.14 12.04 -38.63
CA VAL A 898 -4.30 13.21 -38.38
C VAL A 898 -5.14 14.47 -38.21
N MET A 899 -4.97 15.16 -37.08
CA MET A 899 -5.86 16.26 -36.71
C MET A 899 -5.01 17.51 -36.52
N ARG A 900 -5.45 18.63 -37.09
CA ARG A 900 -4.70 19.89 -37.05
C ARG A 900 -5.18 20.87 -35.95
N ALA A 901 -4.44 20.88 -34.83
CA ALA A 901 -4.77 21.74 -33.70
C ALA A 901 -4.22 23.16 -33.90
N LYS A 902 -5.02 24.18 -33.61
CA LYS A 902 -4.60 25.58 -33.82
C LYS A 902 -3.57 26.09 -32.81
N ASP A 903 -3.56 25.53 -31.60
CA ASP A 903 -2.62 25.93 -30.57
C ASP A 903 -2.56 24.82 -29.52
N PHE A 904 -1.78 25.01 -28.48
CA PHE A 904 -1.58 23.89 -27.56
C PHE A 904 -2.81 23.62 -26.70
N ASP A 905 -3.53 24.66 -26.33
CA ASP A 905 -4.80 24.49 -25.62
C ASP A 905 -5.78 23.62 -26.41
N GLN A 906 -5.92 23.87 -27.71
CA GLN A 906 -6.87 23.08 -28.48
C GLN A 906 -6.37 21.64 -28.60
N ALA A 907 -5.07 21.48 -28.73
CA ALA A 907 -4.48 20.15 -28.82
C ALA A 907 -4.85 19.31 -27.60
N ILE A 908 -4.85 19.94 -26.43
CA ILE A 908 -5.15 19.25 -25.18
C ILE A 908 -6.65 18.93 -25.16
N GLU A 909 -7.45 19.94 -25.48
CA GLU A 909 -8.89 19.77 -25.53
C GLU A 909 -9.27 18.62 -26.46
N TRP A 910 -8.66 18.60 -27.66
CA TRP A 910 -8.93 17.56 -28.65
C TRP A 910 -8.50 16.17 -28.17
N ALA A 911 -7.36 16.12 -27.48
CA ALA A 911 -6.87 14.87 -26.93
C ALA A 911 -7.88 14.30 -25.95
N ASN A 912 -8.53 15.17 -25.18
CA ASN A 912 -9.50 14.76 -24.18
C ASN A 912 -10.92 14.64 -24.75
N SER A 913 -11.07 14.68 -26.07
CA SER A 913 -12.41 14.78 -26.67
C SER A 913 -13.12 13.44 -26.97
N THR A 914 -12.55 12.33 -26.57
CA THR A 914 -13.24 11.05 -26.80
C THR A 914 -13.83 10.55 -25.50
N GLN A 915 -14.56 9.44 -25.54
CA GLN A 915 -15.05 8.86 -24.30
C GLN A 915 -14.06 7.87 -23.69
N PHE A 916 -12.91 7.74 -24.32
CA PHE A 916 -11.88 6.84 -23.81
C PHE A 916 -10.76 7.63 -23.13
N ALA A 917 -9.93 6.93 -22.35
CA ALA A 917 -8.78 7.56 -21.71
C ALA A 917 -7.75 6.52 -21.30
N LEU A 918 -7.30 5.71 -22.26
CA LEU A 918 -6.38 4.63 -21.95
C LEU A 918 -4.91 5.07 -21.98
N THR A 919 -4.39 5.33 -23.17
CA THR A 919 -3.02 5.85 -23.28
C THR A 919 -3.00 7.14 -24.06
N GLY A 920 -1.84 7.77 -24.09
CA GLY A 920 -1.69 9.04 -24.77
C GLY A 920 -0.20 9.31 -24.81
N GLY A 921 0.20 10.19 -25.72
CA GLY A 921 1.58 10.59 -25.82
C GLY A 921 1.70 12.07 -26.13
N ILE A 922 2.88 12.61 -25.86
CA ILE A 922 3.18 13.96 -26.30
C ILE A 922 4.67 14.10 -26.63
N PHE A 923 4.94 14.63 -27.82
CA PHE A 923 6.28 15.03 -28.15
C PHE A 923 6.37 16.52 -27.98
N SER A 924 7.13 16.95 -26.98
CA SER A 924 7.31 18.38 -26.73
C SER A 924 8.59 18.60 -25.94
N ARG A 925 9.16 19.80 -26.05
CA ARG A 925 10.36 20.13 -25.28
C ARG A 925 10.16 21.42 -24.49
N SER A 926 8.88 21.74 -24.25
CA SER A 926 8.51 22.91 -23.47
C SER A 926 8.07 22.44 -22.09
N PRO A 927 8.87 22.75 -21.05
CA PRO A 927 8.54 22.34 -19.69
C PRO A 927 7.12 22.74 -19.29
N GLU A 928 6.68 23.95 -19.66
CA GLU A 928 5.30 24.38 -19.41
C GLU A 928 4.25 23.46 -20.07
N HIS A 929 4.43 23.14 -21.35
CA HIS A 929 3.45 22.30 -22.05
C HIS A 929 3.41 20.87 -21.51
N LEU A 930 4.58 20.38 -21.08
CA LEU A 930 4.68 19.05 -20.48
C LEU A 930 4.02 19.06 -19.12
N ALA A 931 4.20 20.14 -18.38
CA ALA A 931 3.59 20.25 -17.08
C ALA A 931 2.06 20.28 -17.25
N LYS A 932 1.59 21.00 -18.28
CA LYS A 932 0.16 21.06 -18.58
C LYS A 932 -0.39 19.68 -18.98
N ALA A 933 0.35 18.97 -19.82
CA ALA A 933 -0.08 17.65 -20.26
C ALA A 933 -0.10 16.62 -19.12
N ARG A 934 0.89 16.67 -18.23
CA ARG A 934 0.92 15.76 -17.07
C ARG A 934 -0.36 15.90 -16.24
N ARG A 935 -0.79 17.14 -16.06
CA ARG A 935 -1.98 17.47 -15.28
C ARG A 935 -3.27 17.22 -16.05
N GLU A 936 -3.33 17.65 -17.30
CA GLU A 936 -4.62 17.76 -18.00
C GLU A 936 -4.90 16.69 -19.04
N PHE A 937 -3.85 16.07 -19.58
CA PHE A 937 -4.01 15.01 -20.56
C PHE A 937 -4.24 13.73 -19.77
N ARG A 938 -5.48 13.56 -19.32
CA ARG A 938 -5.83 12.54 -18.31
C ARG A 938 -6.13 11.16 -18.87
N VAL A 939 -5.08 10.41 -19.14
CA VAL A 939 -5.20 9.02 -19.58
C VAL A 939 -4.53 8.14 -18.53
N GLY A 940 -4.72 6.84 -18.64
CA GLY A 940 -4.16 5.93 -17.65
C GLY A 940 -2.66 5.83 -17.77
N ASN A 941 -2.17 5.89 -19.00
CA ASN A 941 -0.73 5.89 -19.25
C ASN A 941 -0.38 6.97 -20.28
N LEU A 942 0.20 8.06 -19.80
CA LEU A 942 0.66 9.14 -20.66
C LEU A 942 2.16 8.99 -20.91
N TYR A 943 2.59 9.06 -22.16
CA TYR A 943 4.03 8.97 -22.44
C TYR A 943 4.61 10.28 -23.01
N ILE A 944 5.78 10.65 -22.51
CA ILE A 944 6.42 11.88 -22.90
C ILE A 944 7.66 11.58 -23.75
N ASN A 945 7.65 12.07 -24.98
CA ASN A 945 8.77 11.93 -25.91
C ASN A 945 9.18 10.49 -26.24
N ARG A 946 8.18 9.61 -26.35
CA ARG A 946 8.36 8.26 -26.84
C ARG A 946 6.99 7.73 -27.25
N ASN A 947 6.97 6.55 -27.87
CA ASN A 947 5.72 5.95 -28.33
C ASN A 947 4.82 5.60 -27.13
N ASN A 948 3.52 5.47 -27.35
CA ASN A 948 2.60 5.25 -26.24
C ASN A 948 2.18 3.80 -26.11
N THR A 949 2.98 2.91 -26.70
CA THR A 949 2.73 1.47 -26.57
C THR A 949 3.90 0.83 -25.84
N GLY A 950 3.86 -0.49 -25.71
CA GLY A 950 4.95 -1.20 -25.02
C GLY A 950 5.09 -0.93 -23.53
N ALA A 951 3.96 -0.88 -22.84
CA ALA A 951 3.95 -0.82 -21.37
C ALA A 951 4.56 -2.09 -20.76
N LEU A 952 5.54 -1.91 -19.87
CA LEU A 952 6.17 -3.04 -19.18
C LEU A 952 5.65 -3.20 -17.76
N VAL A 953 5.63 -4.43 -17.26
CA VAL A 953 5.21 -4.74 -15.90
C VAL A 953 6.11 -4.01 -14.89
N GLU A 954 5.48 -3.53 -13.81
CA GLU A 954 6.10 -2.71 -12.76
C GLU A 954 6.42 -1.29 -13.21
N ARG A 955 7.05 -1.17 -14.37
CA ARG A 955 7.45 0.14 -14.90
C ARG A 955 6.26 0.93 -15.39
N GLN A 956 5.38 0.31 -16.17
CA GLN A 956 4.19 1.00 -16.63
C GLN A 956 2.93 0.17 -16.37
N PRO A 957 2.49 0.13 -15.09
CA PRO A 957 1.23 -0.55 -14.76
C PRO A 957 0.12 0.01 -15.68
N PHE A 958 -0.64 -0.90 -16.29
CA PHE A 958 -1.45 -0.55 -17.45
C PHE A 958 -2.94 -0.58 -17.16
N GLY A 959 -3.64 0.47 -17.55
CA GLY A 959 -5.09 0.49 -17.47
C GLY A 959 -5.64 1.89 -17.19
N GLY A 960 -6.86 2.14 -17.64
CA GLY A 960 -7.48 3.45 -17.48
C GLY A 960 -8.90 3.40 -16.93
N ALA A 961 -9.56 4.56 -16.92
CA ALA A 961 -10.94 4.69 -16.50
C ALA A 961 -11.80 5.17 -17.66
N ARG A 962 -12.77 6.05 -17.37
CA ARG A 962 -13.79 6.44 -18.34
C ARG A 962 -14.34 5.19 -19.03
N MET A 963 -14.43 5.20 -20.36
CA MET A 963 -14.93 4.00 -21.05
C MET A 963 -13.81 3.01 -21.39
N SER A 964 -12.61 3.26 -20.88
CA SER A 964 -11.47 2.40 -21.13
C SER A 964 -11.34 1.28 -20.13
N GLY A 965 -12.05 1.38 -19.01
CA GLY A 965 -11.92 0.36 -17.97
C GLY A 965 -12.46 0.82 -16.64
N VAL A 966 -12.25 0.03 -15.59
CA VAL A 966 -12.70 0.43 -14.27
C VAL A 966 -11.55 0.81 -13.33
N GLY A 967 -10.43 1.25 -13.90
CA GLY A 967 -9.34 1.77 -13.09
C GLY A 967 -8.48 0.73 -12.38
N THR A 968 -8.46 -0.49 -12.92
CA THR A 968 -7.56 -1.52 -12.43
C THR A 968 -6.34 -1.51 -13.35
N LYS A 969 -5.14 -1.47 -12.76
CA LYS A 969 -3.89 -1.45 -13.54
C LYS A 969 -3.08 -2.74 -13.41
N ALA A 970 -3.16 -3.57 -14.44
CA ALA A 970 -2.35 -4.79 -14.50
C ALA A 970 -0.87 -4.44 -14.39
N GLY A 971 -0.09 -5.36 -13.82
CA GLY A 971 1.35 -5.17 -13.69
C GLY A 971 1.74 -4.10 -12.69
N GLY A 972 0.80 -3.68 -11.83
CA GLY A 972 1.11 -2.71 -10.80
C GLY A 972 0.76 -3.19 -9.40
N PRO A 973 1.13 -2.39 -8.38
CA PRO A 973 1.04 -2.78 -6.98
C PRO A 973 -0.37 -2.68 -6.37
N ASP A 974 -1.38 -2.28 -7.15
CA ASP A 974 -2.74 -2.28 -6.61
C ASP A 974 -3.56 -3.40 -7.24
N TYR A 975 -2.97 -4.11 -8.20
CA TYR A 975 -3.77 -5.04 -9.02
C TYR A 975 -4.36 -6.23 -8.24
N LEU A 976 -3.51 -6.95 -7.48
CA LEU A 976 -3.96 -8.18 -6.79
C LEU A 976 -5.13 -7.96 -5.80
N LEU A 977 -5.18 -6.81 -5.14
CA LEU A 977 -6.27 -6.50 -4.22
C LEU A 977 -7.65 -6.61 -4.85
N HIS A 978 -7.73 -6.36 -6.16
CA HIS A 978 -9.01 -6.44 -6.85
C HIS A 978 -9.58 -7.87 -6.88
N PHE A 979 -8.72 -8.87 -6.71
CA PHE A 979 -9.17 -10.24 -6.75
C PHE A 979 -9.46 -10.80 -5.36
N MET A 980 -9.43 -9.93 -4.35
CA MET A 980 -9.56 -10.36 -2.96
C MET A 980 -10.47 -9.43 -2.17
N ASP A 981 -10.80 -9.80 -0.94
CA ASP A 981 -11.51 -8.92 -0.02
C ASP A 981 -10.79 -9.02 1.33
N PRO A 982 -10.66 -7.88 2.03
CA PRO A 982 -9.94 -7.83 3.30
C PRO A 982 -10.78 -8.35 4.47
N ARG A 983 -10.13 -8.97 5.45
CA ARG A 983 -10.80 -9.35 6.69
C ARG A 983 -9.99 -8.80 7.84
N VAL A 984 -10.64 -8.52 8.95
CA VAL A 984 -9.92 -8.17 10.17
C VAL A 984 -10.28 -9.13 11.31
N VAL A 985 -9.28 -9.71 11.97
CA VAL A 985 -9.52 -10.37 13.24
C VAL A 985 -9.03 -9.50 14.39
N THR A 986 -9.93 -9.24 15.33
CA THR A 986 -9.59 -8.48 16.53
C THR A 986 -9.64 -9.36 17.77
N GLU A 987 -8.53 -9.49 18.48
CA GLU A 987 -8.51 -10.29 19.69
C GLU A 987 -8.27 -9.48 20.94
N ASN A 988 -9.14 -9.66 21.93
CA ASN A 988 -8.88 -9.17 23.27
C ASN A 988 -7.92 -10.15 23.93
N THR A 989 -6.69 -9.71 24.19
CA THR A 989 -5.64 -10.60 24.68
C THR A 989 -5.53 -10.59 26.19
N MET A 990 -6.32 -9.76 26.83
CA MET A 990 -6.29 -9.69 28.29
C MET A 990 -7.21 -10.74 28.93
N ARG A 991 -6.69 -11.47 29.91
CA ARG A 991 -7.48 -12.44 30.65
C ARG A 991 -7.26 -12.15 32.12
N ARG A 992 -8.34 -11.83 32.82
CA ARG A 992 -8.30 -11.59 34.27
C ARG A 992 -7.28 -10.53 34.67
N GLY A 993 -7.17 -9.48 33.86
CA GLY A 993 -6.30 -8.37 34.16
C GLY A 993 -4.86 -8.61 33.72
N PHE A 994 -4.66 -9.67 32.96
CA PHE A 994 -3.34 -10.01 32.46
C PHE A 994 -3.31 -10.08 30.95
N ALA A 995 -2.51 -9.22 30.32
CA ALA A 995 -2.32 -9.26 28.87
C ALA A 995 -0.84 -9.30 28.54
N PRO A 996 -0.47 -10.09 27.51
CA PRO A 996 0.91 -10.13 27.02
C PRO A 996 1.33 -8.82 26.34
N ILE A 997 2.58 -8.42 26.55
CA ILE A 997 3.11 -7.22 25.93
C ILE A 997 3.64 -7.49 24.52
N GLU A 998 3.13 -6.76 23.53
CA GLU A 998 3.57 -6.91 22.15
C GLU A 998 4.56 -5.80 21.78
N GLU A 999 5.44 -6.06 20.82
CA GLU A 999 6.55 -5.16 20.53
C GLU A 999 6.08 -3.74 20.20
N ASP A 1000 5.12 -3.64 19.29
CA ASP A 1000 4.66 -2.33 18.83
C ASP A 1000 3.47 -1.76 19.63
N ASP A 1001 3.24 -2.26 20.84
CA ASP A 1001 2.22 -1.69 21.71
C ASP A 1001 2.58 -0.25 22.12
N ASP A 1002 1.62 0.67 22.05
CA ASP A 1002 1.73 1.94 22.78
C ASP A 1002 1.75 1.57 24.25
N TRP A 1003 2.88 1.76 24.93
CA TRP A 1003 2.96 1.35 26.32
C TRP A 1003 3.37 2.49 27.26
N VAL A 1004 3.33 2.23 28.57
CA VAL A 1004 3.77 3.19 29.57
C VAL A 1004 4.30 2.47 30.80
N ASN B 4 13.97 13.23 54.20
CA ASN B 4 14.55 13.55 55.51
C ASN B 4 15.51 12.45 55.99
N SER B 5 16.81 12.67 55.76
CA SER B 5 17.83 11.63 55.94
C SER B 5 17.85 10.92 57.30
N GLU B 6 17.43 11.62 58.36
CA GLU B 6 17.42 11.03 59.69
C GLU B 6 16.34 9.97 59.84
N LEU B 7 15.11 10.32 59.50
CA LEU B 7 14.01 9.37 59.49
C LEU B 7 14.36 8.21 58.55
N ASN B 8 14.90 8.55 57.38
CA ASN B 8 15.24 7.57 56.36
C ASN B 8 16.27 6.55 56.83
N THR B 9 17.19 6.98 57.68
CA THR B 9 18.23 6.07 58.16
C THR B 9 17.64 5.07 59.14
N LYS B 10 16.71 5.51 59.98
CA LYS B 10 16.00 4.61 60.88
C LYS B 10 15.25 3.58 60.05
N ILE B 11 14.57 4.04 59.00
CA ILE B 11 13.79 3.16 58.15
C ILE B 11 14.66 2.06 57.54
N VAL B 12 15.74 2.46 56.88
CA VAL B 12 16.68 1.51 56.29
C VAL B 12 17.19 0.51 57.34
N ASN B 13 17.67 1.02 58.46
CA ASN B 13 18.17 0.16 59.53
C ASN B 13 17.13 -0.83 60.04
N ARG B 14 15.89 -0.35 60.20
CA ARG B 14 14.77 -1.17 60.64
C ARG B 14 14.45 -2.25 59.59
N GLY B 15 14.54 -1.88 58.32
CA GLY B 15 14.38 -2.83 57.23
C GLY B 15 15.48 -3.89 57.23
N LYS B 16 16.70 -3.44 57.56
CA LYS B 16 17.84 -4.35 57.60
C LYS B 16 17.68 -5.40 58.69
N GLU B 17 17.23 -4.98 59.86
CA GLU B 17 16.95 -5.91 60.95
C GLU B 17 15.85 -6.87 60.52
N PHE B 18 14.89 -6.33 59.76
CA PHE B 18 13.76 -7.12 59.29
C PHE B 18 14.19 -8.27 58.38
N PHE B 19 14.97 -7.97 57.35
CA PHE B 19 15.54 -8.99 56.46
C PHE B 19 16.42 -9.99 57.23
N GLY B 20 17.17 -9.48 58.19
CA GLY B 20 18.05 -10.31 59.01
C GLY B 20 17.28 -11.34 59.82
N SER B 21 16.21 -10.89 60.48
CA SER B 21 15.38 -11.79 61.28
C SER B 21 14.65 -12.85 60.44
N ILE B 22 14.55 -12.61 59.13
CA ILE B 22 13.90 -13.55 58.21
C ILE B 22 14.75 -14.80 57.99
N SER B 23 16.07 -14.63 58.01
CA SER B 23 17.04 -15.74 58.01
C SER B 23 17.01 -16.57 56.72
N GLY B 24 16.79 -15.89 55.60
CA GLY B 24 16.84 -16.52 54.29
C GLY B 24 15.56 -17.24 53.89
N GLU B 25 14.59 -17.33 54.80
CA GLU B 25 13.34 -18.01 54.49
C GLU B 25 12.62 -17.36 53.31
N LYS B 26 12.08 -18.19 52.43
CA LYS B 26 11.33 -17.72 51.28
C LYS B 26 9.86 -18.04 51.47
N PRO B 27 8.98 -17.16 50.96
CA PRO B 27 7.54 -17.44 50.89
C PRO B 27 7.31 -18.68 50.02
N SER B 28 6.27 -19.46 50.33
CA SER B 28 6.01 -20.72 49.63
C SER B 28 6.07 -20.64 48.11
N LEU B 29 5.62 -19.53 47.56
CA LEU B 29 5.55 -19.36 46.11
C LEU B 29 6.96 -19.28 45.49
N PHE B 30 7.95 -18.90 46.30
CA PHE B 30 9.32 -18.81 45.84
C PHE B 30 10.15 -20.00 46.29
N ASN B 31 9.48 -20.94 46.95
CA ASN B 31 10.12 -22.20 47.37
C ASN B 31 10.21 -23.15 46.17
N LYS B 32 11.41 -23.23 45.59
CA LYS B 32 11.63 -24.09 44.43
C LYS B 32 11.53 -25.59 44.81
N GLY B 33 11.35 -25.84 46.10
CA GLY B 33 11.13 -27.20 46.58
C GLY B 33 9.76 -27.72 46.14
N ALA B 34 8.75 -26.85 46.20
CA ALA B 34 7.38 -27.24 45.81
C ALA B 34 7.10 -27.01 44.33
N TRP B 35 5.98 -27.57 43.87
CA TRP B 35 5.59 -27.49 42.47
C TRP B 35 5.23 -26.05 42.08
N MET B 36 4.47 -25.38 42.96
CA MET B 36 4.10 -23.99 42.75
C MET B 36 5.34 -23.12 42.53
N GLY B 37 6.36 -23.32 43.36
CA GLY B 37 7.61 -22.58 43.24
C GLY B 37 8.29 -22.82 41.91
N LYS B 38 8.30 -24.06 41.47
CA LYS B 38 8.89 -24.43 40.18
C LYS B 38 8.11 -23.81 39.02
N ALA B 39 6.79 -23.95 39.07
CA ALA B 39 5.92 -23.38 38.03
C ALA B 39 6.10 -21.87 37.92
N MET B 40 6.16 -21.19 39.06
CA MET B 40 6.32 -19.74 39.04
C MET B 40 7.74 -19.34 38.60
N ASP B 41 8.74 -20.06 39.10
CA ASP B 41 10.12 -19.79 38.74
C ASP B 41 10.28 -19.88 37.21
N TRP B 42 9.75 -20.94 36.63
CA TRP B 42 9.84 -21.09 35.18
C TRP B 42 9.00 -20.06 34.46
N SER B 43 7.88 -19.66 35.05
CA SER B 43 7.05 -18.61 34.45
C SER B 43 7.81 -17.30 34.45
N MET B 44 8.59 -17.07 35.50
CA MET B 44 9.34 -15.83 35.64
C MET B 44 10.56 -15.79 34.71
N GLN B 45 11.05 -16.97 34.32
CA GLN B 45 12.20 -17.07 33.41
C GLN B 45 11.81 -17.14 31.93
N ASN B 46 10.55 -17.45 31.67
CA ASN B 46 10.12 -17.73 30.29
C ASN B 46 8.72 -17.21 30.04
N GLU B 47 8.64 -16.03 29.43
CA GLU B 47 7.39 -15.29 29.29
C GLU B 47 6.34 -16.06 28.50
N GLN B 48 6.78 -16.81 27.50
CA GLN B 48 5.88 -17.67 26.74
C GLN B 48 5.19 -18.68 27.67
N PHE B 49 5.94 -19.29 28.57
CA PHE B 49 5.36 -20.24 29.51
C PHE B 49 4.42 -19.57 30.48
N LYS B 50 4.85 -18.44 31.05
CA LYS B 50 4.00 -17.64 31.92
C LYS B 50 2.62 -17.39 31.31
N ILE B 51 2.62 -16.94 30.06
CA ILE B 51 1.37 -16.66 29.34
C ILE B 51 0.51 -17.91 29.27
N GLN B 52 1.12 -19.03 28.88
CA GLN B 52 0.41 -20.29 28.75
C GLN B 52 -0.12 -20.78 30.12
N MET B 53 0.75 -20.77 31.13
CA MET B 53 0.38 -21.22 32.47
C MET B 53 -0.73 -20.37 33.10
N PHE B 54 -0.60 -19.04 33.03
CA PHE B 54 -1.56 -18.14 33.65
C PHE B 54 -2.93 -18.26 32.96
N ARG B 55 -2.92 -18.37 31.65
CA ARG B 55 -4.17 -18.54 30.91
C ARG B 55 -4.77 -19.90 31.17
N PHE B 56 -3.91 -20.91 31.36
CA PHE B 56 -4.42 -22.23 31.67
C PHE B 56 -5.12 -22.24 33.02
N VAL B 57 -4.50 -21.64 34.02
CA VAL B 57 -5.10 -21.56 35.34
C VAL B 57 -6.47 -20.89 35.22
N ASP B 58 -6.54 -19.80 34.48
CA ASP B 58 -7.79 -19.07 34.26
C ASP B 58 -8.91 -19.97 33.71
N VAL B 59 -8.62 -20.73 32.65
CA VAL B 59 -9.64 -21.57 32.01
C VAL B 59 -9.94 -22.87 32.80
N PHE B 60 -8.96 -23.31 33.59
CA PHE B 60 -9.04 -24.61 34.28
C PHE B 60 -10.37 -24.96 34.98
N PRO B 61 -10.92 -24.06 35.81
CA PRO B 61 -12.12 -24.50 36.54
C PRO B 61 -13.32 -24.73 35.65
N SER B 62 -13.22 -24.39 34.36
CA SER B 62 -14.30 -24.68 33.43
C SER B 62 -14.02 -25.93 32.59
N LEU B 63 -12.90 -26.61 32.84
CA LEU B 63 -12.64 -27.87 32.14
C LEU B 63 -13.28 -28.99 32.95
N THR B 64 -14.61 -29.08 32.88
CA THR B 64 -15.38 -29.96 33.76
C THR B 64 -15.59 -31.38 33.25
N THR B 65 -15.21 -31.67 32.02
CA THR B 65 -15.26 -33.04 31.51
C THR B 65 -13.86 -33.50 31.10
N SER B 66 -13.66 -34.80 31.01
CA SER B 66 -12.34 -35.37 30.75
C SER B 66 -11.72 -34.97 29.39
N LYS B 67 -12.53 -34.94 28.33
CA LYS B 67 -12.04 -34.56 27.02
C LYS B 67 -11.63 -33.08 26.98
N LEU B 68 -12.50 -32.21 27.51
CA LEU B 68 -12.18 -30.78 27.64
C LEU B 68 -10.83 -30.58 28.33
N LEU B 69 -10.67 -31.23 29.47
CA LEU B 69 -9.42 -31.14 30.25
C LEU B 69 -8.23 -31.67 29.47
N THR B 70 -8.36 -32.87 28.94
CA THR B 70 -7.26 -33.52 28.24
C THR B 70 -6.82 -32.68 27.04
N GLU B 71 -7.80 -32.17 26.29
CA GLU B 71 -7.51 -31.35 25.11
C GLU B 71 -6.82 -30.03 25.46
N HIS B 72 -7.34 -29.34 26.47
CA HIS B 72 -6.76 -28.04 26.82
C HIS B 72 -5.33 -28.16 27.33
N ILE B 73 -5.05 -29.25 28.06
CA ILE B 73 -3.71 -29.49 28.56
C ILE B 73 -2.71 -29.56 27.40
N ARG B 74 -2.98 -30.42 26.42
CA ARG B 74 -2.15 -30.52 25.22
C ARG B 74 -2.08 -29.17 24.48
N GLU B 75 -3.20 -28.48 24.36
CA GLU B 75 -3.19 -27.18 23.65
C GLU B 75 -2.38 -26.11 24.37
N TYR B 76 -2.31 -26.17 25.70
CA TYR B 76 -1.57 -25.15 26.43
C TYR B 76 -0.11 -25.50 26.66
N PHE B 77 0.17 -26.78 26.89
CA PHE B 77 1.51 -27.19 27.27
C PHE B 77 2.17 -28.14 26.29
N GLY B 78 1.42 -28.63 25.30
CA GLY B 78 1.98 -29.54 24.32
C GLY B 78 1.87 -31.00 24.77
N ASN B 79 2.50 -31.91 24.04
CA ASN B 79 2.50 -33.31 24.45
C ASN B 79 3.36 -33.52 25.69
N GLU B 80 3.06 -34.55 26.47
CA GLU B 80 3.79 -34.87 27.70
C GLU B 80 5.31 -34.83 27.55
N GLN B 81 5.81 -35.39 26.45
CA GLN B 81 7.25 -35.57 26.29
C GLN B 81 8.00 -34.27 26.01
N ASP B 82 7.26 -33.17 25.77
CA ASP B 82 7.89 -31.91 25.43
C ASP B 82 7.80 -30.86 26.55
N MET B 83 6.91 -31.10 27.52
CA MET B 83 6.66 -30.12 28.58
C MET B 83 7.74 -30.19 29.67
N PRO B 84 7.89 -29.13 30.50
CA PRO B 84 8.98 -29.11 31.50
C PRO B 84 8.94 -30.26 32.50
N ALA B 85 10.11 -30.63 33.03
CA ALA B 85 10.25 -31.72 33.99
C ALA B 85 9.27 -31.67 35.16
N PHE B 86 9.10 -30.49 35.76
CA PHE B 86 8.24 -30.38 36.95
C PHE B 86 6.77 -30.67 36.64
N MET B 87 6.45 -30.68 35.36
CA MET B 87 5.09 -30.93 34.90
C MET B 87 4.83 -32.42 34.64
N SER B 88 5.89 -33.23 34.64
CA SER B 88 5.76 -34.65 34.29
C SER B 88 5.07 -35.50 35.36
N THR B 89 4.80 -36.76 35.01
CA THR B 89 4.21 -37.72 35.96
C THR B 89 5.15 -38.92 36.10
N ALA B 103 -7.04 -40.28 32.43
CA ALA B 103 -5.67 -39.78 32.19
C ALA B 103 -4.97 -39.44 33.51
N VAL B 104 -3.74 -39.91 33.65
CA VAL B 104 -2.93 -39.64 34.83
C VAL B 104 -2.50 -38.17 34.84
N LEU B 105 -2.13 -37.65 33.68
CA LEU B 105 -1.71 -36.27 33.52
C LEU B 105 -2.79 -35.32 34.02
N ASN B 106 -4.03 -35.55 33.59
CA ASN B 106 -5.19 -34.78 34.07
C ASN B 106 -5.26 -34.70 35.60
N LYS B 107 -4.94 -35.82 36.25
CA LYS B 107 -5.01 -35.96 37.70
C LYS B 107 -3.89 -35.20 38.42
N VAL B 108 -2.67 -35.32 37.91
CA VAL B 108 -1.53 -34.63 38.50
C VAL B 108 -1.67 -33.11 38.37
N LEU B 109 -2.05 -32.67 37.18
CA LEU B 109 -2.18 -31.24 36.92
C LEU B 109 -3.34 -30.64 37.71
N THR B 110 -4.53 -31.25 37.60
CA THR B 110 -5.68 -30.88 38.42
C THR B 110 -5.24 -30.66 39.87
N SER B 111 -4.48 -31.62 40.37
CA SER B 111 -4.07 -31.62 41.77
C SER B 111 -3.21 -30.40 42.09
N ASN B 112 -2.20 -30.15 41.26
CA ASN B 112 -1.34 -28.99 41.46
C ASN B 112 -2.06 -27.65 41.32
N ILE B 113 -2.98 -27.53 40.36
CA ILE B 113 -3.75 -26.30 40.19
C ILE B 113 -4.68 -26.06 41.40
N GLU B 114 -5.34 -27.12 41.88
CA GLU B 114 -6.20 -26.98 43.05
C GLU B 114 -5.41 -26.53 44.27
N GLU B 115 -4.20 -27.07 44.42
CA GLU B 115 -3.37 -26.74 45.58
C GLU B 115 -2.97 -25.27 45.53
N MET B 116 -2.74 -24.75 44.32
CA MET B 116 -2.32 -23.38 44.20
C MET B 116 -3.49 -22.42 44.41
N ALA B 117 -4.70 -22.89 44.12
CA ALA B 117 -5.90 -22.14 44.48
C ALA B 117 -6.09 -22.09 46.00
N ARG B 118 -5.84 -23.21 46.66
CA ARG B 118 -5.99 -23.28 48.12
C ARG B 118 -4.93 -22.46 48.85
N GLN B 119 -3.87 -22.11 48.14
CA GLN B 119 -2.79 -21.30 48.71
C GLN B 119 -3.33 -19.94 49.17
N PHE B 120 -4.24 -19.38 48.39
CA PHE B 120 -4.69 -18.03 48.62
C PHE B 120 -6.09 -17.93 49.22
N ILE B 121 -6.66 -19.09 49.52
CA ILE B 121 -8.07 -19.17 49.90
C ILE B 121 -8.24 -20.03 51.15
N VAL B 122 -8.93 -19.48 52.15
CA VAL B 122 -9.10 -20.17 53.44
C VAL B 122 -10.21 -21.21 53.44
N GLY B 123 -10.83 -21.43 52.28
CA GLY B 123 -11.91 -22.39 52.19
C GLY B 123 -12.90 -22.12 51.08
N GLU B 124 -13.77 -23.10 50.84
CA GLU B 124 -14.76 -23.01 49.77
C GLU B 124 -16.11 -22.53 50.28
N THR B 125 -16.35 -22.74 51.56
CA THR B 125 -17.62 -22.39 52.19
C THR B 125 -17.43 -21.62 53.48
N THR B 126 -18.49 -20.92 53.88
CA THR B 126 -18.56 -20.26 55.18
C THR B 126 -18.07 -21.14 56.34
N LYS B 127 -18.63 -22.33 56.48
CA LYS B 127 -18.27 -23.18 57.62
C LYS B 127 -16.78 -23.53 57.62
N GLU B 128 -16.24 -23.82 56.44
CA GLU B 128 -14.83 -24.17 56.28
C GLU B 128 -14.01 -22.94 56.63
N ALA B 129 -14.37 -21.80 56.04
CA ALA B 129 -13.76 -20.52 56.37
C ALA B 129 -13.72 -20.21 57.88
N VAL B 130 -14.86 -20.33 58.57
CA VAL B 130 -14.88 -20.05 60.00
C VAL B 130 -13.87 -20.90 60.79
N LYS B 131 -13.87 -22.20 60.55
CA LYS B 131 -12.94 -23.12 61.23
C LYS B 131 -11.49 -22.73 60.98
N ASN B 132 -11.18 -22.38 59.74
CA ASN B 132 -9.81 -22.01 59.40
C ASN B 132 -9.38 -20.65 59.96
N LEU B 133 -10.36 -19.79 60.24
CA LEU B 133 -10.11 -18.48 60.85
C LEU B 133 -9.69 -18.62 62.31
N GLU B 134 -10.34 -19.55 63.01
CA GLU B 134 -10.02 -19.84 64.39
C GLU B 134 -8.62 -20.43 64.50
N LYS B 135 -8.26 -21.27 63.54
CA LYS B 135 -6.91 -21.83 63.51
C LYS B 135 -5.88 -20.72 63.38
N LEU B 136 -6.19 -19.71 62.56
CA LEU B 136 -5.31 -18.56 62.39
C LEU B 136 -5.20 -17.71 63.66
N ARG B 137 -6.32 -17.56 64.38
CA ARG B 137 -6.29 -16.86 65.66
C ARG B 137 -5.33 -17.55 66.61
N LYS B 138 -5.39 -18.88 66.64
CA LYS B 138 -4.49 -19.67 67.47
C LYS B 138 -3.03 -19.41 67.12
N ASP B 139 -2.73 -19.11 65.86
CA ASP B 139 -1.36 -18.80 65.45
C ASP B 139 -1.01 -17.33 65.67
N GLY B 140 -1.99 -16.55 66.13
CA GLY B 140 -1.75 -15.17 66.47
C GLY B 140 -2.22 -14.18 65.43
N PHE B 141 -2.94 -14.65 64.41
CA PHE B 141 -3.34 -13.77 63.33
C PHE B 141 -4.80 -13.36 63.43
N ALA B 142 -5.06 -12.09 63.20
CA ALA B 142 -6.44 -11.61 63.06
C ALA B 142 -6.81 -11.76 61.59
N ALA B 143 -8.07 -11.51 61.27
CA ALA B 143 -8.55 -11.69 59.90
C ALA B 143 -9.50 -10.59 59.44
N VAL B 144 -9.51 -10.34 58.13
CA VAL B 144 -10.58 -9.59 57.48
C VAL B 144 -11.09 -10.54 56.40
N VAL B 145 -12.35 -10.95 56.53
CA VAL B 145 -12.88 -12.03 55.71
C VAL B 145 -13.57 -11.47 54.47
N ASP B 146 -13.29 -12.07 53.32
CA ASP B 146 -13.90 -11.64 52.06
C ASP B 146 -14.62 -12.80 51.39
N VAL B 147 -15.76 -12.53 50.79
CA VAL B 147 -16.47 -13.55 50.05
C VAL B 147 -16.12 -13.37 48.58
N LEU B 148 -15.41 -14.35 48.00
CA LEU B 148 -14.97 -14.26 46.60
C LEU B 148 -16.07 -13.89 45.59
N GLY B 149 -15.87 -12.80 44.86
CA GLY B 149 -16.83 -12.36 43.87
C GLY B 149 -16.74 -10.87 43.55
N GLU B 150 -17.04 -10.53 42.31
CA GLU B 150 -16.92 -9.16 41.85
C GLU B 150 -17.64 -9.10 40.52
N ALA B 151 -18.02 -7.88 40.11
CA ALA B 151 -18.68 -7.67 38.82
C ALA B 151 -19.85 -8.66 38.59
N THR B 152 -20.76 -8.73 39.55
CA THR B 152 -21.93 -9.62 39.51
C THR B 152 -22.77 -9.38 38.24
N LEU B 153 -23.57 -10.37 37.84
CA LEU B 153 -24.32 -10.22 36.57
C LEU B 153 -25.81 -10.00 36.76
N SER B 154 -26.33 -10.15 37.98
CA SER B 154 -27.76 -10.00 38.20
C SER B 154 -28.12 -9.60 39.61
N GLU B 155 -29.39 -9.25 39.81
CA GLU B 155 -29.92 -8.98 41.13
C GLU B 155 -29.89 -10.25 41.95
N GLU B 156 -30.33 -11.35 41.35
CA GLU B 156 -30.31 -12.65 42.03
C GLU B 156 -28.90 -12.98 42.53
N GLU B 157 -27.87 -12.68 41.74
CA GLU B 157 -26.50 -12.99 42.19
C GLU B 157 -26.06 -11.99 43.27
N ALA B 158 -26.43 -10.73 43.14
CA ALA B 158 -26.10 -9.73 44.17
C ALA B 158 -26.75 -10.14 45.49
N GLU B 159 -27.95 -10.69 45.42
CA GLU B 159 -28.62 -11.13 46.63
C GLU B 159 -27.88 -12.33 47.28
N VAL B 160 -27.53 -13.33 46.47
CA VAL B 160 -26.73 -14.48 46.94
C VAL B 160 -25.46 -14.03 47.67
N TYR B 161 -24.77 -13.06 47.08
CA TYR B 161 -23.55 -12.50 47.65
C TYR B 161 -23.86 -11.81 48.99
N THR B 162 -24.91 -10.99 49.04
CA THR B 162 -25.31 -10.32 50.27
C THR B 162 -25.65 -11.32 51.38
N ASN B 163 -26.37 -12.36 51.00
CA ASN B 163 -26.82 -13.33 51.98
C ASN B 163 -25.68 -14.20 52.47
N THR B 164 -24.62 -14.29 51.67
CA THR B 164 -23.43 -15.04 52.08
C THR B 164 -22.70 -14.27 53.21
N TYR B 165 -22.59 -12.95 53.07
CA TYR B 165 -22.10 -12.13 54.17
C TYR B 165 -22.99 -12.22 55.42
N LEU B 166 -24.30 -12.17 55.23
CA LEU B 166 -25.24 -12.29 56.34
C LEU B 166 -25.10 -13.65 57.04
N GLU B 167 -25.09 -14.72 56.25
CA GLU B 167 -24.80 -16.05 56.78
C GLU B 167 -23.47 -16.06 57.53
N LEU B 168 -22.44 -15.44 56.94
CA LEU B 168 -21.12 -15.40 57.57
C LEU B 168 -21.16 -14.70 58.92
N LEU B 169 -21.82 -13.54 58.94
CA LEU B 169 -21.95 -12.76 60.17
C LEU B 169 -22.70 -13.51 61.28
N GLU B 170 -23.79 -14.17 60.94
CA GLU B 170 -24.52 -15.01 61.90
C GLU B 170 -23.64 -16.10 62.51
N ALA B 171 -22.76 -16.69 61.70
CA ALA B 171 -21.85 -17.71 62.20
C ALA B 171 -20.82 -17.11 63.15
N LEU B 172 -20.22 -16.00 62.73
CA LEU B 172 -19.20 -15.35 63.56
C LEU B 172 -19.81 -14.78 64.84
N LYS B 173 -21.05 -14.32 64.74
CA LYS B 173 -21.81 -13.82 65.88
C LYS B 173 -21.84 -14.84 67.02
N LYS B 174 -22.05 -16.11 66.65
CA LYS B 174 -22.14 -17.20 67.62
C LYS B 174 -20.77 -17.62 68.16
N GLU B 175 -19.72 -17.34 67.39
CA GLU B 175 -18.41 -17.84 67.72
C GLU B 175 -17.55 -16.86 68.52
N GLN B 176 -17.70 -15.56 68.24
CA GLN B 176 -16.74 -14.57 68.70
C GLN B 176 -16.63 -14.48 70.22
N GLY B 177 -17.74 -14.73 70.91
CA GLY B 177 -17.75 -14.74 72.36
C GLY B 177 -16.77 -15.74 72.94
N SER B 178 -16.61 -16.87 72.27
CA SER B 178 -15.69 -17.92 72.72
C SER B 178 -14.22 -17.58 72.43
N TRP B 179 -13.97 -16.72 71.45
CA TRP B 179 -12.60 -16.33 71.10
C TRP B 179 -11.99 -15.42 72.15
N LYS B 180 -10.79 -15.76 72.63
CA LYS B 180 -10.05 -14.85 73.49
C LYS B 180 -9.45 -13.74 72.62
N GLY B 181 -9.46 -12.51 73.11
CA GLY B 181 -8.84 -11.41 72.38
C GLY B 181 -7.36 -11.67 72.12
N LEU B 182 -6.86 -11.23 70.96
CA LEU B 182 -5.44 -11.36 70.68
C LEU B 182 -4.66 -10.41 71.61
N PRO B 183 -3.46 -10.85 72.03
CA PRO B 183 -2.63 -10.14 73.00
C PRO B 183 -2.32 -8.72 72.56
N GLY B 184 -2.31 -7.79 73.51
CA GLY B 184 -2.01 -6.39 73.21
C GLY B 184 -1.19 -5.79 74.32
N LYS B 185 -1.00 -4.48 74.28
CA LYS B 185 -0.21 -3.82 75.32
C LYS B 185 -1.14 -3.16 76.35
N GLY B 186 -2.42 -3.06 76.00
CA GLY B 186 -3.42 -2.48 76.89
C GLY B 186 -4.78 -2.42 76.23
N GLY B 187 -5.70 -1.65 76.81
CA GLY B 187 -7.05 -1.57 76.30
C GLY B 187 -7.99 -2.63 76.87
N ASP B 188 -9.05 -2.91 76.12
CA ASP B 188 -10.12 -3.83 76.51
C ASP B 188 -9.69 -5.28 76.23
N PRO B 189 -9.67 -6.12 77.28
CA PRO B 189 -9.24 -7.53 77.23
C PRO B 189 -10.15 -8.41 76.40
N GLY B 190 -11.33 -7.91 76.04
CA GLY B 190 -12.25 -8.67 75.20
C GLY B 190 -12.14 -8.29 73.73
N LEU B 191 -11.18 -7.41 73.42
CA LEU B 191 -10.99 -6.95 72.05
C LEU B 191 -9.60 -7.34 71.57
N ASP B 192 -9.44 -7.48 70.25
CA ASP B 192 -8.15 -7.88 69.69
C ASP B 192 -7.08 -6.82 69.91
N TRP B 193 -5.96 -7.25 70.49
CA TRP B 193 -4.89 -6.33 70.90
C TRP B 193 -5.40 -5.25 71.87
N GLY B 194 -6.59 -5.48 72.42
CA GLY B 194 -7.19 -4.54 73.35
C GLY B 194 -8.10 -3.48 72.74
N HIS B 195 -8.28 -3.49 71.42
CA HIS B 195 -9.03 -2.40 70.81
C HIS B 195 -9.73 -2.69 69.49
N ALA B 196 -9.40 -3.79 68.82
CA ALA B 196 -10.04 -4.03 67.53
C ALA B 196 -11.12 -5.10 67.60
N PRO B 197 -12.29 -4.80 67.01
CA PRO B 197 -13.40 -5.76 66.91
C PRO B 197 -12.87 -7.10 66.35
N LYS B 198 -13.37 -8.22 66.86
CA LYS B 198 -12.90 -9.54 66.40
C LYS B 198 -13.40 -9.90 65.01
N VAL B 199 -14.58 -9.40 64.66
CA VAL B 199 -15.19 -9.65 63.35
C VAL B 199 -14.96 -8.47 62.42
N ASN B 200 -14.20 -8.72 61.36
CA ASN B 200 -13.82 -7.70 60.38
C ASN B 200 -14.09 -8.33 59.01
N ILE B 201 -14.91 -7.68 58.19
CA ILE B 201 -15.21 -8.20 56.87
C ILE B 201 -14.94 -7.14 55.79
N ALA B 202 -14.64 -7.61 54.58
CA ALA B 202 -14.42 -6.71 53.46
C ALA B 202 -15.41 -7.08 52.37
N VAL B 203 -16.01 -6.08 51.74
CA VAL B 203 -17.02 -6.28 50.70
C VAL B 203 -16.62 -5.56 49.40
N LYS B 204 -16.82 -6.21 48.25
CA LYS B 204 -16.63 -5.54 46.95
C LYS B 204 -17.94 -4.94 46.41
N PRO B 205 -17.99 -3.60 46.28
CA PRO B 205 -19.19 -2.88 45.80
C PRO B 205 -19.73 -3.37 44.44
N THR B 206 -18.87 -3.70 43.49
CA THR B 206 -19.37 -4.19 42.19
C THR B 206 -19.98 -5.60 42.26
N ALA B 207 -19.86 -6.25 43.40
CA ALA B 207 -20.53 -7.52 43.54
C ALA B 207 -22.00 -7.32 43.98
N LEU B 208 -22.34 -6.06 44.22
CA LEU B 208 -23.63 -5.72 44.80
C LEU B 208 -24.61 -5.09 43.80
N PHE B 209 -24.13 -4.82 42.59
CA PHE B 209 -24.97 -4.23 41.53
C PHE B 209 -24.33 -4.46 40.16
N CYS B 210 -25.03 -5.22 39.32
CA CYS B 210 -24.51 -5.67 38.04
C CYS B 210 -24.38 -4.58 37.00
N LEU B 211 -25.11 -3.49 37.18
CA LEU B 211 -25.05 -2.41 36.22
C LEU B 211 -24.26 -1.22 36.72
N ALA B 212 -23.38 -1.45 37.71
CA ALA B 212 -22.58 -0.36 38.27
C ALA B 212 -21.79 0.37 37.16
N ASN B 213 -22.09 1.65 36.99
CA ASN B 213 -21.62 2.42 35.84
C ASN B 213 -21.76 3.91 36.17
N PRO B 214 -20.66 4.67 36.05
CA PRO B 214 -20.75 6.09 36.40
C PRO B 214 -21.60 6.88 35.40
N GLN B 215 -21.88 6.29 34.25
CA GLN B 215 -22.86 6.86 33.32
C GLN B 215 -24.22 6.94 34.01
N ASP B 216 -24.51 5.98 34.89
CA ASP B 216 -25.68 6.11 35.80
C ASP B 216 -25.15 6.26 37.22
N PHE B 217 -24.60 7.42 37.52
CA PHE B 217 -23.84 7.60 38.76
C PHE B 217 -24.72 7.41 40.00
N GLU B 218 -25.85 8.10 40.02
CA GLU B 218 -26.72 8.11 41.19
C GLU B 218 -27.41 6.77 41.38
N GLY B 219 -27.85 6.17 40.28
CA GLY B 219 -28.52 4.90 40.33
C GLY B 219 -27.56 3.82 40.82
N SER B 220 -26.29 3.97 40.46
CA SER B 220 -25.28 2.98 40.86
C SER B 220 -25.00 3.11 42.34
N VAL B 221 -24.80 4.34 42.80
CA VAL B 221 -24.56 4.59 44.21
C VAL B 221 -25.67 4.02 45.08
N VAL B 222 -26.92 4.35 44.74
CA VAL B 222 -28.09 3.91 45.54
C VAL B 222 -28.22 2.40 45.63
N ALA B 223 -28.09 1.73 44.49
CA ALA B 223 -28.25 0.28 44.45
C ALA B 223 -27.21 -0.38 45.34
N ILE B 224 -25.96 0.08 45.21
CA ILE B 224 -24.88 -0.46 46.00
C ILE B 224 -25.05 -0.10 47.46
N LEU B 225 -25.38 1.16 47.72
CA LEU B 225 -25.59 1.62 49.09
C LEU B 225 -26.67 0.82 49.80
N ASP B 226 -27.72 0.47 49.06
CA ASP B 226 -28.84 -0.24 49.67
C ASP B 226 -28.40 -1.60 50.20
N ARG B 227 -27.61 -2.33 49.42
CA ARG B 227 -27.14 -3.65 49.89
C ARG B 227 -26.07 -3.53 50.95
N MET B 228 -25.15 -2.59 50.74
CA MET B 228 -24.09 -2.33 51.70
C MET B 228 -24.69 -2.02 53.06
N ARG B 229 -25.79 -1.26 53.07
CA ARG B 229 -26.45 -0.87 54.32
C ARG B 229 -26.98 -2.09 55.08
N ARG B 230 -27.64 -3.01 54.37
CA ARG B 230 -28.16 -4.23 54.99
C ARG B 230 -27.02 -5.05 55.63
N ILE B 231 -25.88 -5.15 54.94
CA ILE B 231 -24.75 -5.89 55.48
C ILE B 231 -24.23 -5.18 56.73
N PHE B 232 -24.10 -3.86 56.62
CA PHE B 232 -23.54 -3.03 57.69
C PHE B 232 -24.36 -3.07 58.99
N LYS B 233 -25.70 -3.09 58.88
CA LYS B 233 -26.55 -3.19 60.06
C LYS B 233 -26.24 -4.48 60.81
N LYS B 234 -26.05 -5.57 60.07
CA LYS B 234 -25.70 -6.85 60.68
C LYS B 234 -24.31 -6.78 61.33
N VAL B 235 -23.40 -6.03 60.71
CA VAL B 235 -22.05 -5.84 61.23
C VAL B 235 -22.09 -5.08 62.55
N MET B 236 -22.83 -3.97 62.57
CA MET B 236 -22.97 -3.18 63.79
C MET B 236 -23.63 -3.99 64.91
N GLU B 237 -24.55 -4.86 64.51
CA GLU B 237 -25.27 -5.71 65.45
C GLU B 237 -24.32 -6.56 66.33
N LEU B 238 -23.17 -6.94 65.78
CA LEU B 238 -22.20 -7.69 66.57
C LEU B 238 -20.93 -6.90 66.87
N ASN B 239 -21.02 -5.58 66.69
CA ASN B 239 -19.91 -4.65 66.92
C ASN B 239 -18.68 -5.03 66.09
N GLY B 240 -18.92 -5.28 64.81
CA GLY B 240 -17.86 -5.70 63.91
C GLY B 240 -17.32 -4.55 63.09
N PHE B 241 -16.29 -4.84 62.29
CA PHE B 241 -15.72 -3.84 61.38
C PHE B 241 -16.07 -4.22 59.94
N LEU B 242 -16.50 -3.24 59.15
CA LEU B 242 -16.74 -3.43 57.72
C LEU B 242 -15.82 -2.54 56.91
N CYS B 243 -15.09 -3.16 55.98
CA CYS B 243 -14.23 -2.42 55.07
C CYS B 243 -14.80 -2.51 53.66
N ILE B 244 -14.86 -1.38 52.99
CA ILE B 244 -15.31 -1.36 51.61
C ILE B 244 -14.10 -1.41 50.70
N ASP B 245 -13.93 -2.51 49.98
CA ASP B 245 -12.80 -2.65 49.06
C ASP B 245 -12.91 -1.63 47.95
N MET B 246 -11.77 -1.29 47.36
CA MET B 246 -11.76 -0.41 46.20
C MET B 246 -11.40 -1.23 44.96
N GLU B 247 -12.09 -0.98 43.84
CA GLU B 247 -11.89 -1.79 42.65
C GLU B 247 -11.31 -0.96 41.50
N SER B 248 -11.73 -1.20 40.26
CA SER B 248 -11.16 -0.47 39.14
C SER B 248 -11.57 1.01 39.14
N TYR B 249 -10.75 1.83 38.47
CA TYR B 249 -10.91 3.27 38.49
C TYR B 249 -12.31 3.71 38.06
N ARG B 250 -12.92 2.91 37.20
CA ARG B 250 -14.26 3.17 36.67
C ARG B 250 -15.30 3.37 37.80
N HIS B 251 -15.09 2.72 38.94
CA HIS B 251 -16.09 2.79 40.00
C HIS B 251 -15.61 3.56 41.22
N LYS B 252 -14.39 4.09 41.14
CA LYS B 252 -13.75 4.72 42.30
C LYS B 252 -14.62 5.82 42.92
N GLU B 253 -15.09 6.76 42.09
CA GLU B 253 -15.91 7.86 42.61
C GLU B 253 -17.24 7.40 43.19
N ILE B 254 -17.82 6.36 42.58
CA ILE B 254 -19.06 5.76 43.05
C ILE B 254 -18.85 5.14 44.44
N ILE B 255 -17.77 4.38 44.56
CA ILE B 255 -17.46 3.70 45.80
C ILE B 255 -17.18 4.72 46.91
N LEU B 256 -16.46 5.79 46.58
CA LEU B 256 -16.21 6.85 47.56
C LEU B 256 -17.50 7.48 48.05
N GLU B 257 -18.46 7.68 47.14
CA GLU B 257 -19.72 8.31 47.51
C GLU B 257 -20.59 7.37 48.36
N VAL B 258 -20.58 6.08 48.00
CA VAL B 258 -21.23 5.04 48.80
C VAL B 258 -20.73 5.06 50.25
N PHE B 259 -19.42 5.18 50.41
CA PHE B 259 -18.82 5.22 51.74
C PHE B 259 -19.26 6.47 52.50
N ARG B 260 -19.18 7.62 51.84
CA ARG B 260 -19.56 8.89 52.46
C ARG B 260 -20.97 8.83 53.02
N ARG B 261 -21.90 8.33 52.22
CA ARG B 261 -23.31 8.29 52.62
C ARG B 261 -23.58 7.31 53.74
N LEU B 262 -22.92 6.16 53.70
CA LEU B 262 -23.12 5.14 54.72
C LEU B 262 -22.58 5.68 56.03
N LYS B 263 -21.42 6.32 55.94
CA LYS B 263 -20.76 6.85 57.13
C LYS B 263 -21.64 7.91 57.79
N LEU B 264 -22.30 8.71 56.96
CA LEU B 264 -23.16 9.78 57.49
C LEU B 264 -24.46 9.27 58.13
N GLU B 265 -25.02 8.19 57.60
CA GLU B 265 -26.18 7.55 58.25
C GLU B 265 -25.84 7.03 59.66
N TYR B 266 -24.57 6.68 59.85
CA TYR B 266 -24.10 6.09 61.10
C TYR B 266 -22.82 6.78 61.57
N ARG B 267 -22.95 8.05 61.91
CA ARG B 267 -21.79 8.87 62.24
C ARG B 267 -21.15 8.48 63.57
N ASP B 268 -21.91 7.78 64.42
CA ASP B 268 -21.43 7.30 65.70
C ASP B 268 -20.52 6.09 65.58
N TYR B 269 -20.67 5.33 64.50
CA TYR B 269 -20.03 4.02 64.41
C TYR B 269 -18.64 4.12 63.81
N PRO B 270 -17.61 3.87 64.63
CA PRO B 270 -16.21 4.06 64.23
C PRO B 270 -15.65 2.99 63.30
N HIS B 271 -16.26 1.81 63.27
CA HIS B 271 -15.68 0.69 62.52
C HIS B 271 -16.20 0.54 61.10
N LEU B 272 -15.96 1.57 60.29
CA LEU B 272 -16.28 1.54 58.87
C LEU B 272 -15.07 2.01 58.09
N GLY B 273 -14.52 1.14 57.25
CA GLY B 273 -13.32 1.47 56.53
C GLY B 273 -13.49 1.61 55.03
N ILE B 274 -12.52 2.25 54.40
CA ILE B 274 -12.51 2.43 52.96
C ILE B 274 -11.09 2.25 52.44
N VAL B 275 -10.96 1.57 51.29
CA VAL B 275 -9.66 1.42 50.65
C VAL B 275 -9.34 2.61 49.73
N LEU B 276 -8.16 3.22 49.92
CA LEU B 276 -7.64 4.20 48.96
C LEU B 276 -6.39 3.62 48.32
N GLN B 277 -6.22 3.84 47.01
CA GLN B 277 -5.13 3.22 46.26
C GLN B 277 -4.03 4.21 45.89
N ALA B 278 -2.86 4.04 46.50
CA ALA B 278 -1.73 4.94 46.29
C ALA B 278 -1.18 4.88 44.88
N TYR B 279 -1.55 3.85 44.12
CA TYR B 279 -1.10 3.84 42.74
C TYR B 279 -1.89 4.80 41.83
N LEU B 280 -2.92 5.45 42.38
CA LEU B 280 -3.71 6.40 41.59
C LEU B 280 -3.16 7.82 41.69
N LYS B 281 -3.18 8.52 40.57
CA LYS B 281 -2.78 9.91 40.60
C LYS B 281 -3.79 10.74 41.39
N ASP B 282 -5.07 10.36 41.28
CA ASP B 282 -6.09 11.04 42.08
C ASP B 282 -5.89 10.92 43.60
N ASN B 283 -5.08 9.97 44.06
CA ASN B 283 -5.10 9.65 45.51
C ASN B 283 -4.63 10.72 46.49
N ASP B 284 -3.67 11.55 46.07
CA ASP B 284 -3.26 12.65 46.94
C ASP B 284 -4.48 13.54 47.22
N LYS B 285 -5.13 13.98 46.16
CA LYS B 285 -6.33 14.82 46.33
C LYS B 285 -7.46 14.05 47.05
N ASP B 286 -7.71 12.81 46.66
CA ASP B 286 -8.79 12.01 47.24
C ASP B 286 -8.63 11.84 48.75
N LEU B 287 -7.41 11.55 49.18
CA LEU B 287 -7.13 11.39 50.60
C LEU B 287 -7.36 12.72 51.33
N ASP B 288 -6.88 13.80 50.72
CA ASP B 288 -7.00 15.13 51.31
C ASP B 288 -8.46 15.53 51.47
N ASP B 289 -9.23 15.36 50.39
CA ASP B 289 -10.68 15.64 50.41
C ASP B 289 -11.38 14.84 51.50
N LEU B 290 -11.09 13.54 51.57
CA LEU B 290 -11.76 12.66 52.53
C LEU B 290 -11.47 13.09 53.97
N LEU B 291 -10.22 13.41 54.24
CA LEU B 291 -9.82 13.88 55.56
C LEU B 291 -10.56 15.16 55.99
N ALA B 292 -10.62 16.11 55.07
CA ALA B 292 -11.27 17.39 55.33
C ALA B 292 -12.76 17.17 55.50
N TRP B 293 -13.33 16.35 54.62
CA TRP B 293 -14.75 15.97 54.70
C TRP B 293 -15.09 15.39 56.07
N ALA B 294 -14.21 14.55 56.59
CA ALA B 294 -14.43 13.95 57.91
C ALA B 294 -14.40 15.03 58.99
N LYS B 295 -13.49 15.98 58.85
CA LYS B 295 -13.39 17.07 59.81
C LYS B 295 -14.63 17.94 59.77
N GLU B 296 -15.08 18.30 58.56
CA GLU B 296 -16.26 19.15 58.40
C GLU B 296 -17.51 18.52 58.99
N HIS B 297 -17.57 17.19 58.96
CA HIS B 297 -18.73 16.46 59.47
C HIS B 297 -18.54 15.92 60.88
N LYS B 298 -17.38 16.19 61.48
CA LYS B 298 -17.06 15.75 62.84
C LYS B 298 -17.30 14.25 63.05
N VAL B 299 -16.75 13.46 62.13
CA VAL B 299 -16.82 12.00 62.20
C VAL B 299 -15.42 11.43 62.05
N GLN B 300 -15.22 10.21 62.52
CA GLN B 300 -13.95 9.53 62.30
C GLN B 300 -14.05 8.57 61.14
N ILE B 301 -12.93 8.35 60.45
CA ILE B 301 -12.87 7.37 59.37
C ILE B 301 -11.76 6.35 59.61
N SER B 302 -11.70 5.36 58.72
CA SER B 302 -10.65 4.35 58.73
C SER B 302 -10.24 4.14 57.28
N VAL B 303 -8.95 4.21 57.01
CA VAL B 303 -8.48 4.01 55.64
C VAL B 303 -7.52 2.82 55.60
N ARG B 304 -7.83 1.83 54.76
CA ARG B 304 -6.85 0.82 54.41
C ARG B 304 -6.08 1.34 53.19
N LEU B 305 -4.85 1.79 53.41
CA LEU B 305 -4.07 2.27 52.28
C LEU B 305 -3.38 1.12 51.58
N VAL B 306 -3.65 0.98 50.29
CA VAL B 306 -3.00 -0.01 49.45
C VAL B 306 -2.32 0.70 48.30
N LYS B 307 -1.48 -0.01 47.58
CA LYS B 307 -1.01 0.53 46.32
C LYS B 307 -2.08 0.32 45.24
N GLY B 308 -2.41 -0.93 44.92
CA GLY B 308 -3.50 -1.22 44.01
C GLY B 308 -3.34 -2.51 43.22
N ALA B 309 -4.47 -3.16 42.94
CA ALA B 309 -4.50 -4.52 42.42
C ALA B 309 -4.72 -4.63 40.92
N TYR B 310 -5.02 -3.52 40.25
CA TYR B 310 -5.49 -3.56 38.86
C TYR B 310 -4.59 -2.77 37.89
N TRP B 311 -3.27 -2.76 38.14
CA TRP B 311 -2.38 -1.85 37.42
C TRP B 311 -2.34 -2.05 35.90
N ASP B 312 -2.12 -3.29 35.47
CA ASP B 312 -2.06 -3.57 34.04
C ASP B 312 -3.41 -3.28 33.38
N TYR B 313 -4.48 -3.65 34.06
CA TYR B 313 -5.82 -3.41 33.54
C TYR B 313 -6.08 -1.91 33.30
N GLU B 314 -5.77 -1.08 34.29
CA GLU B 314 -6.03 0.35 34.14
C GLU B 314 -5.24 0.95 32.98
N THR B 315 -3.99 0.52 32.86
CA THR B 315 -3.11 1.03 31.82
C THR B 315 -3.63 0.68 30.43
N VAL B 316 -3.97 -0.59 30.26
CA VAL B 316 -4.55 -1.08 29.01
C VAL B 316 -5.86 -0.36 28.67
N LYS B 317 -6.78 -0.34 29.63
CA LYS B 317 -8.11 0.26 29.44
C LYS B 317 -8.07 1.74 29.08
N ALA B 318 -7.19 2.49 29.74
CA ALA B 318 -6.98 3.90 29.43
C ALA B 318 -6.42 4.09 28.01
N LYS B 319 -5.37 3.34 27.69
CA LYS B 319 -4.78 3.39 26.35
C LYS B 319 -5.79 3.04 25.25
N GLN B 320 -6.72 2.14 25.56
CA GLN B 320 -7.68 1.68 24.56
C GLN B 320 -8.79 2.70 24.30
N ASN B 321 -8.85 3.75 25.12
CA ASN B 321 -9.91 4.75 25.00
C ASN B 321 -9.34 6.14 24.89
N ASP B 322 -8.01 6.18 24.84
CA ASP B 322 -7.26 7.41 24.73
C ASP B 322 -7.60 8.33 25.91
N TRP B 323 -7.85 7.69 27.05
CA TRP B 323 -8.01 8.38 28.33
C TRP B 323 -6.65 8.62 28.97
N GLU B 324 -6.65 9.51 29.95
CA GLU B 324 -5.51 9.69 30.81
C GLU B 324 -5.37 8.40 31.63
N VAL B 325 -4.16 7.85 31.66
CA VAL B 325 -3.84 6.72 32.51
C VAL B 325 -3.98 7.15 33.97
N PRO B 326 -4.90 6.51 34.73
CA PRO B 326 -5.15 6.99 36.10
C PRO B 326 -4.07 6.58 37.10
N VAL B 327 -3.19 5.67 36.69
CA VAL B 327 -2.12 5.20 37.60
C VAL B 327 -0.74 5.76 37.27
N TRP B 328 0.09 5.94 38.30
CA TRP B 328 1.52 6.17 38.09
C TRP B 328 2.06 5.04 37.22
N THR B 329 3.10 5.33 36.44
CA THR B 329 3.63 4.36 35.47
C THR B 329 5.05 3.89 35.82
N ILE B 330 5.62 4.54 36.83
CA ILE B 330 6.88 4.10 37.41
C ILE B 330 6.59 3.52 38.81
N LYS B 331 6.94 2.24 39.00
CA LYS B 331 6.58 1.54 40.24
C LYS B 331 6.97 2.31 41.50
N ALA B 332 8.21 2.82 41.53
CA ALA B 332 8.70 3.63 42.65
C ALA B 332 7.79 4.82 43.01
N GLU B 333 7.08 5.36 42.03
CA GLU B 333 6.12 6.45 42.26
C GLU B 333 4.95 6.01 43.16
N SER B 334 4.47 4.80 42.93
CA SER B 334 3.43 4.24 43.80
C SER B 334 3.99 4.07 45.21
N ASP B 335 5.23 3.60 45.30
CA ASP B 335 5.90 3.45 46.58
C ASP B 335 6.07 4.80 47.27
N ALA B 336 6.56 5.79 46.54
CA ALA B 336 6.74 7.13 47.11
C ALA B 336 5.39 7.71 47.50
N ALA B 337 4.39 7.53 46.63
CA ALA B 337 3.03 7.95 46.95
C ALA B 337 2.53 7.29 48.24
N TYR B 338 2.75 5.98 48.38
CA TYR B 338 2.31 5.30 49.59
C TYR B 338 2.91 5.89 50.86
N GLU B 339 4.21 6.20 50.83
CA GLU B 339 4.86 6.72 52.03
C GLU B 339 4.34 8.11 52.41
N ARG B 340 4.12 8.96 51.39
CA ARG B 340 3.54 10.30 51.58
C ARG B 340 2.22 10.21 52.32
N GLN B 341 1.31 9.45 51.70
CA GLN B 341 -0.07 9.37 52.15
C GLN B 341 -0.18 8.68 53.51
N ALA B 342 0.62 7.64 53.71
CA ALA B 342 0.67 6.97 55.00
C ALA B 342 1.05 8.00 56.06
N ARG B 343 2.06 8.81 55.78
CA ARG B 343 2.49 9.80 56.75
C ARG B 343 1.36 10.77 57.08
N LYS B 344 0.60 11.15 56.05
CA LYS B 344 -0.49 12.11 56.24
C LYS B 344 -1.61 11.49 57.08
N ILE B 345 -1.88 10.21 56.87
CA ILE B 345 -2.87 9.52 57.67
C ILE B 345 -2.43 9.44 59.14
N LEU B 346 -1.18 9.03 59.37
CA LEU B 346 -0.65 8.90 60.72
C LEU B 346 -0.68 10.24 61.45
N GLU B 347 -0.34 11.31 60.73
CA GLU B 347 -0.40 12.67 61.28
C GLU B 347 -1.82 13.06 61.67
N ASN B 348 -2.79 12.43 61.01
CA ASN B 348 -4.19 12.73 61.25
C ASN B 348 -4.88 11.59 62.00
N HIS B 349 -4.09 10.89 62.83
CA HIS B 349 -4.58 9.74 63.60
C HIS B 349 -5.77 10.06 64.52
N GLN B 350 -5.96 11.35 64.82
CA GLN B 350 -7.06 11.75 65.69
C GLN B 350 -8.40 11.35 65.05
N ILE B 351 -8.49 11.46 63.73
CA ILE B 351 -9.73 11.15 63.03
C ILE B 351 -9.63 10.01 62.02
N CYS B 352 -8.42 9.57 61.71
CA CYS B 352 -8.26 8.53 60.71
C CYS B 352 -7.51 7.33 61.26
N HIS B 353 -8.23 6.24 61.46
CA HIS B 353 -7.62 4.97 61.82
C HIS B 353 -6.91 4.40 60.57
N PHE B 354 -5.78 3.71 60.76
CA PHE B 354 -4.94 3.31 59.63
C PHE B 354 -4.67 1.79 59.56
N ALA B 355 -5.03 1.19 58.42
CA ALA B 355 -4.61 -0.17 58.10
C ALA B 355 -3.53 -0.14 57.00
N CYS B 356 -2.31 -0.49 57.37
CA CYS B 356 -1.20 -0.60 56.43
C CYS B 356 -1.26 -1.92 55.67
N ALA B 357 -1.68 -1.87 54.41
CA ALA B 357 -1.84 -3.08 53.61
C ALA B 357 -0.72 -3.23 52.57
N SER B 358 0.37 -3.89 52.95
CA SER B 358 1.52 -4.05 52.05
C SER B 358 2.40 -5.22 52.47
N HIS B 359 3.03 -5.87 51.49
CA HIS B 359 4.00 -6.93 51.77
C HIS B 359 5.42 -6.44 51.57
N ASN B 360 5.57 -5.15 51.27
CA ASN B 360 6.87 -4.54 50.98
C ASN B 360 7.57 -4.14 52.28
N ILE B 361 8.75 -4.68 52.52
CA ILE B 361 9.46 -4.48 53.78
C ILE B 361 9.88 -3.03 53.97
N ARG B 362 10.25 -2.37 52.88
CA ARG B 362 10.59 -0.94 52.94
C ARG B 362 9.36 -0.14 53.38
N THR B 363 8.24 -0.43 52.74
CA THR B 363 6.99 0.28 53.03
C THR B 363 6.60 0.07 54.50
N ILE B 364 6.62 -1.19 54.93
CA ILE B 364 6.24 -1.53 56.28
C ILE B 364 7.13 -0.79 57.28
N SER B 365 8.45 -0.85 57.05
CA SER B 365 9.42 -0.18 57.90
C SER B 365 9.18 1.33 57.94
N ALA B 366 8.81 1.90 56.81
CA ALA B 366 8.56 3.33 56.74
C ALA B 366 7.40 3.66 57.67
N VAL B 367 6.29 2.95 57.51
CA VAL B 367 5.11 3.17 58.34
C VAL B 367 5.48 3.06 59.82
N MET B 368 6.18 1.98 60.17
CA MET B 368 6.56 1.73 61.55
C MET B 368 7.38 2.86 62.17
N GLU B 369 8.40 3.32 61.44
CA GLU B 369 9.24 4.38 61.97
C GLU B 369 8.52 5.72 61.96
N MET B 370 7.67 5.95 60.95
CA MET B 370 6.90 7.19 60.89
C MET B 370 5.92 7.23 62.06
N ALA B 371 5.34 6.09 62.40
CA ALA B 371 4.39 6.02 63.52
C ALA B 371 5.10 6.20 64.87
N ARG B 372 6.33 5.71 64.99
CA ARG B 372 7.11 5.91 66.21
C ARG B 372 7.52 7.37 66.38
N GLU B 373 7.96 7.99 65.29
CA GLU B 373 8.37 9.40 65.28
C GLU B 373 7.21 10.35 65.63
N LEU B 374 6.01 10.02 65.18
CA LEU B 374 4.84 10.84 65.48
C LEU B 374 4.15 10.36 66.76
N ASN B 375 4.76 9.38 67.42
CA ASN B 375 4.20 8.75 68.62
C ASN B 375 2.70 8.43 68.50
N VAL B 376 2.30 7.83 67.39
CA VAL B 376 0.91 7.45 67.16
C VAL B 376 0.53 6.30 68.09
N PRO B 377 -0.63 6.41 68.76
CA PRO B 377 -1.14 5.31 69.60
C PRO B 377 -1.39 4.07 68.76
N GLU B 378 -1.07 2.90 69.29
CA GLU B 378 -1.10 1.65 68.52
C GLU B 378 -2.49 1.21 68.11
N ASP B 379 -3.51 1.75 68.79
CA ASP B 379 -4.90 1.47 68.46
C ASP B 379 -5.36 2.27 67.25
N ARG B 380 -4.46 3.08 66.69
CA ARG B 380 -4.81 3.89 65.54
C ARG B 380 -4.13 3.37 64.28
N TYR B 381 -3.33 2.32 64.40
CA TYR B 381 -2.75 1.71 63.20
C TYR B 381 -2.47 0.22 63.35
N GLU B 382 -2.75 -0.52 62.28
CA GLU B 382 -2.52 -1.96 62.26
C GLU B 382 -1.97 -2.39 60.90
N PHE B 383 -1.43 -3.60 60.84
CA PHE B 383 -0.88 -4.11 59.58
C PHE B 383 -1.70 -5.28 59.02
N GLN B 384 -1.77 -5.34 57.69
CA GLN B 384 -2.56 -6.34 56.97
C GLN B 384 -1.75 -6.93 55.83
N VAL B 385 -1.93 -8.23 55.57
CA VAL B 385 -1.33 -8.89 54.40
C VAL B 385 -2.34 -9.86 53.80
N LEU B 386 -2.10 -10.31 52.56
CA LEU B 386 -3.01 -11.24 51.92
C LEU B 386 -2.65 -12.66 52.37
N TYR B 387 -3.68 -13.44 52.71
CA TYR B 387 -3.52 -14.83 53.11
C TYR B 387 -2.75 -15.59 52.04
N GLY B 388 -1.89 -16.51 52.49
CA GLY B 388 -1.12 -17.35 51.58
C GLY B 388 0.09 -16.70 50.90
N MET B 389 0.44 -15.49 51.32
CA MET B 389 1.49 -14.71 50.68
C MET B 389 2.54 -14.24 51.67
N ALA B 390 3.74 -13.96 51.17
CA ALA B 390 4.82 -13.34 51.94
C ALA B 390 4.92 -13.81 53.39
N GLU B 391 4.82 -15.13 53.58
CA GLU B 391 4.85 -15.72 54.92
C GLU B 391 5.90 -15.14 55.88
N PRO B 392 7.18 -15.07 55.47
CA PRO B 392 8.20 -14.53 56.40
C PRO B 392 7.95 -13.07 56.76
N VAL B 393 7.39 -12.29 55.84
CA VAL B 393 7.08 -10.89 56.15
C VAL B 393 6.01 -10.85 57.23
N ARG B 394 4.93 -11.55 56.96
CA ARG B 394 3.82 -11.70 57.90
C ARG B 394 4.28 -12.13 59.31
N LYS B 395 5.18 -13.12 59.40
CA LYS B 395 5.70 -13.51 60.72
C LYS B 395 6.57 -12.42 61.29
N GLY B 396 7.24 -11.67 60.42
CA GLY B 396 8.09 -10.57 60.86
C GLY B 396 7.29 -9.46 61.52
N ILE B 397 6.12 -9.17 60.93
CA ILE B 397 5.22 -8.14 61.48
C ILE B 397 4.67 -8.58 62.83
N LEU B 398 4.23 -9.83 62.92
CA LEU B 398 3.72 -10.37 64.17
C LEU B 398 4.72 -10.18 65.31
N LYS B 399 5.99 -10.50 65.05
CA LYS B 399 7.04 -10.38 66.08
C LYS B 399 7.32 -8.93 66.46
N VAL B 400 7.44 -8.06 65.47
CA VAL B 400 7.79 -6.66 65.70
C VAL B 400 6.63 -5.78 66.21
N ALA B 401 5.46 -5.89 65.56
CA ALA B 401 4.31 -5.03 65.88
C ALA B 401 3.25 -5.74 66.72
N GLY B 402 3.05 -7.02 66.44
CA GLY B 402 2.06 -7.80 67.16
C GLY B 402 0.69 -7.73 66.53
N ARG B 403 0.41 -6.65 65.80
CA ARG B 403 -0.91 -6.45 65.22
C ARG B 403 -0.95 -6.70 63.71
N ILE B 404 -1.23 -7.94 63.32
CA ILE B 404 -1.23 -8.34 61.92
C ILE B 404 -2.55 -9.04 61.58
N ARG B 405 -3.15 -8.63 60.46
CA ARG B 405 -4.45 -9.17 60.04
C ARG B 405 -4.35 -9.75 58.63
N LEU B 406 -4.83 -10.98 58.45
CA LEU B 406 -4.83 -11.60 57.12
C LEU B 406 -6.13 -11.34 56.36
N TYR B 407 -6.02 -10.89 55.12
CA TYR B 407 -7.17 -10.78 54.24
C TYR B 407 -7.46 -12.22 53.80
N ALA B 408 -8.60 -12.74 54.24
CA ALA B 408 -8.90 -14.15 54.04
C ALA B 408 -10.14 -14.37 53.16
N PRO B 409 -9.93 -14.64 51.87
CA PRO B 409 -11.10 -14.79 51.00
C PRO B 409 -11.59 -16.23 51.00
N TYR B 410 -12.85 -16.44 50.64
CA TYR B 410 -13.36 -17.79 50.49
C TYR B 410 -14.42 -17.90 49.41
N GLY B 411 -14.59 -19.10 48.88
CA GLY B 411 -15.48 -19.36 47.76
C GLY B 411 -14.91 -20.39 46.81
N ASN B 412 -15.46 -20.44 45.59
CA ASN B 412 -15.01 -21.38 44.58
C ASN B 412 -14.03 -20.76 43.58
N MET B 413 -13.40 -21.61 42.78
CA MET B 413 -12.37 -21.14 41.87
C MET B 413 -12.90 -20.19 40.78
N VAL B 414 -14.04 -20.51 40.18
CA VAL B 414 -14.60 -19.60 39.18
C VAL B 414 -14.82 -18.18 39.75
N PRO B 415 -15.57 -18.07 40.88
CA PRO B 415 -15.76 -16.74 41.44
C PRO B 415 -14.44 -16.11 41.87
N GLY B 416 -13.46 -16.93 42.23
CA GLY B 416 -12.20 -16.44 42.74
C GLY B 416 -11.10 -16.17 41.73
N MET B 417 -11.41 -16.39 40.44
CA MET B 417 -10.37 -16.40 39.40
C MET B 417 -9.66 -15.05 39.21
N GLY B 418 -10.45 -13.96 39.17
CA GLY B 418 -9.88 -12.62 39.11
C GLY B 418 -8.91 -12.39 40.25
N TYR B 419 -9.38 -12.60 41.48
CA TYR B 419 -8.53 -12.49 42.66
C TYR B 419 -7.25 -13.33 42.51
N LEU B 420 -7.43 -14.60 42.18
CA LEU B 420 -6.31 -15.53 42.10
C LEU B 420 -5.23 -15.10 41.07
N VAL B 421 -5.67 -14.74 39.87
CA VAL B 421 -4.76 -14.32 38.82
C VAL B 421 -4.06 -13.03 39.22
N ARG B 422 -4.76 -12.16 39.95
CA ARG B 422 -4.12 -10.97 40.49
C ARG B 422 -2.94 -11.35 41.41
N ARG B 423 -3.08 -12.45 42.16
CA ARG B 423 -2.03 -12.88 43.09
C ARG B 423 -0.81 -13.39 42.33
N LEU B 424 -1.07 -14.11 41.25
CA LEU B 424 -0.03 -14.67 40.39
C LEU B 424 0.76 -13.56 39.73
N LEU B 425 0.03 -12.59 39.18
CA LEU B 425 0.62 -11.38 38.61
C LEU B 425 1.43 -10.64 39.66
N GLU B 426 0.85 -10.54 40.85
CA GLU B 426 1.43 -9.72 41.91
C GLU B 426 2.76 -10.32 42.40
N ASN B 427 2.83 -11.65 42.47
CA ASN B 427 4.05 -12.25 42.98
C ASN B 427 5.13 -12.38 41.92
N THR B 428 4.75 -12.31 40.64
CA THR B 428 5.72 -12.63 39.59
C THR B 428 6.19 -11.46 38.75
N ALA B 429 5.57 -10.29 38.90
CA ALA B 429 5.93 -9.11 38.11
C ALA B 429 7.39 -8.71 38.30
N ASN B 430 7.99 -8.18 37.25
CA ASN B 430 9.39 -7.75 37.31
C ASN B 430 9.60 -6.73 38.42
N GLU B 431 8.59 -5.90 38.64
CA GLU B 431 8.67 -4.80 39.57
C GLU B 431 8.27 -5.22 40.98
N SER B 432 7.83 -6.47 41.12
CA SER B 432 7.40 -6.99 42.42
C SER B 432 8.51 -6.98 43.47
N PHE B 433 8.23 -6.36 44.62
CA PHE B 433 9.19 -6.33 45.72
C PHE B 433 9.52 -7.76 46.19
N LEU B 434 8.50 -8.62 46.25
CA LEU B 434 8.67 -9.99 46.72
C LEU B 434 9.57 -10.79 45.77
N ARG B 435 9.30 -10.67 44.48
CA ARG B 435 10.14 -11.31 43.49
C ARG B 435 11.59 -10.84 43.63
N GLN B 436 11.78 -9.52 43.69
CA GLN B 436 13.14 -8.99 43.81
C GLN B 436 13.84 -9.44 45.09
N SER B 437 13.07 -9.58 46.17
CA SER B 437 13.64 -10.01 47.45
C SER B 437 13.92 -11.52 47.51
N PHE B 438 13.02 -12.33 46.96
CA PHE B 438 13.04 -13.77 47.24
C PHE B 438 13.34 -14.67 46.03
N ALA B 439 13.20 -14.11 44.82
CA ALA B 439 13.59 -14.81 43.60
C ALA B 439 14.90 -14.27 43.05
N GLU B 440 14.96 -12.94 42.88
CA GLU B 440 16.03 -12.31 42.10
C GLU B 440 17.29 -12.01 42.91
N ASP B 441 17.29 -12.34 44.20
CA ASP B 441 18.45 -12.08 45.06
C ASP B 441 18.93 -10.62 45.01
N ALA B 442 18.00 -9.67 45.03
CA ALA B 442 18.37 -8.25 44.90
C ALA B 442 19.15 -7.77 46.11
N GLN B 443 20.03 -6.80 45.88
CA GLN B 443 20.74 -6.16 46.99
C GLN B 443 19.74 -5.48 47.93
N ILE B 444 19.99 -5.63 49.22
CA ILE B 444 19.08 -5.12 50.25
C ILE B 444 19.10 -3.60 50.32
N GLU B 445 20.29 -3.01 50.20
CA GLU B 445 20.46 -1.55 50.19
C GLU B 445 19.61 -0.89 49.09
N ARG B 446 19.53 -1.54 47.92
CA ARG B 446 18.71 -1.06 46.82
C ARG B 446 17.21 -1.23 47.10
N LEU B 447 16.84 -2.39 47.65
CA LEU B 447 15.43 -2.68 48.00
C LEU B 447 14.90 -1.74 49.07
N LEU B 448 15.78 -1.22 49.92
CA LEU B 448 15.36 -0.39 51.05
C LEU B 448 15.55 1.11 50.81
N GLU B 449 15.93 1.46 49.60
CA GLU B 449 16.20 2.84 49.20
C GLU B 449 14.92 3.66 49.35
N ASP B 450 15.05 4.94 49.70
CA ASP B 450 13.90 5.83 49.68
C ASP B 450 13.34 5.80 48.26
N PRO B 451 12.07 5.42 48.12
CA PRO B 451 11.48 5.37 46.77
C PRO B 451 11.45 6.75 46.11
N ALA B 452 11.49 7.82 46.90
CA ALA B 452 11.54 9.15 46.29
C ALA B 452 12.88 9.33 45.57
N VAL B 453 13.95 8.83 46.18
CA VAL B 453 15.26 8.79 45.54
C VAL B 453 15.19 7.96 44.25
N THR B 454 14.52 6.82 44.35
CA THR B 454 14.35 5.92 43.20
C THR B 454 13.60 6.60 42.05
N VAL B 455 12.53 7.32 42.39
CA VAL B 455 11.76 8.07 41.39
C VAL B 455 12.64 9.07 40.63
N GLU B 456 13.37 9.90 41.37
CA GLU B 456 14.23 10.92 40.75
C GLU B 456 15.21 10.30 39.76
N ARG B 457 15.78 9.16 40.13
CA ARG B 457 16.76 8.48 39.30
C ARG B 457 16.15 7.81 38.07
N GLU B 458 14.92 7.33 38.19
CA GLU B 458 14.29 6.65 37.06
C GLU B 458 13.65 7.60 36.06
N ARG B 459 13.37 8.82 36.50
CA ARG B 459 12.96 9.88 35.58
C ARG B 459 14.12 10.37 34.73
N GLY B 472 4.56 10.23 12.91
CA GLY B 472 4.35 11.59 12.43
C GLY B 472 4.96 11.88 11.08
N LEU B 473 4.15 12.39 10.15
CA LEU B 473 4.59 12.63 8.77
C LEU B 473 3.90 13.84 8.10
N GLY B 474 4.70 14.73 7.54
CA GLY B 474 4.17 15.91 6.88
C GLY B 474 3.82 17.01 7.87
N GLY B 475 4.59 17.10 8.94
CA GLY B 475 4.33 18.07 9.99
C GLY B 475 3.20 17.68 10.93
N LEU B 476 2.52 16.58 10.64
CA LEU B 476 1.36 16.13 11.43
C LEU B 476 1.72 15.03 12.42
N PRO B 477 1.21 15.15 13.65
CA PRO B 477 1.38 14.06 14.61
C PRO B 477 0.75 12.80 14.04
N PRO B 478 1.20 11.62 14.48
CA PRO B 478 0.53 10.39 14.02
C PRO B 478 -0.93 10.36 14.46
N PHE B 479 -1.76 9.68 13.69
CA PHE B 479 -3.17 9.49 14.04
C PHE B 479 -3.33 8.86 15.42
N ASN B 480 -4.25 9.43 16.20
CA ASN B 480 -4.76 8.81 17.42
C ASN B 480 -6.28 8.96 17.45
N ASN B 481 -6.99 7.92 17.90
CA ASN B 481 -8.43 8.04 18.06
C ASN B 481 -8.77 9.11 19.08
N GLU B 482 -9.83 9.87 18.83
CA GLU B 482 -10.27 10.93 19.74
C GLU B 482 -10.67 10.32 21.07
N ALA B 483 -10.31 10.97 22.17
CA ALA B 483 -10.67 10.50 23.52
C ALA B 483 -12.18 10.25 23.69
N MET B 484 -12.53 9.08 24.23
CA MET B 484 -13.93 8.76 24.49
C MET B 484 -14.48 9.54 25.70
N VAL B 485 -15.81 9.66 25.76
CA VAL B 485 -16.43 10.33 26.90
C VAL B 485 -16.07 9.52 28.16
N ASP B 486 -15.76 10.20 29.24
CA ASP B 486 -15.29 9.51 30.45
C ASP B 486 -16.11 9.95 31.65
N PHE B 487 -17.14 9.17 31.98
CA PHE B 487 -18.08 9.56 33.02
C PHE B 487 -17.61 9.34 34.48
N THR B 488 -16.36 8.92 34.64
CA THR B 488 -15.71 9.02 35.96
C THR B 488 -15.52 10.52 36.28
N ARG B 489 -15.47 11.34 35.22
CA ARG B 489 -15.39 12.81 35.34
C ARG B 489 -16.74 13.45 35.63
N ALA B 490 -16.80 14.29 36.64
CA ALA B 490 -18.04 14.95 37.02
C ALA B 490 -18.47 15.99 35.97
N ASP B 491 -17.49 16.67 35.36
CA ASP B 491 -17.83 17.64 34.33
C ASP B 491 -18.45 16.93 33.13
N HIS B 492 -18.00 15.71 32.83
CA HIS B 492 -18.60 14.97 31.72
C HIS B 492 -20.04 14.54 32.04
N ARG B 493 -20.24 14.05 33.26
CA ARG B 493 -21.58 13.68 33.70
C ARG B 493 -22.53 14.88 33.63
N ALA B 494 -22.04 16.03 34.08
CA ALA B 494 -22.87 17.23 34.15
C ALA B 494 -23.10 17.89 32.77
N ALA B 495 -22.21 17.57 31.83
CA ALA B 495 -22.25 18.21 30.52
C ALA B 495 -23.47 17.79 29.71
N PHE B 496 -23.84 16.52 29.76
CA PHE B 496 -24.93 16.03 28.94
C PHE B 496 -26.29 16.69 29.17
N PRO B 497 -26.79 16.69 30.43
CA PRO B 497 -28.11 17.30 30.65
C PRO B 497 -28.15 18.77 30.24
N LYS B 498 -27.06 19.49 30.49
CA LYS B 498 -26.97 20.89 30.11
C LYS B 498 -26.96 21.12 28.59
N HIS B 499 -26.24 20.29 27.85
CA HIS B 499 -26.26 20.43 26.40
C HIS B 499 -27.62 20.00 25.81
N ILE B 500 -28.22 18.96 26.38
CA ILE B 500 -29.58 18.55 25.96
C ILE B 500 -30.58 19.70 26.15
N ALA B 501 -30.55 20.36 27.31
CA ALA B 501 -31.42 21.52 27.53
C ALA B 501 -31.08 22.66 26.56
N GLN B 502 -29.79 22.84 26.26
CA GLN B 502 -29.41 23.85 25.29
C GLN B 502 -30.03 23.51 23.92
N VAL B 503 -29.93 22.23 23.53
CA VAL B 503 -30.49 21.83 22.25
C VAL B 503 -31.98 22.12 22.17
N ARG B 504 -32.69 21.81 23.26
CA ARG B 504 -34.12 22.11 23.35
C ARG B 504 -34.51 23.57 23.13
N THR B 505 -33.54 24.49 23.27
CA THR B 505 -33.82 25.90 22.95
C THR B 505 -33.69 26.16 21.45
N GLN B 506 -33.28 25.15 20.70
CA GLN B 506 -32.99 25.32 19.28
C GLN B 506 -33.98 24.56 18.39
N LEU B 507 -35.01 23.98 19.01
CA LEU B 507 -35.98 23.17 18.28
C LEU B 507 -36.93 24.02 17.44
N GLY B 508 -37.56 23.39 16.45
CA GLY B 508 -38.60 24.03 15.68
C GLY B 508 -38.11 24.79 14.46
N LYS B 509 -36.90 24.50 14.01
CA LYS B 509 -36.38 25.22 12.85
C LYS B 509 -36.68 24.50 11.54
N THR B 510 -36.63 25.24 10.46
CA THR B 510 -36.75 24.70 9.12
C THR B 510 -35.34 24.54 8.54
N TYR B 511 -35.02 23.34 8.05
CA TYR B 511 -33.71 23.09 7.49
C TYR B 511 -33.77 23.02 5.97
N PRO B 512 -33.04 23.93 5.29
CA PRO B 512 -33.07 24.02 3.83
C PRO B 512 -32.07 23.07 3.18
N LEU B 513 -32.13 22.96 1.86
CA LEU B 513 -31.06 22.28 1.12
C LEU B 513 -29.85 23.19 1.15
N PHE B 514 -28.68 22.63 0.88
CA PHE B 514 -27.47 23.41 0.77
C PHE B 514 -26.78 23.03 -0.54
N ILE B 515 -26.74 23.99 -1.46
CA ILE B 515 -26.28 23.72 -2.82
C ILE B 515 -25.44 24.87 -3.34
N ASN B 516 -24.23 24.55 -3.81
CA ASN B 516 -23.29 25.56 -4.30
C ASN B 516 -23.14 26.70 -3.32
N GLY B 517 -22.97 26.36 -2.05
CA GLY B 517 -22.72 27.34 -0.99
C GLY B 517 -23.91 28.20 -0.62
N LYS B 518 -25.09 27.79 -1.09
CA LYS B 518 -26.30 28.57 -0.86
C LYS B 518 -27.41 27.72 -0.24
N GLU B 519 -28.23 28.34 0.59
CA GLU B 519 -29.42 27.67 1.09
C GLU B 519 -30.55 27.73 0.05
N VAL B 520 -31.07 26.56 -0.31
CA VAL B 520 -32.23 26.45 -1.20
C VAL B 520 -33.39 25.84 -0.42
N ARG B 521 -34.53 26.53 -0.41
CA ARG B 521 -35.70 26.11 0.35
C ARG B 521 -36.72 25.47 -0.58
N THR B 522 -37.33 24.35 -0.17
CA THR B 522 -38.46 23.82 -0.92
C THR B 522 -39.71 23.85 -0.04
N ASN B 523 -40.87 23.67 -0.63
CA ASN B 523 -42.10 23.73 0.14
C ASN B 523 -42.66 22.37 0.52
N ASP B 524 -41.91 21.31 0.25
CA ASP B 524 -42.25 19.97 0.74
C ASP B 524 -41.42 19.72 2.00
N LEU B 525 -42.09 19.78 3.16
CA LEU B 525 -41.43 19.67 4.46
C LEU B 525 -41.79 18.37 5.18
N ILE B 526 -40.80 17.73 5.80
CA ILE B 526 -41.05 16.57 6.66
C ILE B 526 -40.50 16.83 8.05
N PRO B 527 -41.36 16.69 9.07
CA PRO B 527 -40.86 16.86 10.44
C PRO B 527 -39.96 15.70 10.88
N THR B 528 -39.01 16.01 11.75
CA THR B 528 -38.21 15.00 12.41
C THR B 528 -38.56 15.10 13.90
N VAL B 529 -38.77 13.96 14.55
CA VAL B 529 -39.23 13.95 15.94
C VAL B 529 -38.35 13.10 16.85
N ASN B 530 -38.54 13.28 18.15
CA ASN B 530 -37.89 12.49 19.18
C ASN B 530 -38.50 11.09 19.24
N PRO B 531 -37.71 10.04 18.91
CA PRO B 531 -38.32 8.69 18.90
C PRO B 531 -38.76 8.21 20.28
N ASN B 532 -38.14 8.71 21.34
CA ASN B 532 -38.58 8.40 22.71
C ASN B 532 -39.73 9.28 23.18
N LYS B 533 -40.03 10.34 22.43
CA LYS B 533 -41.16 11.22 22.74
C LYS B 533 -41.63 11.95 21.48
N PRO B 534 -42.37 11.24 20.60
CA PRO B 534 -42.74 11.71 19.26
C PRO B 534 -43.47 13.04 19.21
N SER B 535 -44.08 13.46 20.31
CA SER B 535 -44.79 14.75 20.33
C SER B 535 -43.80 15.90 20.31
N GLU B 536 -42.56 15.62 20.68
CA GLU B 536 -41.50 16.61 20.61
C GLU B 536 -40.95 16.67 19.18
N VAL B 537 -41.39 17.68 18.42
CA VAL B 537 -40.88 17.94 17.06
C VAL B 537 -39.53 18.71 17.07
N LEU B 538 -38.51 18.15 16.43
CA LEU B 538 -37.20 18.77 16.50
C LEU B 538 -37.01 19.83 15.39
N GLY B 539 -37.77 19.68 14.31
CA GLY B 539 -37.71 20.65 13.23
C GLY B 539 -38.31 20.09 11.95
N GLN B 540 -38.21 20.87 10.87
CA GLN B 540 -38.82 20.52 9.60
C GLN B 540 -37.72 20.56 8.54
N ILE B 541 -37.70 19.56 7.67
CA ILE B 541 -36.64 19.45 6.66
C ILE B 541 -37.21 19.64 5.26
N CYS B 542 -36.62 20.56 4.50
CA CYS B 542 -37.00 20.72 3.09
C CYS B 542 -36.63 19.48 2.30
N GLN B 543 -37.50 19.05 1.39
CA GLN B 543 -37.20 17.91 0.53
C GLN B 543 -36.82 18.35 -0.87
N ALA B 544 -35.73 17.79 -1.37
CA ALA B 544 -35.30 18.08 -2.73
C ALA B 544 -36.10 17.28 -3.77
N GLY B 545 -36.73 17.98 -4.71
CA GLY B 545 -37.27 17.30 -5.90
C GLY B 545 -36.13 16.90 -6.83
N THR B 546 -36.48 16.27 -7.95
CA THR B 546 -35.47 15.90 -8.94
C THR B 546 -34.80 17.16 -9.50
N THR B 547 -35.54 18.26 -9.54
CA THR B 547 -35.01 19.54 -10.01
C THR B 547 -33.82 20.01 -9.17
N GLU B 548 -33.96 20.01 -7.86
CA GLU B 548 -32.88 20.48 -7.00
C GLU B 548 -31.70 19.52 -6.98
N VAL B 549 -31.98 18.23 -7.03
CA VAL B 549 -30.91 17.23 -7.09
C VAL B 549 -30.04 17.52 -8.32
N GLY B 550 -30.68 17.73 -9.46
CA GLY B 550 -29.97 18.02 -10.70
C GLY B 550 -29.12 19.27 -10.56
N ASP B 551 -29.65 20.29 -9.88
CA ASP B 551 -28.90 21.51 -9.58
C ASP B 551 -27.67 21.19 -8.74
N ALA B 552 -27.86 20.36 -7.71
CA ALA B 552 -26.76 19.97 -6.83
C ALA B 552 -25.69 19.23 -7.62
N ILE B 553 -26.12 18.32 -8.47
CA ILE B 553 -25.20 17.55 -9.30
C ILE B 553 -24.45 18.47 -10.25
N ALA B 554 -25.16 19.40 -10.85
CA ALA B 554 -24.54 20.35 -11.77
C ALA B 554 -23.54 21.23 -11.03
N ALA B 555 -23.87 21.59 -9.79
CA ALA B 555 -22.95 22.44 -9.02
C ALA B 555 -21.69 21.66 -8.64
N ALA B 556 -21.87 20.40 -8.27
CA ALA B 556 -20.73 19.56 -7.94
C ALA B 556 -19.83 19.39 -9.15
N LYS B 557 -20.46 19.13 -10.30
CA LYS B 557 -19.71 18.92 -11.53
C LYS B 557 -18.88 20.16 -11.92
N ALA B 558 -19.43 21.35 -11.66
CA ALA B 558 -18.75 22.60 -12.02
C ALA B 558 -17.62 22.94 -11.05
N ALA B 559 -17.75 22.51 -9.79
CA ALA B 559 -16.71 22.78 -8.79
C ALA B 559 -15.58 21.77 -8.92
N PHE B 560 -15.87 20.66 -9.60
CA PHE B 560 -14.94 19.51 -9.66
C PHE B 560 -13.54 19.78 -10.25
N PRO B 561 -13.44 20.43 -11.43
CA PRO B 561 -12.11 20.66 -12.02
C PRO B 561 -11.16 21.39 -11.09
N ALA B 562 -11.61 22.49 -10.48
CA ALA B 562 -10.75 23.23 -9.55
C ALA B 562 -10.50 22.46 -8.24
N TRP B 563 -11.47 21.65 -7.83
CA TRP B 563 -11.26 20.88 -6.61
C TRP B 563 -10.26 19.76 -6.90
N ARG B 564 -10.51 19.00 -7.97
CA ARG B 564 -9.56 18.00 -8.46
C ARG B 564 -8.13 18.56 -8.56
N ASP B 565 -7.99 19.77 -9.08
CA ASP B 565 -6.67 20.40 -9.21
C ASP B 565 -6.13 21.00 -7.90
N THR B 566 -6.90 20.88 -6.82
CA THR B 566 -6.41 21.39 -5.54
C THR B 566 -5.42 20.41 -4.91
N ASP B 567 -4.31 20.97 -4.40
CA ASP B 567 -3.27 20.18 -3.74
C ASP B 567 -3.87 19.24 -2.68
N PRO B 568 -3.52 17.94 -2.75
CA PRO B 568 -4.05 16.96 -1.79
C PRO B 568 -3.82 17.36 -0.34
N ARG B 569 -2.64 17.92 -0.06
CA ARG B 569 -2.36 18.47 1.27
C ARG B 569 -3.35 19.57 1.67
N THR B 570 -3.70 20.43 0.71
CA THR B 570 -4.68 21.49 0.99
C THR B 570 -6.06 20.87 1.23
N ARG B 571 -6.41 19.87 0.41
CA ARG B 571 -7.70 19.19 0.58
C ARG B 571 -7.79 18.59 1.98
N ALA B 572 -6.69 17.96 2.41
CA ALA B 572 -6.63 17.34 3.74
C ALA B 572 -6.81 18.38 4.84
N GLU B 573 -6.25 19.57 4.63
CA GLU B 573 -6.34 20.65 5.60
C GLU B 573 -7.79 21.05 5.91
N TYR B 574 -8.67 20.97 4.91
CA TYR B 574 -10.09 21.24 5.15
C TYR B 574 -10.72 20.20 6.07
N LEU B 575 -10.37 18.92 5.89
CA LEU B 575 -10.84 17.88 6.80
C LEU B 575 -10.36 18.13 8.22
N LEU B 576 -9.11 18.56 8.37
CA LEU B 576 -8.56 18.83 9.71
C LEU B 576 -9.30 20.00 10.39
N LYS B 577 -9.65 21.01 9.60
CA LYS B 577 -10.42 22.14 10.13
C LYS B 577 -11.79 21.70 10.57
N ALA B 578 -12.45 20.91 9.73
CA ALA B 578 -13.74 20.33 10.05
C ALA B 578 -13.65 19.54 11.36
N ALA B 579 -12.59 18.75 11.51
CA ALA B 579 -12.37 17.97 12.74
C ALA B 579 -12.28 18.89 13.96
N GLN B 580 -11.43 19.91 13.85
CA GLN B 580 -11.30 20.87 14.94
C GLN B 580 -12.65 21.51 15.27
N ALA B 581 -13.40 21.89 14.25
CA ALA B 581 -14.72 22.48 14.48
C ALA B 581 -15.63 21.52 15.27
N ALA B 582 -15.65 20.25 14.88
CA ALA B 582 -16.47 19.25 15.55
C ALA B 582 -16.01 18.99 17.01
N ARG B 583 -14.69 19.02 17.21
CA ARG B 583 -14.12 18.74 18.50
C ARG B 583 -14.56 19.80 19.51
N LYS B 584 -14.67 21.05 19.03
CA LYS B 584 -15.17 22.16 19.85
C LYS B 584 -16.66 22.00 20.22
N ARG B 585 -17.41 21.22 19.46
CA ARG B 585 -18.84 21.10 19.66
C ARG B 585 -19.25 19.69 20.05
N LEU B 586 -18.30 18.92 20.60
CA LEU B 586 -18.52 17.50 20.87
C LEU B 586 -19.79 17.20 21.66
N PHE B 587 -19.96 17.84 22.80
CA PHE B 587 -21.15 17.57 23.61
C PHE B 587 -22.43 18.03 22.95
N GLU B 588 -22.41 19.21 22.32
CA GLU B 588 -23.56 19.72 21.58
C GLU B 588 -24.00 18.76 20.47
N LEU B 589 -23.04 18.38 19.61
CA LEU B 589 -23.37 17.48 18.51
C LEU B 589 -23.93 16.16 19.06
N SER B 590 -23.44 15.76 20.23
CA SER B 590 -23.88 14.52 20.85
C SER B 590 -25.31 14.63 21.37
N ALA B 591 -25.65 15.77 21.95
CA ALA B 591 -26.98 15.96 22.51
C ALA B 591 -28.05 15.88 21.41
N TRP B 592 -27.71 16.39 20.23
CA TRP B 592 -28.64 16.36 19.11
C TRP B 592 -29.03 14.94 18.78
N GLN B 593 -28.03 14.06 18.78
CA GLN B 593 -28.27 12.66 18.46
C GLN B 593 -29.12 11.96 19.54
N VAL B 594 -28.90 12.33 20.80
CA VAL B 594 -29.69 11.76 21.89
C VAL B 594 -31.18 11.98 21.64
N LEU B 595 -31.53 13.21 21.21
CA LEU B 595 -32.94 13.57 21.02
C LEU B 595 -33.51 13.16 19.65
N GLU B 596 -32.73 13.31 18.59
CA GLU B 596 -33.26 13.07 17.24
C GLU B 596 -33.37 11.59 16.90
N ILE B 597 -32.43 10.78 17.34
CA ILE B 597 -32.47 9.38 16.94
C ILE B 597 -32.37 8.43 18.15
N GLY B 598 -32.39 8.99 19.35
CA GLY B 598 -32.46 8.20 20.56
C GLY B 598 -31.19 7.44 20.90
N LYS B 599 -30.03 8.00 20.56
CA LYS B 599 -28.76 7.47 21.06
C LYS B 599 -28.64 7.70 22.56
N GLN B 600 -28.06 6.73 23.25
CA GLN B 600 -27.63 6.91 24.63
C GLN B 600 -26.40 7.83 24.67
N TRP B 601 -26.17 8.46 25.83
CA TRP B 601 -25.11 9.46 25.98
C TRP B 601 -23.78 9.04 25.38
N ASP B 602 -23.34 7.82 25.72
CA ASP B 602 -22.06 7.27 25.26
C ASP B 602 -22.13 6.94 23.78
N GLN B 603 -23.30 6.48 23.34
CA GLN B 603 -23.47 6.09 21.94
C GLN B 603 -23.44 7.34 21.08
N ALA B 604 -24.05 8.41 21.56
CA ALA B 604 -24.03 9.68 20.84
C ALA B 604 -22.59 10.19 20.73
N TYR B 605 -21.88 10.25 21.86
CA TYR B 605 -20.53 10.78 21.89
C TYR B 605 -19.60 9.96 20.99
N ALA B 606 -19.77 8.64 21.01
CA ALA B 606 -18.93 7.76 20.21
C ALA B 606 -19.15 7.95 18.72
N ASP B 607 -20.38 8.26 18.34
CA ASP B 607 -20.72 8.60 16.96
C ASP B 607 -19.95 9.85 16.50
N VAL B 608 -19.85 10.86 17.36
CA VAL B 608 -19.17 12.10 17.00
C VAL B 608 -17.65 11.93 16.97
N THR B 609 -17.11 11.23 17.97
CA THR B 609 -15.68 10.93 17.97
C THR B 609 -15.28 10.12 16.73
N GLU B 610 -16.14 9.21 16.29
CA GLU B 610 -15.83 8.42 15.10
C GLU B 610 -15.82 9.32 13.86
N ALA B 611 -16.73 10.29 13.82
CA ALA B 611 -16.73 11.25 12.73
C ALA B 611 -15.40 12.02 12.72
N ILE B 612 -14.99 12.46 13.90
CA ILE B 612 -13.72 13.16 14.04
C ILE B 612 -12.56 12.27 13.58
N ASP B 613 -12.61 11.00 13.97
CA ASP B 613 -11.58 10.04 13.60
C ASP B 613 -11.45 9.87 12.06
N PHE B 614 -12.58 9.77 11.36
CA PHE B 614 -12.55 9.68 9.89
C PHE B 614 -11.87 10.90 9.28
N LEU B 615 -12.19 12.07 9.82
CA LEU B 615 -11.62 13.32 9.34
C LEU B 615 -10.10 13.32 9.52
N GLU B 616 -9.65 12.95 10.72
CA GLU B 616 -8.22 12.91 11.02
C GLU B 616 -7.49 11.82 10.23
N TYR B 617 -8.12 10.65 10.15
CA TYR B 617 -7.47 9.52 9.49
C TYR B 617 -7.38 9.74 7.97
N TYR B 618 -8.51 10.07 7.34
CA TYR B 618 -8.55 10.24 5.88
C TYR B 618 -7.71 11.44 5.41
N ALA B 619 -7.59 12.48 6.24
CA ALA B 619 -6.68 13.56 5.94
C ALA B 619 -5.29 12.98 5.79
N ARG B 620 -4.87 12.22 6.80
CA ARG B 620 -3.53 11.67 6.80
C ARG B 620 -3.36 10.67 5.66
N GLU B 621 -4.41 9.92 5.39
CA GLU B 621 -4.33 8.95 4.30
C GLU B 621 -4.16 9.63 2.95
N MET B 622 -4.83 10.77 2.74
CA MET B 622 -4.67 11.48 1.46
C MET B 622 -3.28 12.09 1.32
N ILE B 623 -2.73 12.60 2.41
CA ILE B 623 -1.38 13.14 2.39
C ILE B 623 -0.39 12.03 2.03
N ARG B 624 -0.65 10.83 2.54
CA ARG B 624 0.20 9.68 2.21
C ARG B 624 0.08 9.31 0.74
N LEU B 625 -1.15 9.27 0.22
CA LEU B 625 -1.40 8.76 -1.13
C LEU B 625 -1.26 9.84 -2.20
N GLY B 626 -1.26 11.11 -1.79
CA GLY B 626 -1.18 12.24 -2.71
C GLY B 626 0.19 12.53 -3.28
N GLN B 627 1.23 11.89 -2.75
CA GLN B 627 2.57 12.02 -3.34
C GLN B 627 2.81 10.91 -4.37
N PRO B 628 3.05 11.30 -5.65
CA PRO B 628 3.40 10.36 -6.74
C PRO B 628 4.61 9.49 -6.43
N GLN B 629 4.45 8.17 -6.62
CA GLN B 629 5.54 7.21 -6.43
C GLN B 629 6.30 7.01 -7.75
N ARG B 630 7.62 7.20 -7.75
CA ARG B 630 8.38 6.67 -8.88
C ARG B 630 8.25 5.14 -8.89
N VAL B 631 7.93 4.57 -10.04
CA VAL B 631 7.93 3.10 -10.17
C VAL B 631 8.91 2.64 -11.25
N GLY B 632 9.49 1.47 -11.02
CA GLY B 632 10.56 0.98 -11.86
C GLY B 632 11.86 1.69 -11.53
N HIS B 633 12.98 1.18 -12.06
CA HIS B 633 14.28 1.74 -11.73
C HIS B 633 15.17 1.89 -12.96
N ALA B 634 14.59 1.66 -14.14
CA ALA B 634 15.33 1.86 -15.37
C ALA B 634 15.75 3.33 -15.51
N PRO B 635 17.00 3.55 -15.92
CA PRO B 635 17.51 4.91 -16.18
C PRO B 635 17.02 5.48 -17.52
N GLY B 636 17.18 6.79 -17.73
CA GLY B 636 16.68 7.45 -18.92
C GLY B 636 15.16 7.48 -18.97
N GLU B 637 14.52 7.08 -17.88
CA GLU B 637 13.08 6.92 -17.82
C GLU B 637 12.55 7.25 -16.43
N LEU B 638 11.44 7.97 -16.37
CA LEU B 638 10.72 8.21 -15.12
C LEU B 638 9.28 7.80 -15.25
N ASN B 639 8.85 6.85 -14.42
CA ASN B 639 7.45 6.53 -14.32
C ASN B 639 6.94 7.00 -12.96
N HIS B 640 5.91 7.83 -12.96
CA HIS B 640 5.25 8.21 -11.71
C HIS B 640 3.81 7.72 -11.66
N TYR B 641 3.51 7.02 -10.57
CA TYR B 641 2.23 6.38 -10.33
C TYR B 641 1.53 7.26 -9.29
N PHE B 642 0.29 7.64 -9.59
CA PHE B 642 -0.46 8.53 -8.71
C PHE B 642 -1.97 8.38 -8.91
N TYR B 643 -2.76 9.07 -8.09
CA TYR B 643 -4.20 8.83 -8.09
C TYR B 643 -4.98 10.11 -8.38
N GLU B 644 -6.09 9.98 -9.11
CA GLU B 644 -6.96 11.10 -9.39
C GLU B 644 -8.38 10.75 -9.01
N PRO B 645 -9.20 11.76 -8.68
CA PRO B 645 -10.62 11.55 -8.32
C PRO B 645 -11.44 11.18 -9.55
N LYS B 646 -12.71 10.85 -9.35
CA LYS B 646 -13.55 10.35 -10.44
C LYS B 646 -14.51 11.41 -10.95
N GLY B 647 -15.05 12.22 -10.04
CA GLY B 647 -16.03 13.21 -10.42
C GLY B 647 -17.02 13.53 -9.31
N VAL B 648 -18.31 13.37 -9.62
CA VAL B 648 -19.35 13.65 -8.65
C VAL B 648 -19.75 12.37 -7.91
N ALA B 649 -19.72 12.43 -6.59
CA ALA B 649 -20.07 11.27 -5.77
C ALA B 649 -21.42 11.46 -5.10
N ALA B 650 -22.33 10.49 -5.28
CA ALA B 650 -23.56 10.47 -4.50
C ALA B 650 -23.29 9.74 -3.19
N VAL B 651 -23.56 10.41 -2.07
CA VAL B 651 -23.44 9.80 -0.76
C VAL B 651 -24.82 9.63 -0.14
N ILE B 652 -25.25 8.38 -0.01
CA ILE B 652 -26.56 8.06 0.54
C ILE B 652 -26.39 7.41 1.91
N ALA B 653 -26.77 8.13 2.96
CA ALA B 653 -26.35 7.77 4.33
C ALA B 653 -27.48 7.22 5.21
N PRO B 654 -27.13 6.31 6.14
CA PRO B 654 -28.12 5.75 7.07
C PRO B 654 -28.42 6.66 8.25
N TRP B 655 -29.43 6.27 9.04
CA TRP B 655 -29.78 7.02 10.23
C TRP B 655 -29.07 6.53 11.50
N ASN B 656 -28.58 5.29 11.48
CA ASN B 656 -28.04 4.65 12.70
C ASN B 656 -26.66 5.13 13.18
N PHE B 657 -25.80 5.58 12.27
CA PHE B 657 -24.59 6.28 12.65
C PHE B 657 -24.53 7.61 11.88
N PRO B 658 -25.44 8.53 12.22
CA PRO B 658 -25.84 9.68 11.39
C PRO B 658 -24.76 10.75 11.20
N LEU B 659 -23.78 10.83 12.09
CA LEU B 659 -22.64 11.72 11.83
C LEU B 659 -21.45 10.89 11.36
N ALA B 660 -21.17 9.80 12.07
CA ALA B 660 -19.98 9.01 11.79
C ALA B 660 -19.94 8.49 10.35
N ILE B 661 -20.97 7.75 9.94
CA ILE B 661 -20.93 7.16 8.60
C ILE B 661 -21.04 8.22 7.51
N SER B 662 -21.90 9.21 7.75
CA SER B 662 -22.07 10.30 6.81
C SER B 662 -20.74 11.01 6.58
N MET B 663 -20.11 11.48 7.67
CA MET B 663 -18.84 12.18 7.59
C MET B 663 -17.79 11.29 6.97
N GLY B 664 -17.79 10.01 7.40
CA GLY B 664 -16.91 9.01 6.82
C GLY B 664 -16.98 8.95 5.30
N MET B 665 -18.14 8.59 4.76
CA MET B 665 -18.27 8.43 3.31
C MET B 665 -18.03 9.75 2.57
N ALA B 666 -18.55 10.84 3.12
CA ALA B 666 -18.47 12.12 2.43
C ALA B 666 -17.07 12.70 2.42
N SER B 667 -16.39 12.70 3.57
CA SER B 667 -15.05 13.28 3.65
C SER B 667 -14.05 12.47 2.82
N ALA B 668 -14.26 11.16 2.75
CA ALA B 668 -13.45 10.29 1.90
C ALA B 668 -13.54 10.73 0.44
N ALA B 669 -14.78 10.82 -0.05
CA ALA B 669 -15.03 11.33 -1.40
C ALA B 669 -14.44 12.73 -1.59
N ILE B 670 -14.70 13.61 -0.63
CA ILE B 670 -14.17 14.98 -0.69
C ILE B 670 -12.62 15.06 -0.69
N VAL B 671 -11.96 14.38 0.25
CA VAL B 671 -10.51 14.58 0.37
C VAL B 671 -9.77 14.01 -0.82
N THR B 672 -10.36 12.99 -1.45
CA THR B 672 -9.75 12.37 -2.62
C THR B 672 -9.97 13.23 -3.86
N GLY B 673 -10.76 14.29 -3.72
CA GLY B 673 -10.90 15.25 -4.80
C GLY B 673 -12.16 15.14 -5.62
N ASN B 674 -13.13 14.37 -5.13
CA ASN B 674 -14.46 14.35 -5.71
C ASN B 674 -15.34 15.44 -5.10
N CYS B 675 -16.47 15.74 -5.73
CA CYS B 675 -17.48 16.62 -5.14
C CYS B 675 -18.73 15.81 -4.83
N VAL B 676 -19.42 16.18 -3.74
CA VAL B 676 -20.41 15.32 -3.14
C VAL B 676 -21.84 15.87 -3.18
N VAL B 677 -22.77 15.01 -3.63
CA VAL B 677 -24.19 15.28 -3.42
C VAL B 677 -24.64 14.29 -2.37
N PHE B 678 -25.14 14.80 -1.25
CA PHE B 678 -25.30 14.01 -0.03
C PHE B 678 -26.79 13.91 0.36
N LYS B 679 -27.30 12.69 0.44
CA LYS B 679 -28.68 12.49 0.88
C LYS B 679 -28.67 11.84 2.25
N PRO B 680 -28.91 12.64 3.31
CA PRO B 680 -28.99 12.05 4.65
C PRO B 680 -30.27 11.25 4.76
N SER B 681 -30.31 10.28 5.66
CA SER B 681 -31.56 9.62 5.95
C SER B 681 -32.53 10.66 6.54
N GLY B 682 -33.79 10.61 6.11
CA GLY B 682 -34.79 11.59 6.54
C GLY B 682 -34.91 11.80 8.04
N ILE B 683 -34.94 10.71 8.82
CA ILE B 683 -35.11 10.87 10.27
C ILE B 683 -33.86 11.37 11.01
N THR B 684 -32.73 11.43 10.33
CA THR B 684 -31.57 12.07 10.93
C THR B 684 -31.07 13.26 10.12
N SER B 685 -32.01 14.03 9.56
CA SER B 685 -31.64 15.11 8.62
C SER B 685 -30.96 16.30 9.29
N ILE B 686 -31.25 16.54 10.57
CA ILE B 686 -30.54 17.57 11.31
C ILE B 686 -29.07 17.18 11.54
N ILE B 687 -28.82 15.91 11.86
CA ILE B 687 -27.44 15.46 12.03
C ILE B 687 -26.71 15.64 10.70
N GLY B 688 -27.42 15.34 9.61
CA GLY B 688 -26.91 15.60 8.29
C GLY B 688 -26.52 17.07 8.15
N TRP B 689 -27.35 17.96 8.68
CA TRP B 689 -27.09 19.40 8.58
C TRP B 689 -25.80 19.80 9.31
N HIS B 690 -25.37 18.96 10.25
CA HIS B 690 -24.12 19.23 10.94
C HIS B 690 -22.92 19.17 10.00
N LEU B 691 -22.99 18.30 9.00
CA LEU B 691 -21.95 18.26 7.97
C LEU B 691 -21.87 19.60 7.24
N VAL B 692 -23.04 20.18 6.91
CA VAL B 692 -23.07 21.53 6.31
C VAL B 692 -22.40 22.54 7.23
N GLU B 693 -22.70 22.46 8.52
CA GLU B 693 -22.13 23.39 9.48
C GLU B 693 -20.62 23.22 9.60
N LEU B 694 -20.17 21.96 9.67
CA LEU B 694 -18.77 21.68 9.86
C LEU B 694 -17.94 22.08 8.63
N PHE B 695 -18.40 21.69 7.44
CA PHE B 695 -17.71 22.08 6.20
C PHE B 695 -17.78 23.58 5.90
N ARG B 696 -18.81 24.25 6.43
CA ARG B 696 -18.90 25.71 6.29
C ARG B 696 -17.83 26.38 7.14
N GLU B 697 -17.71 25.92 8.39
CA GLU B 697 -16.75 26.48 9.31
C GLU B 697 -15.34 26.19 8.80
N ALA B 698 -15.17 25.04 8.15
CA ALA B 698 -13.90 24.69 7.51
C ALA B 698 -13.57 25.53 6.27
N GLY B 699 -14.58 26.20 5.71
CA GLY B 699 -14.36 27.03 4.53
C GLY B 699 -14.26 26.27 3.22
N LEU B 700 -14.87 25.09 3.17
CA LEU B 700 -14.88 24.28 1.95
C LEU B 700 -15.50 25.08 0.80
N PRO B 701 -14.84 25.05 -0.37
CA PRO B 701 -15.30 25.82 -1.54
C PRO B 701 -16.68 25.36 -2.01
N GLU B 702 -17.46 26.29 -2.55
CA GLU B 702 -18.84 26.03 -2.95
C GLU B 702 -18.96 24.94 -4.03
N GLY B 703 -19.91 24.04 -3.84
CA GLY B 703 -20.14 22.98 -4.79
C GLY B 703 -19.41 21.69 -4.47
N VAL B 704 -18.39 21.77 -3.61
CA VAL B 704 -17.68 20.55 -3.24
C VAL B 704 -18.57 19.66 -2.38
N PHE B 705 -19.40 20.28 -1.56
CA PHE B 705 -20.34 19.54 -0.70
C PHE B 705 -21.74 20.08 -0.84
N ASN B 706 -22.67 19.22 -1.21
CA ASN B 706 -24.07 19.63 -1.30
C ASN B 706 -24.97 18.69 -0.51
N PHE B 707 -25.91 19.30 0.19
CA PHE B 707 -26.79 18.64 1.13
C PHE B 707 -28.18 18.64 0.51
N THR B 708 -28.65 17.45 0.11
CA THR B 708 -29.96 17.28 -0.51
C THR B 708 -30.77 16.12 0.08
N PRO B 709 -31.27 16.27 1.32
CA PRO B 709 -32.31 15.36 1.82
C PRO B 709 -33.46 15.36 0.83
N GLY B 710 -34.08 14.20 0.62
CA GLY B 710 -35.17 14.10 -0.32
C GLY B 710 -35.92 12.80 -0.11
N ARG B 711 -37.06 12.66 -0.78
CA ARG B 711 -37.86 11.45 -0.71
C ARG B 711 -37.30 10.44 -1.69
N GLY B 712 -36.85 9.30 -1.18
CA GLY B 712 -36.29 8.25 -2.04
C GLY B 712 -37.22 7.92 -3.18
N SER B 713 -38.50 7.81 -2.86
CA SER B 713 -39.53 7.53 -3.86
C SER B 713 -39.67 8.64 -4.91
N VAL B 714 -39.08 9.82 -4.66
CA VAL B 714 -39.12 10.89 -5.66
C VAL B 714 -37.80 11.02 -6.44
N MET B 715 -36.67 11.06 -5.72
CA MET B 715 -35.39 11.40 -6.32
C MET B 715 -34.29 10.35 -6.13
N GLY B 716 -34.67 9.19 -5.58
CA GLY B 716 -33.73 8.12 -5.33
C GLY B 716 -33.06 7.55 -6.57
N ASP B 717 -33.85 6.92 -7.44
CA ASP B 717 -33.32 6.38 -8.68
C ASP B 717 -32.72 7.51 -9.50
N TYR B 718 -33.31 8.70 -9.39
CA TYR B 718 -32.85 9.81 -10.22
C TYR B 718 -31.42 10.17 -9.86
N LEU B 719 -31.10 10.16 -8.57
CA LEU B 719 -29.74 10.51 -8.15
C LEU B 719 -28.77 9.42 -8.59
N VAL B 720 -29.22 8.17 -8.49
CA VAL B 720 -28.38 7.02 -8.79
C VAL B 720 -28.17 6.85 -10.28
N ASP B 721 -29.23 7.08 -11.07
CA ASP B 721 -29.19 6.88 -12.52
C ASP B 721 -28.48 7.99 -13.27
N HIS B 722 -28.23 9.10 -12.60
CA HIS B 722 -27.79 10.31 -13.31
C HIS B 722 -26.45 10.04 -14.05
N PRO B 723 -26.38 10.49 -15.31
CA PRO B 723 -25.20 10.33 -16.16
C PRO B 723 -23.94 10.98 -15.57
N ASP B 724 -24.10 12.07 -14.84
CA ASP B 724 -22.96 12.80 -14.30
C ASP B 724 -22.43 12.28 -12.94
N ILE B 725 -23.10 11.27 -12.39
CA ILE B 725 -22.61 10.62 -11.17
C ILE B 725 -21.54 9.61 -11.54
N SER B 726 -20.39 9.68 -10.87
CA SER B 726 -19.29 8.76 -11.17
C SER B 726 -19.10 7.74 -10.06
N LEU B 727 -19.59 8.07 -8.87
CA LEU B 727 -19.41 7.17 -7.73
C LEU B 727 -20.63 7.25 -6.81
N ILE B 728 -20.98 6.12 -6.21
CA ILE B 728 -22.07 6.05 -5.26
C ILE B 728 -21.58 5.34 -3.99
N ALA B 729 -21.57 6.05 -2.87
CA ALA B 729 -21.21 5.45 -1.60
C ALA B 729 -22.49 5.25 -0.82
N PHE B 730 -22.82 4.01 -0.53
CA PHE B 730 -24.08 3.73 0.12
C PHE B 730 -23.90 2.85 1.37
N THR B 731 -24.66 3.17 2.41
CA THR B 731 -24.72 2.28 3.58
C THR B 731 -26.19 2.20 3.99
N GLY B 732 -26.69 0.98 4.12
CA GLY B 732 -28.11 0.75 4.42
C GLY B 732 -28.50 -0.70 4.19
N SER B 733 -29.75 -0.92 3.79
CA SER B 733 -30.30 -2.28 3.64
C SER B 733 -29.84 -2.98 2.36
N MET B 734 -29.83 -4.31 2.40
CA MET B 734 -29.45 -5.11 1.24
C MET B 734 -30.32 -4.82 0.02
N GLU B 735 -31.64 -4.75 0.22
CA GLU B 735 -32.59 -4.54 -0.88
C GLU B 735 -32.24 -3.27 -1.67
N THR B 736 -31.99 -2.18 -0.97
CA THR B 736 -31.69 -0.92 -1.64
C THR B 736 -30.29 -0.98 -2.22
N GLY B 737 -29.35 -1.52 -1.46
CA GLY B 737 -27.97 -1.67 -1.92
C GLY B 737 -27.85 -2.43 -3.24
N LEU B 738 -28.54 -3.57 -3.32
CA LEU B 738 -28.52 -4.38 -4.55
C LEU B 738 -29.22 -3.66 -5.70
N ARG B 739 -30.32 -2.96 -5.39
CA ARG B 739 -31.01 -2.15 -6.39
C ARG B 739 -30.07 -1.10 -6.98
N ILE B 740 -29.31 -0.43 -6.12
CA ILE B 740 -28.36 0.59 -6.55
C ILE B 740 -27.27 -0.04 -7.42
N ILE B 741 -26.73 -1.17 -6.98
CA ILE B 741 -25.68 -1.86 -7.72
C ILE B 741 -26.14 -2.18 -9.15
N GLU B 742 -27.34 -2.73 -9.27
CA GLU B 742 -27.90 -3.09 -10.57
C GLU B 742 -28.07 -1.86 -11.47
N ARG B 743 -28.75 -0.83 -10.95
CA ARG B 743 -29.04 0.38 -11.73
C ARG B 743 -27.78 1.17 -12.08
N ALA B 744 -26.81 1.20 -11.17
CA ALA B 744 -25.58 1.96 -11.42
C ALA B 744 -24.76 1.35 -12.55
N ALA B 745 -24.91 0.04 -12.76
CA ALA B 745 -24.12 -0.65 -13.78
C ALA B 745 -24.38 -0.16 -15.21
N LYS B 746 -25.59 0.30 -15.51
CA LYS B 746 -25.89 0.79 -16.86
C LYS B 746 -25.14 2.11 -17.17
N VAL B 747 -24.58 2.21 -18.37
CA VAL B 747 -23.93 3.44 -18.79
C VAL B 747 -24.86 4.24 -19.70
N HIS B 748 -25.40 5.34 -19.19
CA HIS B 748 -26.32 6.21 -19.95
C HIS B 748 -25.60 7.16 -20.90
N PRO B 749 -26.32 7.71 -21.90
CA PRO B 749 -25.67 8.70 -22.78
C PRO B 749 -25.11 9.90 -22.00
N GLY B 750 -23.90 10.34 -22.35
CA GLY B 750 -23.22 11.40 -21.61
C GLY B 750 -22.48 10.93 -20.36
N GLN B 751 -22.63 9.65 -20.01
CA GLN B 751 -22.00 9.15 -18.79
C GLN B 751 -20.50 8.93 -19.03
N ALA B 752 -19.66 9.68 -18.31
CA ALA B 752 -18.21 9.61 -18.50
C ALA B 752 -17.53 8.35 -17.95
N ASN B 753 -17.99 7.84 -16.82
CA ASN B 753 -17.32 6.70 -16.18
C ASN B 753 -18.28 5.57 -15.91
N VAL B 754 -17.72 4.36 -15.79
CA VAL B 754 -18.44 3.24 -15.22
C VAL B 754 -18.59 3.55 -13.73
N LYS B 755 -19.82 3.54 -13.23
CA LYS B 755 -20.04 3.94 -11.84
C LYS B 755 -19.34 3.03 -10.83
N LYS B 756 -18.57 3.64 -9.94
CA LYS B 756 -17.91 2.92 -8.86
C LYS B 756 -18.89 2.79 -7.70
N ILE B 757 -19.09 1.56 -7.24
CA ILE B 757 -20.00 1.28 -6.14
C ILE B 757 -19.29 1.03 -4.81
N ILE B 758 -19.61 1.83 -3.81
CA ILE B 758 -19.20 1.53 -2.44
C ILE B 758 -20.48 1.31 -1.60
N SER B 759 -20.70 0.05 -1.21
CA SER B 759 -21.94 -0.34 -0.56
C SER B 759 -21.66 -1.10 0.74
N GLU B 760 -22.41 -0.77 1.79
CA GLU B 760 -22.35 -1.50 3.05
C GLU B 760 -23.79 -1.89 3.37
N MET B 761 -24.06 -3.19 3.39
CA MET B 761 -25.43 -3.65 3.39
C MET B 761 -25.87 -4.47 4.60
N GLY B 762 -25.21 -4.28 5.73
CA GLY B 762 -25.66 -4.92 6.95
C GLY B 762 -25.22 -6.36 7.17
N GLY B 763 -25.77 -6.98 8.21
CA GLY B 763 -25.35 -8.32 8.59
C GLY B 763 -26.37 -9.08 9.42
N LYS B 764 -26.08 -10.36 9.66
CA LYS B 764 -26.87 -11.16 10.58
C LYS B 764 -25.82 -11.79 11.49
N ASN B 765 -25.34 -11.00 12.44
CA ASN B 765 -24.10 -11.31 13.12
C ASN B 765 -24.25 -12.28 14.30
N ALA B 766 -23.41 -13.31 14.32
CA ALA B 766 -23.42 -14.27 15.42
C ALA B 766 -22.24 -14.12 16.37
N ILE B 767 -22.47 -14.44 17.63
CA ILE B 767 -21.36 -14.66 18.55
C ILE B 767 -21.44 -16.09 19.06
N ILE B 768 -20.33 -16.82 18.96
CA ILE B 768 -20.24 -18.19 19.46
C ILE B 768 -19.77 -18.22 20.92
N ILE B 769 -20.53 -18.91 21.78
CA ILE B 769 -20.15 -19.08 23.17
C ILE B 769 -19.66 -20.52 23.33
N ASP B 770 -18.34 -20.69 23.34
CA ASP B 770 -17.75 -22.02 23.41
C ASP B 770 -17.89 -22.58 24.84
N ASP B 771 -17.78 -23.89 25.00
CA ASP B 771 -17.99 -24.45 26.35
C ASP B 771 -16.90 -24.14 27.38
N ASP B 772 -15.75 -23.62 26.94
CA ASP B 772 -14.75 -23.15 27.92
C ASP B 772 -14.75 -21.61 28.12
N ALA B 773 -15.72 -20.94 27.52
CA ALA B 773 -15.80 -19.48 27.57
C ALA B 773 -15.86 -18.93 29.00
N ASP B 774 -15.28 -17.75 29.21
CA ASP B 774 -15.46 -17.03 30.45
C ASP B 774 -16.82 -16.34 30.42
N LEU B 775 -17.76 -16.90 31.18
CA LEU B 775 -19.15 -16.46 31.17
C LEU B 775 -19.37 -15.10 31.83
N ASP B 776 -18.52 -14.77 32.81
CA ASP B 776 -18.54 -13.44 33.44
C ASP B 776 -18.22 -12.34 32.43
N GLU B 777 -17.47 -12.72 31.38
CA GLU B 777 -17.09 -11.76 30.35
C GLU B 777 -18.13 -11.84 29.24
N ALA B 778 -18.47 -13.07 28.86
CA ALA B 778 -19.35 -13.32 27.73
C ALA B 778 -20.72 -12.67 27.90
N VAL B 779 -21.37 -12.93 29.03
CA VAL B 779 -22.73 -12.42 29.26
C VAL B 779 -22.91 -10.92 29.01
N PRO B 780 -22.12 -10.05 29.69
CA PRO B 780 -22.42 -8.64 29.43
C PRO B 780 -21.96 -8.15 28.06
N HIS B 781 -21.01 -8.85 27.44
CA HIS B 781 -20.58 -8.48 26.09
C HIS B 781 -21.65 -8.86 25.06
N VAL B 782 -22.28 -10.02 25.28
CA VAL B 782 -23.37 -10.43 24.39
C VAL B 782 -24.56 -9.48 24.53
N LEU B 783 -24.89 -9.16 25.78
CA LEU B 783 -26.04 -8.28 26.01
C LEU B 783 -25.82 -6.95 25.31
N TYR B 784 -24.61 -6.41 25.44
CA TYR B 784 -24.32 -5.09 24.88
C TYR B 784 -24.31 -5.16 23.35
N SER B 785 -23.76 -6.25 22.81
CA SER B 785 -23.69 -6.46 21.37
C SER B 785 -25.06 -6.55 20.75
N ALA B 786 -25.99 -7.13 21.49
CA ALA B 786 -27.33 -7.36 20.96
C ALA B 786 -28.25 -6.16 21.17
N PHE B 787 -28.06 -5.45 22.28
CA PHE B 787 -29.03 -4.43 22.68
C PHE B 787 -28.51 -2.98 22.78
N GLY B 788 -27.20 -2.78 22.71
CA GLY B 788 -26.68 -1.43 22.63
C GLY B 788 -27.36 -0.70 21.47
N PHE B 789 -27.78 0.54 21.70
CA PHE B 789 -28.56 1.31 20.72
C PHE B 789 -29.75 0.52 20.17
N GLN B 790 -30.42 -0.25 21.04
CA GLN B 790 -31.64 -0.99 20.64
C GLN B 790 -31.34 -1.99 19.55
N GLY B 791 -30.08 -2.41 19.42
CA GLY B 791 -29.72 -3.39 18.41
C GLY B 791 -29.72 -2.83 17.00
N GLN B 792 -29.77 -1.50 16.88
CA GLN B 792 -29.82 -0.87 15.55
C GLN B 792 -28.42 -0.60 14.95
N LYS B 793 -27.60 -1.65 14.88
CA LYS B 793 -26.26 -1.55 14.30
C LYS B 793 -26.07 -2.68 13.30
N CYS B 794 -25.44 -2.37 12.17
CA CYS B 794 -25.14 -3.37 11.13
C CYS B 794 -24.28 -4.46 11.75
N SER B 795 -23.49 -4.06 12.74
CA SER B 795 -22.52 -4.93 13.40
C SER B 795 -23.14 -5.73 14.57
N ALA B 796 -24.39 -5.42 14.91
CA ALA B 796 -25.03 -5.93 16.12
C ALA B 796 -25.12 -7.46 16.14
N CYS B 797 -24.98 -8.04 17.33
CA CYS B 797 -25.18 -9.46 17.47
C CYS B 797 -26.68 -9.79 17.51
N SER B 798 -27.15 -10.55 16.52
CA SER B 798 -28.56 -10.91 16.47
C SER B 798 -28.72 -12.43 16.65
N ARG B 799 -27.59 -13.15 16.65
CA ARG B 799 -27.60 -14.59 16.86
C ARG B 799 -26.54 -14.91 17.89
N VAL B 800 -26.92 -15.50 19.03
CA VAL B 800 -25.89 -16.02 19.92
C VAL B 800 -25.88 -17.55 19.85
N ILE B 801 -24.74 -18.11 19.44
CA ILE B 801 -24.66 -19.55 19.21
C ILE B 801 -23.89 -20.21 20.34
N VAL B 802 -24.61 -20.99 21.15
CA VAL B 802 -24.08 -21.42 22.44
C VAL B 802 -23.92 -22.95 22.49
N LEU B 803 -22.72 -23.39 22.89
CA LEU B 803 -22.39 -24.81 22.98
C LEU B 803 -23.27 -25.52 23.99
N ASP B 804 -23.65 -26.76 23.64
CA ASP B 804 -24.56 -27.58 24.43
C ASP B 804 -24.26 -27.53 25.92
N ALA B 805 -22.99 -27.71 26.26
CA ALA B 805 -22.59 -27.96 27.65
C ALA B 805 -22.68 -26.75 28.58
N VAL B 806 -22.76 -25.55 28.02
CA VAL B 806 -22.83 -24.34 28.85
C VAL B 806 -24.14 -23.58 28.62
N TYR B 807 -24.96 -24.10 27.71
CA TYR B 807 -26.18 -23.40 27.27
C TYR B 807 -27.07 -22.96 28.42
N ASP B 808 -27.49 -23.93 29.24
CA ASP B 808 -28.46 -23.62 30.29
C ASP B 808 -27.90 -22.58 31.27
N LYS B 809 -26.61 -22.68 31.57
CA LYS B 809 -26.01 -21.75 32.52
C LYS B 809 -25.81 -20.37 31.89
N PHE B 810 -25.33 -20.35 30.65
CA PHE B 810 -25.20 -19.11 29.92
C PHE B 810 -26.54 -18.36 29.83
N ILE B 811 -27.60 -19.07 29.45
CA ILE B 811 -28.92 -18.49 29.26
C ILE B 811 -29.50 -17.92 30.56
N GLU B 812 -29.37 -18.67 31.63
CA GLU B 812 -29.82 -18.23 32.94
C GLU B 812 -29.19 -16.90 33.29
N ARG B 813 -27.86 -16.80 33.13
CA ARG B 813 -27.14 -15.57 33.46
C ARG B 813 -27.46 -14.43 32.49
N LEU B 814 -27.68 -14.74 31.21
CA LEU B 814 -28.02 -13.71 30.23
C LEU B 814 -29.42 -13.14 30.51
N VAL B 815 -30.39 -14.02 30.69
CA VAL B 815 -31.74 -13.58 31.01
C VAL B 815 -31.78 -12.79 32.33
N SER B 816 -31.05 -13.30 33.34
CA SER B 816 -30.96 -12.61 34.62
C SER B 816 -30.35 -11.20 34.53
N MET B 817 -29.28 -11.03 33.74
CA MET B 817 -28.75 -9.67 33.53
C MET B 817 -29.74 -8.80 32.75
N ALA B 818 -30.30 -9.32 31.66
CA ALA B 818 -31.29 -8.54 30.90
C ALA B 818 -32.40 -8.02 31.79
N LYS B 819 -32.92 -8.89 32.65
CA LYS B 819 -34.03 -8.53 33.54
C LYS B 819 -33.68 -7.34 34.42
N ALA B 820 -32.39 -7.14 34.66
CA ALA B 820 -31.93 -6.04 35.51
C ALA B 820 -32.01 -4.72 34.78
N THR B 821 -31.89 -4.77 33.45
CA THR B 821 -31.82 -3.56 32.65
C THR B 821 -33.20 -2.92 32.48
N LYS B 822 -33.20 -1.61 32.25
CA LYS B 822 -34.45 -0.86 32.09
C LYS B 822 -34.52 -0.24 30.69
N VAL B 823 -35.71 -0.27 30.11
CA VAL B 823 -35.97 0.29 28.79
C VAL B 823 -36.68 1.66 28.90
N GLY B 824 -36.12 2.70 28.28
CA GLY B 824 -36.71 4.03 28.35
C GLY B 824 -35.88 5.11 27.66
N PRO B 825 -36.36 6.37 27.71
CA PRO B 825 -35.75 7.49 26.98
C PRO B 825 -34.22 7.53 27.10
N SER B 826 -33.55 7.75 25.97
CA SER B 826 -32.09 7.70 25.93
C SER B 826 -31.47 8.90 26.63
N GLU B 827 -32.28 9.94 26.88
CA GLU B 827 -31.75 11.13 27.57
C GLU B 827 -31.58 10.89 29.06
N ASP B 828 -32.28 9.88 29.59
CA ASP B 828 -32.08 9.43 30.97
C ASP B 828 -31.04 8.31 30.97
N PRO B 829 -29.87 8.57 31.55
CA PRO B 829 -28.71 7.66 31.52
C PRO B 829 -28.95 6.36 32.27
N ALA B 830 -29.98 6.31 33.11
CA ALA B 830 -30.29 5.10 33.85
C ALA B 830 -30.79 3.98 32.93
N ASN B 831 -31.39 4.36 31.81
CA ASN B 831 -31.86 3.34 30.86
C ASN B 831 -30.73 2.69 30.08
N TYR B 832 -30.86 1.38 29.86
CA TYR B 832 -29.92 0.61 29.07
C TYR B 832 -30.14 0.84 27.56
N MET B 833 -31.40 0.75 27.13
CA MET B 833 -31.81 1.04 25.75
C MET B 833 -33.15 1.78 25.74
N GLY B 834 -33.49 2.37 24.61
CA GLY B 834 -34.72 3.15 24.50
C GLY B 834 -35.47 2.83 23.22
N ALA B 835 -36.31 3.75 22.77
CA ALA B 835 -37.15 3.53 21.59
C ALA B 835 -36.31 3.33 20.34
N VAL B 836 -36.89 2.65 19.34
CA VAL B 836 -36.20 2.45 18.07
C VAL B 836 -36.48 3.65 17.17
N ALA B 837 -35.97 3.61 15.95
CA ALA B 837 -35.82 4.81 15.12
C ALA B 837 -37.11 5.57 14.80
N ASP B 838 -38.17 4.86 14.42
CA ASP B 838 -39.41 5.51 14.01
C ASP B 838 -40.54 4.50 14.04
N ASP B 839 -41.74 4.96 13.69
CA ASP B 839 -42.93 4.11 13.79
C ASP B 839 -42.82 2.86 12.91
N LYS B 840 -42.37 3.06 11.67
CA LYS B 840 -42.18 1.97 10.73
C LYS B 840 -41.24 0.88 11.29
N ALA B 841 -40.12 1.30 11.87
CA ALA B 841 -39.18 0.37 12.48
C ALA B 841 -39.81 -0.37 13.64
N MET B 842 -40.61 0.34 14.43
CA MET B 842 -41.25 -0.27 15.60
C MET B 842 -42.17 -1.40 15.20
N LYS B 843 -42.96 -1.14 14.16
CA LYS B 843 -43.92 -2.12 13.67
C LYS B 843 -43.24 -3.32 13.01
N SER B 844 -42.27 -3.05 12.13
CA SER B 844 -41.50 -4.10 11.47
C SER B 844 -40.75 -5.01 12.47
N ILE B 845 -40.08 -4.41 13.44
CA ILE B 845 -39.38 -5.19 14.47
C ILE B 845 -40.38 -6.03 15.27
N LYS B 846 -41.51 -5.45 15.64
CA LYS B 846 -42.51 -6.20 16.39
C LYS B 846 -43.08 -7.36 15.59
N GLU B 847 -43.23 -7.19 14.27
CA GLU B 847 -43.68 -8.32 13.44
C GLU B 847 -42.62 -9.44 13.50
N TYR B 848 -41.34 -9.08 13.40
CA TYR B 848 -40.27 -10.07 13.50
C TYR B 848 -40.25 -10.79 14.86
N ALA B 849 -40.52 -10.04 15.93
CA ALA B 849 -40.60 -10.63 17.26
C ALA B 849 -41.70 -11.67 17.29
N GLU B 850 -42.86 -11.34 16.71
CA GLU B 850 -43.98 -12.27 16.67
C GLU B 850 -43.63 -13.48 15.80
N ILE B 851 -42.93 -13.24 14.69
CA ILE B 851 -42.45 -14.33 13.85
C ILE B 851 -41.51 -15.24 14.67
N GLY B 852 -40.52 -14.63 15.32
CA GLY B 852 -39.61 -15.37 16.19
C GLY B 852 -40.31 -16.14 17.31
N LYS B 853 -41.36 -15.55 17.88
CA LYS B 853 -42.05 -16.19 18.99
C LYS B 853 -42.77 -17.46 18.55
N ARG B 854 -43.11 -17.53 17.28
CA ARG B 854 -43.71 -18.76 16.74
C ARG B 854 -42.67 -19.75 16.20
N GLU B 855 -41.47 -19.28 15.88
CA GLU B 855 -40.41 -20.19 15.44
C GLU B 855 -39.69 -20.82 16.65
N GLY B 856 -39.44 -20.00 17.67
CA GLY B 856 -38.78 -20.46 18.88
C GLY B 856 -39.65 -20.26 20.11
N HIS B 857 -38.99 -20.05 21.25
CA HIS B 857 -39.68 -19.79 22.51
C HIS B 857 -39.05 -18.58 23.19
N VAL B 858 -39.90 -17.70 23.71
CA VAL B 858 -39.44 -16.47 24.32
C VAL B 858 -38.77 -16.76 25.67
N LEU B 859 -37.54 -16.27 25.83
CA LEU B 859 -36.81 -16.46 27.08
C LEU B 859 -36.91 -15.20 27.93
N TYR B 860 -36.88 -14.04 27.28
CA TYR B 860 -37.07 -12.75 27.96
C TYR B 860 -37.77 -11.71 27.07
N GLU B 861 -38.70 -10.97 27.66
CA GLU B 861 -39.35 -9.87 26.96
C GLU B 861 -39.61 -8.76 27.96
N SER B 862 -38.87 -7.65 27.84
CA SER B 862 -38.88 -6.61 28.85
C SER B 862 -40.20 -5.84 28.92
N PRO B 863 -40.47 -5.21 30.09
CA PRO B 863 -41.49 -4.16 30.11
C PRO B 863 -41.00 -3.00 29.24
N VAL B 864 -41.92 -2.15 28.76
CA VAL B 864 -41.57 -0.90 28.09
C VAL B 864 -42.37 0.19 28.81
N PRO B 865 -41.98 1.47 28.65
CA PRO B 865 -42.72 2.50 29.38
C PRO B 865 -44.16 2.67 28.86
N ALA B 866 -45.06 3.11 29.75
CA ALA B 866 -46.41 3.43 29.32
C ALA B 866 -46.39 4.68 28.44
N GLY B 867 -47.43 4.84 27.63
CA GLY B 867 -47.59 6.04 26.82
C GLY B 867 -46.76 6.13 25.54
N GLU B 868 -46.39 7.36 25.23
CA GLU B 868 -45.76 7.73 23.96
C GLU B 868 -44.33 7.20 23.81
N GLY B 869 -43.90 6.98 22.56
CA GLY B 869 -42.55 6.51 22.28
C GLY B 869 -42.53 5.25 21.42
N TYR B 870 -41.51 5.10 20.56
CA TYR B 870 -41.44 3.93 19.69
C TYR B 870 -40.76 2.74 20.36
N PHE B 871 -41.35 2.25 21.45
CA PHE B 871 -40.70 1.21 22.25
C PHE B 871 -40.95 -0.21 21.74
N VAL B 872 -39.86 -0.98 21.68
CA VAL B 872 -39.89 -2.41 21.40
C VAL B 872 -39.17 -3.07 22.56
N PRO B 873 -39.79 -4.09 23.18
CA PRO B 873 -39.19 -4.72 24.37
C PRO B 873 -37.83 -5.34 24.06
N MET B 874 -36.91 -5.27 25.00
CA MET B 874 -35.71 -6.09 24.91
C MET B 874 -36.19 -7.55 24.89
N THR B 875 -35.91 -8.25 23.79
CA THR B 875 -36.49 -9.57 23.52
C THR B 875 -35.40 -10.62 23.27
N ILE B 876 -35.50 -11.76 23.94
CA ILE B 876 -34.57 -12.87 23.73
C ILE B 876 -35.36 -14.16 23.41
N ILE B 877 -35.05 -14.80 22.28
CA ILE B 877 -35.81 -15.97 21.83
C ILE B 877 -34.87 -17.16 21.63
N GLY B 878 -35.19 -18.30 22.25
CA GLY B 878 -34.36 -19.50 22.18
C GLY B 878 -35.01 -20.53 21.29
N GLY B 879 -34.37 -21.68 21.11
CA GLY B 879 -34.91 -22.74 20.26
C GLY B 879 -34.73 -22.46 18.77
N ILE B 880 -33.91 -21.47 18.44
CA ILE B 880 -33.73 -21.03 17.06
C ILE B 880 -32.70 -21.87 16.27
N LYS B 881 -33.05 -22.17 15.02
CA LYS B 881 -32.22 -22.99 14.14
C LYS B 881 -31.99 -22.26 12.80
N PRO B 882 -30.89 -22.59 12.10
CA PRO B 882 -30.48 -21.89 10.85
C PRO B 882 -31.61 -21.70 9.82
N GLU B 883 -32.52 -22.66 9.72
CA GLU B 883 -33.61 -22.57 8.73
C GLU B 883 -34.75 -21.62 9.12
N HIS B 884 -34.68 -21.04 10.32
CA HIS B 884 -35.67 -20.07 10.77
C HIS B 884 -35.43 -18.66 10.20
N ARG B 885 -36.52 -17.93 9.98
CA ARG B 885 -36.41 -16.59 9.43
C ARG B 885 -35.58 -15.67 10.31
N ILE B 886 -35.83 -15.67 11.62
CA ILE B 886 -35.10 -14.73 12.48
C ILE B 886 -33.67 -15.20 12.75
N ALA B 887 -33.29 -16.28 12.07
CA ALA B 887 -31.91 -16.75 12.06
C ALA B 887 -31.25 -16.35 10.74
N GLN B 888 -32.03 -15.77 9.84
CA GLN B 888 -31.56 -15.38 8.51
C GLN B 888 -31.75 -13.91 8.19
N GLU B 889 -32.92 -13.36 8.51
CA GLU B 889 -33.26 -12.00 8.09
C GLU B 889 -32.82 -10.98 9.13
N GLU B 890 -32.28 -9.86 8.66
CA GLU B 890 -31.75 -8.83 9.55
C GLU B 890 -32.93 -8.05 10.10
N ILE B 891 -33.06 -8.00 11.42
CA ILE B 891 -34.21 -7.38 12.05
C ILE B 891 -33.93 -5.92 12.37
N PHE B 892 -32.67 -5.64 12.70
CA PHE B 892 -32.22 -4.30 13.07
C PHE B 892 -32.94 -3.74 14.30
N GLY B 893 -33.04 -4.55 15.35
CA GLY B 893 -33.75 -4.15 16.54
C GLY B 893 -33.44 -5.08 17.71
N PRO B 894 -34.05 -4.81 18.88
CA PRO B 894 -33.66 -5.51 20.09
C PRO B 894 -34.30 -6.91 20.19
N VAL B 895 -33.98 -7.76 19.22
CA VAL B 895 -34.44 -9.13 19.19
C VAL B 895 -33.25 -10.05 19.00
N LEU B 896 -32.96 -10.88 20.00
CA LEU B 896 -31.79 -11.75 19.94
C LEU B 896 -32.22 -13.21 19.78
N ALA B 897 -31.66 -13.88 18.77
CA ALA B 897 -31.91 -15.31 18.59
C ALA B 897 -30.88 -16.12 19.33
N VAL B 898 -31.34 -17.09 20.12
CA VAL B 898 -30.42 -17.98 20.82
C VAL B 898 -30.46 -19.36 20.20
N MET B 899 -29.29 -19.83 19.75
CA MET B 899 -29.17 -21.09 19.03
C MET B 899 -28.30 -22.08 19.80
N ARG B 900 -28.76 -23.32 19.93
CA ARG B 900 -28.02 -24.33 20.70
C ARG B 900 -27.28 -25.33 19.82
N ALA B 901 -25.96 -25.18 19.74
CA ALA B 901 -25.14 -25.98 18.81
C ALA B 901 -24.69 -27.27 19.48
N LYS B 902 -24.68 -28.38 18.76
CA LYS B 902 -24.35 -29.67 19.41
C LYS B 902 -22.86 -29.80 19.73
N ASP B 903 -22.01 -29.14 18.95
CA ASP B 903 -20.56 -29.21 19.14
C ASP B 903 -19.93 -28.06 18.40
N PHE B 904 -18.61 -27.91 18.50
CA PHE B 904 -17.95 -26.73 17.94
C PHE B 904 -18.08 -26.64 16.42
N ASP B 905 -18.01 -27.78 15.74
CA ASP B 905 -18.12 -27.77 14.29
C ASP B 905 -19.49 -27.26 13.85
N GLN B 906 -20.54 -27.66 14.55
CA GLN B 906 -21.87 -27.16 14.22
C GLN B 906 -21.97 -25.66 14.52
N ALA B 907 -21.32 -25.22 15.59
CA ALA B 907 -21.32 -23.78 15.91
C ALA B 907 -20.73 -22.98 14.76
N ILE B 908 -19.63 -23.49 14.21
CA ILE B 908 -18.98 -22.80 13.11
C ILE B 908 -19.86 -22.86 11.86
N GLU B 909 -20.35 -24.05 11.54
CA GLU B 909 -21.27 -24.21 10.41
C GLU B 909 -22.48 -23.24 10.49
N TRP B 910 -23.14 -23.21 11.64
CA TRP B 910 -24.27 -22.30 11.87
C TRP B 910 -23.90 -20.81 11.78
N ALA B 911 -22.74 -20.46 12.32
CA ALA B 911 -22.23 -19.08 12.22
C ALA B 911 -22.14 -18.67 10.76
N ASN B 912 -21.71 -19.62 9.92
CA ASN B 912 -21.56 -19.35 8.49
C ASN B 912 -22.82 -19.64 7.68
N SER B 913 -23.97 -19.83 8.33
CA SER B 913 -25.15 -20.27 7.57
C SER B 913 -26.08 -19.16 7.00
N THR B 914 -25.65 -17.91 7.03
CA THR B 914 -26.47 -16.83 6.47
C THR B 914 -25.82 -16.32 5.20
N GLN B 915 -26.50 -15.42 4.51
CA GLN B 915 -25.96 -14.85 3.27
C GLN B 915 -25.08 -13.63 3.54
N PHE B 916 -24.98 -13.26 4.82
CA PHE B 916 -24.20 -12.10 5.23
C PHE B 916 -22.85 -12.52 5.84
N ALA B 917 -21.91 -11.59 5.94
CA ALA B 917 -20.62 -11.88 6.57
C ALA B 917 -19.94 -10.60 7.08
N LEU B 918 -20.67 -9.85 7.90
CA LEU B 918 -20.19 -8.54 8.33
C LEU B 918 -19.30 -8.64 9.58
N THR B 919 -19.91 -8.90 10.73
CA THR B 919 -19.14 -9.09 11.95
C THR B 919 -19.42 -10.45 12.56
N GLY B 920 -18.63 -10.79 13.57
CA GLY B 920 -18.80 -12.04 14.28
C GLY B 920 -17.97 -12.00 15.55
N GLY B 921 -18.33 -12.86 16.50
CA GLY B 921 -17.59 -12.95 17.73
C GLY B 921 -17.45 -14.39 18.20
N ILE B 922 -16.44 -14.63 19.02
CA ILE B 922 -16.30 -15.91 19.68
C ILE B 922 -15.70 -15.73 21.06
N PHE B 923 -16.37 -16.27 22.07
CA PHE B 923 -15.79 -16.35 23.39
C PHE B 923 -15.33 -17.78 23.54
N SER B 924 -14.01 -17.96 23.60
CA SER B 924 -13.41 -19.28 23.79
C SER B 924 -11.99 -19.12 24.32
N ARG B 925 -11.51 -20.15 25.00
CA ARG B 925 -10.15 -20.10 25.55
C ARG B 925 -9.41 -21.35 25.12
N SER B 926 -9.82 -21.87 23.97
CA SER B 926 -9.19 -23.04 23.38
C SER B 926 -8.40 -22.57 22.17
N PRO B 927 -7.07 -22.66 22.25
CA PRO B 927 -6.21 -22.23 21.13
C PRO B 927 -6.62 -22.86 19.79
N GLU B 928 -6.99 -24.14 19.81
CA GLU B 928 -7.43 -24.78 18.57
C GLU B 928 -8.76 -24.24 18.02
N HIS B 929 -9.70 -23.96 18.91
CA HIS B 929 -11.00 -23.47 18.48
C HIS B 929 -10.89 -22.04 17.95
N LEU B 930 -10.06 -21.23 18.60
CA LEU B 930 -9.78 -19.87 18.12
C LEU B 930 -9.14 -19.90 16.75
N ALA B 931 -8.16 -20.79 16.57
CA ALA B 931 -7.49 -20.90 15.28
C ALA B 931 -8.48 -21.34 14.21
N LYS B 932 -9.36 -22.29 14.55
CA LYS B 932 -10.37 -22.73 13.59
C LYS B 932 -11.27 -21.56 13.21
N ALA B 933 -11.68 -20.79 14.21
CA ALA B 933 -12.52 -19.63 13.98
C ALA B 933 -11.83 -18.58 13.10
N ARG B 934 -10.57 -18.26 13.41
CA ARG B 934 -9.84 -17.28 12.61
C ARG B 934 -9.85 -17.67 11.13
N ARG B 935 -9.71 -18.96 10.87
CA ARG B 935 -9.66 -19.47 9.52
C ARG B 935 -11.06 -19.55 8.88
N GLU B 936 -12.01 -20.13 9.61
CA GLU B 936 -13.27 -20.56 9.00
C GLU B 936 -14.47 -19.64 9.25
N PHE B 937 -14.43 -18.91 10.36
CA PHE B 937 -15.52 -17.97 10.67
C PHE B 937 -15.26 -16.73 9.80
N ARG B 938 -15.59 -16.86 8.51
CA ARG B 938 -15.18 -15.84 7.54
C ARG B 938 -16.12 -14.65 7.48
N VAL B 939 -15.94 -13.71 8.41
CA VAL B 939 -16.69 -12.45 8.37
C VAL B 939 -15.69 -11.31 8.19
N GLY B 940 -16.22 -10.12 7.85
CA GLY B 940 -15.36 -8.96 7.66
C GLY B 940 -14.58 -8.56 8.92
N ASN B 941 -15.27 -8.60 10.06
CA ASN B 941 -14.62 -8.27 11.32
C ASN B 941 -14.96 -9.32 12.35
N LEU B 942 -13.96 -10.10 12.75
CA LEU B 942 -14.15 -11.16 13.74
C LEU B 942 -13.57 -10.72 15.07
N TYR B 943 -14.34 -10.86 16.14
CA TYR B 943 -13.85 -10.48 17.45
C TYR B 943 -13.70 -11.68 18.38
N ILE B 944 -12.52 -11.77 18.99
CA ILE B 944 -12.25 -12.83 19.94
C ILE B 944 -12.31 -12.31 21.39
N ASN B 945 -13.19 -12.92 22.19
CA ASN B 945 -13.31 -12.61 23.63
C ASN B 945 -13.66 -11.18 23.97
N ARG B 946 -14.50 -10.56 23.12
CA ARG B 946 -15.08 -9.26 23.39
C ARG B 946 -16.29 -9.09 22.50
N ASN B 947 -17.02 -8.00 22.71
CA ASN B 947 -18.20 -7.70 21.90
C ASN B 947 -17.82 -7.48 20.43
N ASN B 948 -18.79 -7.64 19.52
CA ASN B 948 -18.48 -7.52 18.11
C ASN B 948 -18.93 -6.19 17.51
N THR B 949 -19.16 -5.20 18.37
CA THR B 949 -19.55 -3.86 17.93
C THR B 949 -18.49 -2.84 18.32
N GLY B 950 -18.69 -1.59 17.94
CA GLY B 950 -17.72 -0.55 18.28
C GLY B 950 -16.34 -0.69 17.63
N ALA B 951 -16.33 -1.01 16.34
CA ALA B 951 -15.09 -0.95 15.57
C ALA B 951 -14.57 0.49 15.59
N LEU B 952 -13.27 0.65 15.80
CA LEU B 952 -12.65 1.97 15.78
C LEU B 952 -11.83 2.18 14.51
N VAL B 953 -11.77 3.43 14.05
CA VAL B 953 -10.97 3.80 12.88
C VAL B 953 -9.52 3.38 13.11
N GLU B 954 -8.88 2.86 12.05
CA GLU B 954 -7.52 2.31 12.06
C GLU B 954 -7.38 0.96 12.76
N ARG B 955 -7.81 0.91 14.01
CA ARG B 955 -7.73 -0.33 14.78
C ARG B 955 -8.62 -1.43 14.18
N GLN B 956 -9.84 -1.06 13.80
CA GLN B 956 -10.78 -2.01 13.20
C GLN B 956 -11.44 -1.51 11.90
N PRO B 957 -10.68 -1.50 10.79
CA PRO B 957 -11.28 -1.17 9.48
C PRO B 957 -12.51 -2.04 9.25
N PHE B 958 -13.65 -1.39 8.96
CA PHE B 958 -14.93 -2.04 9.03
C PHE B 958 -15.60 -2.28 7.68
N GLY B 959 -16.02 -3.53 7.44
CA GLY B 959 -16.75 -3.87 6.23
C GLY B 959 -16.51 -5.31 5.79
N GLY B 960 -17.43 -5.87 5.01
CA GLY B 960 -17.35 -7.29 4.68
C GLY B 960 -17.74 -7.56 3.25
N ALA B 961 -17.83 -8.83 2.89
CA ALA B 961 -18.24 -9.21 1.54
C ALA B 961 -19.53 -10.02 1.60
N ARG B 962 -19.67 -11.05 0.75
CA ARG B 962 -20.96 -11.76 0.63
C ARG B 962 -22.10 -10.75 0.41
N MET B 963 -23.23 -10.92 1.08
CA MET B 963 -24.30 -9.93 0.92
C MET B 963 -24.17 -8.71 1.83
N SER B 964 -23.05 -8.64 2.56
CA SER B 964 -22.83 -7.54 3.49
C SER B 964 -22.14 -6.32 2.84
N GLY B 965 -21.67 -6.47 1.62
CA GLY B 965 -20.92 -5.37 1.01
C GLY B 965 -20.09 -5.82 -0.16
N VAL B 966 -19.17 -4.95 -0.60
CA VAL B 966 -18.35 -5.26 -1.76
C VAL B 966 -16.86 -5.21 -1.45
N GLY B 967 -16.53 -5.43 -0.18
CA GLY B 967 -15.14 -5.58 0.24
C GLY B 967 -14.44 -4.25 0.49
N THR B 968 -15.21 -3.20 0.70
CA THR B 968 -14.62 -1.91 1.06
C THR B 968 -14.64 -1.77 2.57
N LYS B 969 -13.54 -1.32 3.15
CA LYS B 969 -13.43 -1.21 4.59
C LYS B 969 -13.13 0.21 5.04
N ALA B 970 -14.17 0.89 5.50
CA ALA B 970 -14.05 2.24 6.05
C ALA B 970 -13.05 2.28 7.20
N GLY B 971 -12.35 3.40 7.35
CA GLY B 971 -11.40 3.52 8.46
C GLY B 971 -10.14 2.67 8.29
N GLY B 972 -9.87 2.20 7.07
CA GLY B 972 -8.71 1.37 6.82
C GLY B 972 -7.80 1.93 5.75
N PRO B 973 -6.63 1.32 5.56
CA PRO B 973 -5.60 1.84 4.64
C PRO B 973 -5.89 1.52 3.18
N ASP B 974 -6.98 0.81 2.87
CA ASP B 974 -7.34 0.58 1.47
C ASP B 974 -8.54 1.43 1.01
N TYR B 975 -9.18 2.14 1.92
CA TYR B 975 -10.46 2.81 1.64
C TYR B 975 -10.39 3.94 0.60
N LEU B 976 -9.44 4.87 0.75
CA LEU B 976 -9.42 6.04 -0.13
C LEU B 976 -9.24 5.67 -1.60
N LEU B 977 -8.51 4.58 -1.88
CA LEU B 977 -8.25 4.18 -3.26
C LEU B 977 -9.55 3.88 -4.03
N HIS B 978 -10.60 3.51 -3.31
CA HIS B 978 -11.89 3.21 -3.94
C HIS B 978 -12.58 4.45 -4.48
N PHE B 979 -12.11 5.62 -4.07
CA PHE B 979 -12.72 6.87 -4.50
C PHE B 979 -11.87 7.51 -5.60
N MET B 980 -10.86 6.77 -6.07
CA MET B 980 -9.98 7.33 -7.09
C MET B 980 -9.64 6.32 -8.17
N ASP B 981 -8.87 6.77 -9.16
CA ASP B 981 -8.31 5.87 -10.17
C ASP B 981 -6.84 6.21 -10.36
N PRO B 982 -6.02 5.20 -10.60
CA PRO B 982 -4.57 5.42 -10.76
C PRO B 982 -4.21 5.91 -12.16
N ARG B 983 -3.13 6.70 -12.25
CA ARG B 983 -2.61 7.18 -13.52
C ARG B 983 -1.10 6.99 -13.48
N VAL B 984 -0.50 6.78 -14.65
CA VAL B 984 0.94 6.72 -14.75
C VAL B 984 1.43 7.72 -15.80
N VAL B 985 2.45 8.50 -15.44
CA VAL B 985 3.14 9.30 -16.45
C VAL B 985 4.52 8.70 -16.67
N THR B 986 4.79 8.30 -17.90
CA THR B 986 6.11 7.78 -18.25
C THR B 986 6.85 8.76 -19.13
N GLU B 987 8.04 9.17 -18.70
CA GLU B 987 8.82 10.15 -19.45
C GLU B 987 10.19 9.65 -19.88
N ASN B 988 10.41 9.63 -21.19
CA ASN B 988 11.74 9.47 -21.74
C ASN B 988 12.56 10.73 -21.47
N THR B 989 13.56 10.62 -20.59
CA THR B 989 14.35 11.77 -20.16
C THR B 989 15.61 11.98 -21.00
N MET B 990 15.87 11.07 -21.91
CA MET B 990 17.06 11.19 -22.74
C MET B 990 16.84 12.12 -23.93
N ARG B 991 17.73 13.09 -24.10
CA ARG B 991 17.71 14.01 -25.22
C ARG B 991 19.07 13.97 -25.88
N ARG B 992 19.10 13.58 -27.15
CA ARG B 992 20.36 13.56 -27.92
C ARG B 992 21.47 12.72 -27.27
N GLY B 993 21.08 11.62 -26.62
CA GLY B 993 22.05 10.70 -26.04
C GLY B 993 22.53 11.09 -24.66
N PHE B 994 21.77 11.97 -24.02
CA PHE B 994 22.11 12.51 -22.71
C PHE B 994 20.89 12.45 -21.78
N ALA B 995 21.04 11.77 -20.65
CA ALA B 995 19.96 11.72 -19.67
C ALA B 995 20.48 12.00 -18.27
N PRO B 996 19.72 12.76 -17.48
CA PRO B 996 20.06 12.99 -16.07
C PRO B 996 20.03 11.69 -15.26
N ILE B 997 21.01 11.50 -14.38
CA ILE B 997 21.02 10.35 -13.49
C ILE B 997 20.19 10.66 -12.25
N GLU B 998 19.27 9.76 -11.88
CA GLU B 998 18.47 9.94 -10.66
C GLU B 998 18.99 9.04 -9.53
N GLU B 999 18.56 9.32 -8.30
CA GLU B 999 19.06 8.60 -7.13
C GLU B 999 18.71 7.12 -7.16
N ASP B 1000 17.43 6.83 -7.39
CA ASP B 1000 16.93 5.45 -7.36
C ASP B 1000 17.23 4.68 -8.65
N ASP B 1001 18.01 5.27 -9.57
CA ASP B 1001 18.34 4.62 -10.84
C ASP B 1001 19.22 3.38 -10.66
N ASP B 1002 18.98 2.37 -11.49
CA ASP B 1002 19.92 1.28 -11.67
C ASP B 1002 20.99 1.75 -12.66
N TRP B 1003 22.25 1.76 -12.24
CA TRP B 1003 23.33 2.30 -13.07
C TRP B 1003 24.60 1.42 -13.06
N VAL B 1004 25.78 2.03 -13.04
CA VAL B 1004 27.01 1.26 -13.22
C VAL B 1004 28.07 1.58 -12.16
#